data_3HTS
# 
_entry.id   3HTS 
# 
_audit_conform.dict_name       mmcif_pdbx.dic 
_audit_conform.dict_version    5.378 
_audit_conform.dict_location   http://mmcif.pdb.org/dictionaries/ascii/mmcif_pdbx.dic 
# 
loop_
_database_2.database_id 
_database_2.database_code 
_database_2.pdbx_database_accession 
_database_2.pdbx_DOI 
PDB   3HTS         pdb_00003hts 10.2210/pdb3hts/pdb 
NDB   PD0073       ?            ?                   
RCSB  RCSB000090   ?            ?                   
WWPDB D_1000000090 ?            ?                   
# 
_pdbx_database_status.status_code                     REL 
_pdbx_database_status.entry_id                        3HTS 
_pdbx_database_status.recvd_initial_deposition_date   1998-11-16 
_pdbx_database_status.deposit_site                    BNL 
_pdbx_database_status.process_site                    RCSB 
_pdbx_database_status.status_code_sf                  REL 
_pdbx_database_status.SG_entry                        . 
_pdbx_database_status.status_code_mr                  ? 
_pdbx_database_status.pdb_format_compatible           Y 
_pdbx_database_status.status_code_cs                  ? 
_pdbx_database_status.status_code_nmr_data            ? 
_pdbx_database_status.methods_development_category    ? 
# 
loop_
_audit_author.name 
_audit_author.pdbx_ordinal 
'Littlefield, O.' 1 
'Nelson, H.C.M.'  2 
# 
loop_
_citation.id 
_citation.title 
_citation.journal_abbrev 
_citation.journal_volume 
_citation.page_first 
_citation.page_last 
_citation.year 
_citation.journal_id_ASTM 
_citation.country 
_citation.journal_id_ISSN 
_citation.journal_id_CSD 
_citation.book_publisher 
_citation.pdbx_database_id_PubMed 
_citation.pdbx_database_id_DOI 
primary 
;A new use for the 'wing' of the 'winged' helix-turn-helix motif in the HSF-DNA cocrystal.
;
Nat.Struct.Biol. 6   464 470 1999 NSBIEW US 1072-8368 2024 ? 10331875 10.1038/8269 
1       'Refinedsolution Structure and Dynamics of the DNA-Binding Domain of the Heat Shock Factor from Kluyveromyces Lactis' 
J.Mol.Biol.      254 704 ?   1995 JMOBAK UK 0022-2836 0070 ? ?        ?            
2       'Crystal Structure of the DNA Binding Domain of the Heat Shock Transcription Factor'                                  
Science          263 224 ?   1994 SCIEAS US 0036-8075 0038 ? ?        ?            
# 
loop_
_citation_author.citation_id 
_citation_author.name 
_citation_author.ordinal 
_citation_author.identifier_ORCID 
primary 'Littlefield, O.' 1  ? 
primary 'Nelson, H.C.'    2  ? 
1       'Damberger, F.F.' 3  ? 
1       'Pelton, J.G.'    4  ? 
1       'Liu, C.'         5  ? 
1       'Cho, H.'         6  ? 
1       'Harrison, C.J.'  7  ? 
1       'Nelson, H.C.M.'  8  ? 
1       'Wemmer, D.E.'    9  ? 
2       'Harrison, C.J.'  10 ? 
2       'Bohm, A.A.'      11 ? 
2       'Nelson, H.C.M.'  12 ? 
# 
_cell.entry_id           3HTS 
_cell.length_a           62.690 
_cell.length_b           54.900 
_cell.length_c           41.060 
_cell.angle_alpha        90.00 
_cell.angle_beta         122.44 
_cell.angle_gamma        90.00 
_cell.Z_PDB              4 
_cell.pdbx_unique_axis   ? 
_cell.length_a_esd       ? 
_cell.length_b_esd       ? 
_cell.length_c_esd       ? 
_cell.angle_alpha_esd    ? 
_cell.angle_beta_esd     ? 
_cell.angle_gamma_esd    ? 
# 
_symmetry.entry_id                         3HTS 
_symmetry.space_group_name_H-M             'C 1 2 1' 
_symmetry.pdbx_full_space_group_name_H-M   ? 
_symmetry.cell_setting                     monoclinic 
_symmetry.Int_Tables_number                5 
_symmetry.space_group_name_Hall            ? 
# 
loop_
_entity.id 
_entity.type 
_entity.src_method 
_entity.pdbx_description 
_entity.formula_weight 
_entity.pdbx_number_of_molecules 
_entity.pdbx_ec 
_entity.pdbx_mutation 
_entity.pdbx_fragment 
_entity.details 
1 polymer     syn "5'-D(*GP*GP*TP*TP*CP*TP*AP*GP*AP*AP*CP*C)-3'" 3662.404  1  ? ? ?                                       ? 
2 polymer     man 'HEAT SHOCK TRANSCRIPTION FACTOR'              11941.409 1  ? ? 'DNA BINDING DOMAIN (RESIDUES 193-281)' ? 
3 non-polymer syn GLYCEROL                                       92.094    1  ? ? ?                                       ? 
4 water       nat water                                          18.015    70 ? ? ?                                       ? 
# 
_entity_name_com.entity_id   1 
_entity_name_com.name        'TAIL-TO-TAIL HEAT SHOCK ELEMENT' 
# 
loop_
_entity_poly.entity_id 
_entity_poly.type 
_entity_poly.nstd_linkage 
_entity_poly.nstd_monomer 
_entity_poly.pdbx_seq_one_letter_code 
_entity_poly.pdbx_seq_one_letter_code_can 
_entity_poly.pdbx_strand_id 
_entity_poly.pdbx_target_identifier 
1 polydeoxyribonucleotide no no '(DG)(DG)(DT)(DT)(DC)(DT)(DA)(DG)(DA)(DA)(DC)(DC)' GGTTCTAGAACC A ? 
2 'polypeptide(L)'        no no 
;GSRRASVGSMARPAFVNKLWSMVNDKSNEKFIHWSTSGESIVVPNRERFVQEVLPKYFKHSNFASFVRQLNMYGWHKVQD
VKSGSMLSNNDSRWEFENERHA
;
;GSRRASVGSMARPAFVNKLWSMVNDKSNEKFIHWSTSGESIVVPNRERFVQEVLPKYFKHSNFASFVRQLNMYGWHKVQD
VKSGSMLSNNDSRWEFENERHA
;
B ? 
# 
loop_
_entity_poly_seq.entity_id 
_entity_poly_seq.num 
_entity_poly_seq.mon_id 
_entity_poly_seq.hetero 
1 1   DG  n 
1 2   DG  n 
1 3   DT  n 
1 4   DT  n 
1 5   DC  n 
1 6   DT  n 
1 7   DA  n 
1 8   DG  n 
1 9   DA  n 
1 10  DA  n 
1 11  DC  n 
1 12  DC  n 
2 1   GLY n 
2 2   SER n 
2 3   ARG n 
2 4   ARG n 
2 5   ALA n 
2 6   SER n 
2 7   VAL n 
2 8   GLY n 
2 9   SER n 
2 10  MET n 
2 11  ALA n 
2 12  ARG n 
2 13  PRO n 
2 14  ALA n 
2 15  PHE n 
2 16  VAL n 
2 17  ASN n 
2 18  LYS n 
2 19  LEU n 
2 20  TRP n 
2 21  SER n 
2 22  MET n 
2 23  VAL n 
2 24  ASN n 
2 25  ASP n 
2 26  LYS n 
2 27  SER n 
2 28  ASN n 
2 29  GLU n 
2 30  LYS n 
2 31  PHE n 
2 32  ILE n 
2 33  HIS n 
2 34  TRP n 
2 35  SER n 
2 36  THR n 
2 37  SER n 
2 38  GLY n 
2 39  GLU n 
2 40  SER n 
2 41  ILE n 
2 42  VAL n 
2 43  VAL n 
2 44  PRO n 
2 45  ASN n 
2 46  ARG n 
2 47  GLU n 
2 48  ARG n 
2 49  PHE n 
2 50  VAL n 
2 51  GLN n 
2 52  GLU n 
2 53  VAL n 
2 54  LEU n 
2 55  PRO n 
2 56  LYS n 
2 57  TYR n 
2 58  PHE n 
2 59  LYS n 
2 60  HIS n 
2 61  SER n 
2 62  ASN n 
2 63  PHE n 
2 64  ALA n 
2 65  SER n 
2 66  PHE n 
2 67  VAL n 
2 68  ARG n 
2 69  GLN n 
2 70  LEU n 
2 71  ASN n 
2 72  MET n 
2 73  TYR n 
2 74  GLY n 
2 75  TRP n 
2 76  HIS n 
2 77  LYS n 
2 78  VAL n 
2 79  GLN n 
2 80  ASP n 
2 81  VAL n 
2 82  LYS n 
2 83  SER n 
2 84  GLY n 
2 85  SER n 
2 86  MET n 
2 87  LEU n 
2 88  SER n 
2 89  ASN n 
2 90  ASN n 
2 91  ASP n 
2 92  SER n 
2 93  ARG n 
2 94  TRP n 
2 95  GLU n 
2 96  PHE n 
2 97  GLU n 
2 98  ASN n 
2 99  GLU n 
2 100 ARG n 
2 101 HIS n 
2 102 ALA n 
# 
_entity_src_gen.entity_id                          2 
_entity_src_gen.pdbx_src_id                        1 
_entity_src_gen.pdbx_alt_source_flag               sample 
_entity_src_gen.pdbx_seq_type                      ? 
_entity_src_gen.pdbx_beg_seq_num                   ? 
_entity_src_gen.pdbx_end_seq_num                   ? 
_entity_src_gen.gene_src_common_name               ? 
_entity_src_gen.gene_src_genus                     Kluyveromyces 
_entity_src_gen.pdbx_gene_src_gene                 ? 
_entity_src_gen.gene_src_species                   ? 
_entity_src_gen.gene_src_strain                    ? 
_entity_src_gen.gene_src_tissue                    ? 
_entity_src_gen.gene_src_tissue_fraction           ? 
_entity_src_gen.gene_src_details                   ? 
_entity_src_gen.pdbx_gene_src_fragment             ? 
_entity_src_gen.pdbx_gene_src_scientific_name      'Kluyveromyces lactis' 
_entity_src_gen.pdbx_gene_src_ncbi_taxonomy_id     28985 
_entity_src_gen.pdbx_gene_src_variant              ? 
_entity_src_gen.pdbx_gene_src_cell_line            ? 
_entity_src_gen.pdbx_gene_src_atcc                 ? 
_entity_src_gen.pdbx_gene_src_organ                ? 
_entity_src_gen.pdbx_gene_src_organelle            ? 
_entity_src_gen.pdbx_gene_src_cell                 ? 
_entity_src_gen.pdbx_gene_src_cellular_location    ? 
_entity_src_gen.host_org_common_name               ? 
_entity_src_gen.pdbx_host_org_scientific_name      'Escherichia coli BL21(DE3)' 
_entity_src_gen.pdbx_host_org_ncbi_taxonomy_id     469008 
_entity_src_gen.host_org_genus                     Escherichia 
_entity_src_gen.pdbx_host_org_gene                 ? 
_entity_src_gen.pdbx_host_org_organ                ? 
_entity_src_gen.host_org_species                   'Escherichia coli' 
_entity_src_gen.pdbx_host_org_tissue               ? 
_entity_src_gen.pdbx_host_org_tissue_fraction      ? 
_entity_src_gen.pdbx_host_org_strain               'BL21(DE3)' 
_entity_src_gen.pdbx_host_org_variant              ? 
_entity_src_gen.pdbx_host_org_cell_line            ? 
_entity_src_gen.pdbx_host_org_atcc                 ? 
_entity_src_gen.pdbx_host_org_culture_collection   ? 
_entity_src_gen.pdbx_host_org_cell                 ? 
_entity_src_gen.pdbx_host_org_organelle            ? 
_entity_src_gen.pdbx_host_org_cellular_location    ? 
_entity_src_gen.pdbx_host_org_vector_type          ? 
_entity_src_gen.pdbx_host_org_vector               ? 
_entity_src_gen.host_org_details                   ? 
_entity_src_gen.expression_system_id               ? 
_entity_src_gen.plasmid_name                       ? 
_entity_src_gen.plasmid_details                    ? 
_entity_src_gen.pdbx_description                   ? 
# 
_pdbx_entity_src_syn.entity_id              1 
_pdbx_entity_src_syn.pdbx_src_id            1 
_pdbx_entity_src_syn.pdbx_alt_source_flag   sample 
_pdbx_entity_src_syn.pdbx_beg_seq_num       ? 
_pdbx_entity_src_syn.pdbx_end_seq_num       ? 
_pdbx_entity_src_syn.organism_scientific    ? 
_pdbx_entity_src_syn.organism_common_name   ? 
_pdbx_entity_src_syn.ncbi_taxonomy_id       ? 
_pdbx_entity_src_syn.details                'DESIGN BASED UPON HEAT SHOCK ELEMENT CONSENSUS SEQUENCE' 
# 
loop_
_struct_ref.id 
_struct_ref.db_name 
_struct_ref.db_code 
_struct_ref.entity_id 
_struct_ref.pdbx_db_accession 
_struct_ref.pdbx_align_begin 
_struct_ref.pdbx_seq_one_letter_code 
_struct_ref.pdbx_db_isoform 
1 UNP HSF_KLULA 2 P22121 ? ? ? 
2 PDB 3HTS      1 3HTS   ? ? ? 
# 
loop_
_struct_ref_seq.align_id 
_struct_ref_seq.ref_id 
_struct_ref_seq.pdbx_PDB_id_code 
_struct_ref_seq.pdbx_strand_id 
_struct_ref_seq.seq_align_beg 
_struct_ref_seq.pdbx_seq_align_beg_ins_code 
_struct_ref_seq.seq_align_end 
_struct_ref_seq.pdbx_seq_align_end_ins_code 
_struct_ref_seq.pdbx_db_accession 
_struct_ref_seq.db_align_beg 
_struct_ref_seq.pdbx_db_align_beg_ins_code 
_struct_ref_seq.db_align_end 
_struct_ref_seq.pdbx_db_align_end_ins_code 
_struct_ref_seq.pdbx_auth_seq_align_beg 
_struct_ref_seq.pdbx_auth_seq_align_end 
1 1 3HTS B 1 ? 102 ? P22121 183 ? 284 ? 183 284 
2 2 3HTS A 1 ? 12  ? 3HTS   1   ? 12  ? 1   12  
# 
loop_
_struct_ref_seq_dif.align_id 
_struct_ref_seq_dif.pdbx_pdb_id_code 
_struct_ref_seq_dif.mon_id 
_struct_ref_seq_dif.pdbx_pdb_strand_id 
_struct_ref_seq_dif.seq_num 
_struct_ref_seq_dif.pdbx_pdb_ins_code 
_struct_ref_seq_dif.pdbx_seq_db_name 
_struct_ref_seq_dif.pdbx_seq_db_accession_code 
_struct_ref_seq_dif.db_mon_id 
_struct_ref_seq_dif.pdbx_seq_db_seq_num 
_struct_ref_seq_dif.details 
_struct_ref_seq_dif.pdbx_auth_seq_num 
_struct_ref_seq_dif.pdbx_ordinal 
1 3HTS GLY B 1   ? UNP P22121 HIS 183 conflict 183 1  
1 3HTS ARG B 3   ? UNP P22121 LYS 185 conflict 185 2  
1 3HTS ARG B 4   ? UNP P22121 LYS 186 conflict 186 3  
1 3HTS ALA B 5   ? UNP P22121 LYS 187 conflict 187 4  
1 3HTS SER B 6   ? UNP P22121 LEU 188 conflict 188 5  
1 3HTS VAL B 7   ? UNP P22121 SER 189 conflict 189 6  
1 3HTS GLY B 8   ? UNP P22121 THR 190 conflict 190 7  
1 3HTS SER B 9   ? UNP P22121 THR 191 conflict 191 8  
1 3HTS MET B 10  ? UNP P22121 ARG 192 conflict 192 9  
1 3HTS ARG B 100 ? UNP P22121 ASN 282 conflict 282 10 
1 3HTS HIS B 101 ? UNP P22121 PHE 283 conflict 283 11 
1 3HTS ALA B 102 ? UNP P22121 LYS 284 conflict 284 12 
# 
loop_
_chem_comp.id 
_chem_comp.type 
_chem_comp.mon_nstd_flag 
_chem_comp.name 
_chem_comp.pdbx_synonyms 
_chem_comp.formula 
_chem_comp.formula_weight 
ALA 'L-peptide linking' y ALANINE                              ?                               'C3 H7 N O2'      89.093  
ARG 'L-peptide linking' y ARGININE                             ?                               'C6 H15 N4 O2 1'  175.209 
ASN 'L-peptide linking' y ASPARAGINE                           ?                               'C4 H8 N2 O3'     132.118 
ASP 'L-peptide linking' y 'ASPARTIC ACID'                      ?                               'C4 H7 N O4'      133.103 
DA  'DNA linking'       y "2'-DEOXYADENOSINE-5'-MONOPHOSPHATE" ?                               'C10 H14 N5 O6 P' 331.222 
DC  'DNA linking'       y "2'-DEOXYCYTIDINE-5'-MONOPHOSPHATE"  ?                               'C9 H14 N3 O7 P'  307.197 
DG  'DNA linking'       y "2'-DEOXYGUANOSINE-5'-MONOPHOSPHATE" ?                               'C10 H14 N5 O7 P' 347.221 
DT  'DNA linking'       y "THYMIDINE-5'-MONOPHOSPHATE"         ?                               'C10 H15 N2 O8 P' 322.208 
GLN 'L-peptide linking' y GLUTAMINE                            ?                               'C5 H10 N2 O3'    146.144 
GLU 'L-peptide linking' y 'GLUTAMIC ACID'                      ?                               'C5 H9 N O4'      147.129 
GLY 'peptide linking'   y GLYCINE                              ?                               'C2 H5 N O2'      75.067  
GOL non-polymer         . GLYCEROL                             'GLYCERIN; PROPANE-1,2,3-TRIOL' 'C3 H8 O3'        92.094  
HIS 'L-peptide linking' y HISTIDINE                            ?                               'C6 H10 N3 O2 1'  156.162 
HOH non-polymer         . WATER                                ?                               'H2 O'            18.015  
ILE 'L-peptide linking' y ISOLEUCINE                           ?                               'C6 H13 N O2'     131.173 
LEU 'L-peptide linking' y LEUCINE                              ?                               'C6 H13 N O2'     131.173 
LYS 'L-peptide linking' y LYSINE                               ?                               'C6 H15 N2 O2 1'  147.195 
MET 'L-peptide linking' y METHIONINE                           ?                               'C5 H11 N O2 S'   149.211 
PHE 'L-peptide linking' y PHENYLALANINE                        ?                               'C9 H11 N O2'     165.189 
PRO 'L-peptide linking' y PROLINE                              ?                               'C5 H9 N O2'      115.130 
SER 'L-peptide linking' y SERINE                               ?                               'C3 H7 N O3'      105.093 
THR 'L-peptide linking' y THREONINE                            ?                               'C4 H9 N O3'      119.119 
TRP 'L-peptide linking' y TRYPTOPHAN                           ?                               'C11 H12 N2 O2'   204.225 
TYR 'L-peptide linking' y TYROSINE                             ?                               'C9 H11 N O3'     181.189 
VAL 'L-peptide linking' y VALINE                               ?                               'C5 H11 N O2'     117.146 
# 
_exptl.entry_id          3HTS 
_exptl.method            'X-RAY DIFFRACTION' 
_exptl.crystals_number   1 
# 
_exptl_crystal.id                    1 
_exptl_crystal.density_meas          ? 
_exptl_crystal.density_Matthews      1.89 
_exptl_crystal.density_percent_sol   35.02 
_exptl_crystal.description           'LOW RESOLUTION DATA WERE COLLECTED ON A ROTATING ANODE' 
_exptl_crystal.F_000                 ? 
_exptl_crystal.preparation           ? 
# 
_exptl_crystal_grow.crystal_id      1 
_exptl_crystal_grow.method          ? 
_exptl_crystal_grow.temp            ? 
_exptl_crystal_grow.temp_details    ? 
_exptl_crystal_grow.pH              7.5 
_exptl_crystal_grow.pdbx_details    'pH 7.5' 
_exptl_crystal_grow.pdbx_pH_range   ? 
# 
_diffrn.id                     1 
_diffrn.ambient_temp           100 
_diffrn.ambient_temp_details   ? 
_diffrn.crystal_id             1 
# 
_diffrn_detector.diffrn_id              1 
_diffrn_detector.detector               'IMAGE PLATE' 
_diffrn_detector.type                   MARRESEARCH 
_diffrn_detector.pdbx_collection_date   1996-05-15 
_diffrn_detector.details                ? 
# 
_diffrn_radiation.diffrn_id                        1 
_diffrn_radiation.wavelength_id                    1 
_diffrn_radiation.pdbx_monochromatic_or_laue_m_l   M 
_diffrn_radiation.monochromator                    ? 
_diffrn_radiation.pdbx_diffrn_protocol             'SINGLE WAVELENGTH' 
_diffrn_radiation.pdbx_scattering_type             x-ray 
# 
_diffrn_radiation_wavelength.id           1 
_diffrn_radiation_wavelength.wavelength   1.08 
_diffrn_radiation_wavelength.wt           1.0 
# 
_diffrn_source.diffrn_id                   1 
_diffrn_source.source                      SYNCHROTRON 
_diffrn_source.type                        'SSRL BEAMLINE BL7-1' 
_diffrn_source.pdbx_synchrotron_site       SSRL 
_diffrn_source.pdbx_synchrotron_beamline   BL7-1 
_diffrn_source.pdbx_wavelength             1.08 
_diffrn_source.pdbx_wavelength_list        ? 
# 
_reflns.entry_id                     3HTS 
_reflns.observed_criterion_sigma_I   1 
_reflns.observed_criterion_sigma_F   ? 
_reflns.d_resolution_low             27.5 
_reflns.d_resolution_high            1.75 
_reflns.number_obs                   10653 
_reflns.number_all                   ? 
_reflns.percent_possible_obs         89.4 
_reflns.pdbx_Rmerge_I_obs            0.0350000 
_reflns.pdbx_Rsym_value              ? 
_reflns.pdbx_netI_over_sigmaI        10.3 
_reflns.B_iso_Wilson_estimate        19.9 
_reflns.pdbx_redundancy              3.2 
_reflns.R_free_details               ? 
_reflns.pdbx_chi_squared             ? 
_reflns.pdbx_scaling_rejects         ? 
_reflns.pdbx_ordinal                 1 
_reflns.pdbx_diffrn_id               1 
# 
_reflns_shell.d_res_high             1.75 
_reflns_shell.d_res_low              1.8 
_reflns_shell.percent_possible_all   86.0 
_reflns_shell.Rmerge_I_obs           0.0950000 
_reflns_shell.pdbx_Rsym_value        ? 
_reflns_shell.meanI_over_sigI_obs    7.4 
_reflns_shell.pdbx_redundancy        2.6 
_reflns_shell.percent_possible_obs   ? 
_reflns_shell.number_unique_all      ? 
_reflns_shell.number_measured_all    ? 
_reflns_shell.number_measured_obs    ? 
_reflns_shell.number_unique_obs      ? 
_reflns_shell.pdbx_chi_squared       ? 
_reflns_shell.pdbx_ordinal           1 
_reflns_shell.pdbx_diffrn_id         1 
# 
_refine.entry_id                                 3HTS 
_refine.ls_number_reflns_obs                     10644 
_refine.ls_number_reflns_all                     10644 
_refine.pdbx_ls_sigma_I                          ? 
_refine.pdbx_ls_sigma_F                          0.0 
_refine.pdbx_data_cutoff_high_absF               10000000.0 
_refine.pdbx_data_cutoff_low_absF                0.0001 
_refine.pdbx_data_cutoff_high_rms_absF           ? 
_refine.ls_d_res_low                             20.0 
_refine.ls_d_res_high                            1.75 
_refine.ls_percent_reflns_obs                    89.1 
_refine.ls_R_factor_obs                          ? 
_refine.ls_R_factor_all                          ? 
_refine.ls_R_factor_R_work                       0.2080000 
_refine.ls_R_factor_R_free                       0.2450000 
_refine.ls_R_factor_R_free_error                 0.007 
_refine.ls_R_factor_R_free_error_details         ? 
_refine.ls_percent_reflns_R_free                 10.5 
_refine.ls_number_reflns_R_free                  1120 
_refine.ls_number_parameters                     ? 
_refine.ls_number_restraints                     ? 
_refine.occupancy_min                            ? 
_refine.occupancy_max                            ? 
_refine.B_iso_mean                               38.5 
_refine.aniso_B[1][1]                            -13.0 
_refine.aniso_B[2][2]                            6.43 
_refine.aniso_B[3][3]                            6.63 
_refine.aniso_B[1][2]                            0.0 
_refine.aniso_B[1][3]                            -2.58 
_refine.aniso_B[2][3]                            0.00 
_refine.solvent_model_details                    ? 
_refine.solvent_model_param_ksol                 ? 
_refine.solvent_model_param_bsol                 ? 
_refine.pdbx_ls_cross_valid_method               THROUGHOUT 
_refine.details                                  'BULK SOLVENT MODEL USED' 
_refine.pdbx_starting_model                      2HTS 
_refine.pdbx_method_to_determine_struct          'MOLECULAR REPLACEMENT' 
_refine.pdbx_isotropic_thermal_model             RESTRAINED 
_refine.pdbx_stereochemistry_target_values       ? 
_refine.pdbx_stereochem_target_val_spec_case     ? 
_refine.pdbx_R_Free_selection_details            RANDOM 
_refine.pdbx_overall_ESU_R                       ? 
_refine.pdbx_overall_ESU_R_Free                  ? 
_refine.overall_SU_ML                            ? 
_refine.overall_SU_B                             ? 
_refine.ls_redundancy_reflns_obs                 ? 
_refine.correlation_coeff_Fo_to_Fc               ? 
_refine.overall_SU_R_Cruickshank_DPI             ? 
_refine.overall_SU_R_free                        ? 
_refine.correlation_coeff_Fo_to_Fc_free          ? 
_refine.pdbx_solvent_vdw_probe_radii             ? 
_refine.pdbx_solvent_ion_probe_radii             ? 
_refine.pdbx_solvent_shrinkage_radii             ? 
_refine.pdbx_refine_id                           'X-RAY DIFFRACTION' 
_refine.pdbx_overall_phase_error                 ? 
_refine.ls_wR_factor_R_free                      ? 
_refine.ls_wR_factor_R_work                      ? 
_refine.overall_FOM_free_R_set                   ? 
_refine.overall_FOM_work_R_set                   ? 
_refine.pdbx_diffrn_id                           1 
_refine.pdbx_TLS_residual_ADP_flag               ? 
_refine.pdbx_overall_SU_R_free_Cruickshank_DPI   ? 
_refine.pdbx_overall_SU_R_Blow_DPI               ? 
_refine.pdbx_overall_SU_R_free_Blow_DPI          ? 
# 
_refine_analyze.entry_id                        3HTS 
_refine_analyze.Luzzati_coordinate_error_obs    0.24 
_refine_analyze.Luzzati_sigma_a_obs             0.34 
_refine_analyze.Luzzati_d_res_low_obs           5.00 
_refine_analyze.Luzzati_coordinate_error_free   0.29 
_refine_analyze.Luzzati_sigma_a_free            0.35 
_refine_analyze.Luzzati_d_res_low_free          ? 
_refine_analyze.number_disordered_residues      ? 
_refine_analyze.occupancy_sum_hydrogen          ? 
_refine_analyze.occupancy_sum_non_hydrogen      ? 
_refine_analyze.pdbx_refine_id                  'X-RAY DIFFRACTION' 
# 
_refine_hist.pdbx_refine_id                   'X-RAY DIFFRACTION' 
_refine_hist.cycle_id                         LAST 
_refine_hist.pdbx_number_atoms_protein        704 
_refine_hist.pdbx_number_atoms_nucleic_acid   243 
_refine_hist.pdbx_number_atoms_ligand         6 
_refine_hist.number_atoms_solvent             70 
_refine_hist.number_atoms_total               1023 
_refine_hist.d_res_high                       1.75 
_refine_hist.d_res_low                        20.0 
# 
loop_
_refine_ls_restr.type 
_refine_ls_restr.dev_ideal 
_refine_ls_restr.dev_ideal_target 
_refine_ls_restr.weight 
_refine_ls_restr.number 
_refine_ls_restr.pdbx_refine_id 
_refine_ls_restr.pdbx_restraint_function 
x_bond_d                0.021 ?    ? ? 'X-RAY DIFFRACTION' ? 
x_bond_d_na             ?     ?    ? ? 'X-RAY DIFFRACTION' ? 
x_bond_d_prot           ?     ?    ? ? 'X-RAY DIFFRACTION' ? 
x_angle_d               ?     ?    ? ? 'X-RAY DIFFRACTION' ? 
x_angle_d_na            ?     ?    ? ? 'X-RAY DIFFRACTION' ? 
x_angle_d_prot          ?     ?    ? ? 'X-RAY DIFFRACTION' ? 
x_angle_deg             2.5   ?    ? ? 'X-RAY DIFFRACTION' ? 
x_angle_deg_na          ?     ?    ? ? 'X-RAY DIFFRACTION' ? 
x_angle_deg_prot        ?     ?    ? ? 'X-RAY DIFFRACTION' ? 
x_dihedral_angle_d      23.2  ?    ? ? 'X-RAY DIFFRACTION' ? 
x_dihedral_angle_d_na   ?     ?    ? ? 'X-RAY DIFFRACTION' ? 
x_dihedral_angle_d_prot ?     ?    ? ? 'X-RAY DIFFRACTION' ? 
x_improper_angle_d      2.85  ?    ? ? 'X-RAY DIFFRACTION' ? 
x_improper_angle_d_na   ?     ?    ? ? 'X-RAY DIFFRACTION' ? 
x_improper_angle_d_prot ?     ?    ? ? 'X-RAY DIFFRACTION' ? 
x_mcbond_it             3.37  1.50 ? ? 'X-RAY DIFFRACTION' ? 
x_mcangle_it            5.37  2.00 ? ? 'X-RAY DIFFRACTION' ? 
x_scbond_it             4.47  2.00 ? ? 'X-RAY DIFFRACTION' ? 
x_scangle_it            6.15  2.00 ? ? 'X-RAY DIFFRACTION' ? 
# 
_refine_ls_shell.pdbx_total_number_of_bins_used   6 
_refine_ls_shell.d_res_high                       1.75 
_refine_ls_shell.d_res_low                        1.86 
_refine_ls_shell.number_reflns_R_work             1532 
_refine_ls_shell.R_factor_R_work                  0.3230000 
_refine_ls_shell.percent_reflns_obs               86.1 
_refine_ls_shell.R_factor_R_free                  0.3190000 
_refine_ls_shell.R_factor_R_free_error            0.025 
_refine_ls_shell.percent_reflns_R_free            9.5 
_refine_ls_shell.number_reflns_R_free             160 
_refine_ls_shell.redundancy_reflns_obs            ? 
_refine_ls_shell.pdbx_refine_id                   'X-RAY DIFFRACTION' 
_refine_ls_shell.number_reflns_all                ? 
_refine_ls_shell.number_reflns_obs                ? 
_refine_ls_shell.R_factor_all                     ? 
# 
loop_
_pdbx_xplor_file.serial_no 
_pdbx_xplor_file.param_file 
_pdbx_xplor_file.topol_file 
_pdbx_xplor_file.pdbx_refine_id 
1 PROTEIN_REP.PARAM        TOPHCSDX.PRO           'X-RAY DIFFRACTION' 
2 PARAM19.SOL              TOPH19.SOL             'X-RAY DIFFRACTION' 
3 DNA-RNA-MULTI-ENDO.PARAM DNA-RNA-MULTI-ENDO.TOP 'X-RAY DIFFRACTION' 
4 GLYCEROL.PARAM           GLYCEROL.TOP           'X-RAY DIFFRACTION' 
# 
_struct.entry_id                  3HTS 
_struct.title                     'HEAT SHOCK TRANSCRIPTION FACTOR/DNA COMPLEX' 
_struct.pdbx_model_details        ? 
_struct.pdbx_CASP_flag            ? 
_struct.pdbx_model_type_details   ? 
# 
_struct_keywords.entry_id        3HTS 
_struct_keywords.pdbx_keywords   TRANSCRIPTION/DNA 
_struct_keywords.text            
'TRANSCRIPTION REGULATION, DNA-BINDING PROTEIN, COMPLEX (WINGED HELIX_TURN_ HELIX-DNA), TRANSCRIPTION-DNA COMPLEX' 
# 
loop_
_struct_asym.id 
_struct_asym.pdbx_blank_PDB_chainid_flag 
_struct_asym.pdbx_modified 
_struct_asym.entity_id 
_struct_asym.details 
A N N 1 ? 
B N N 2 ? 
C N N 3 ? 
D N N 4 ? 
E N N 4 ? 
# 
_struct_biol.id                    1 
_struct_biol.pdbx_parent_biol_id   ? 
_struct_biol.details               ? 
# 
loop_
_struct_conf.conf_type_id 
_struct_conf.id 
_struct_conf.pdbx_PDB_helix_id 
_struct_conf.beg_label_comp_id 
_struct_conf.beg_label_asym_id 
_struct_conf.beg_label_seq_id 
_struct_conf.pdbx_beg_PDB_ins_code 
_struct_conf.end_label_comp_id 
_struct_conf.end_label_asym_id 
_struct_conf.end_label_seq_id 
_struct_conf.pdbx_end_PDB_ins_code 
_struct_conf.beg_auth_comp_id 
_struct_conf.beg_auth_asym_id 
_struct_conf.beg_auth_seq_id 
_struct_conf.end_auth_comp_id 
_struct_conf.end_auth_asym_id 
_struct_conf.end_auth_seq_id 
_struct_conf.pdbx_PDB_helix_class 
_struct_conf.details 
_struct_conf.pdbx_PDB_helix_length 
HELX_P HELX_P1 H1 ALA B 14 ? ASN B 24 ? ALA B 196 ASN B 206 1 ? 11 
HELX_P HELX_P2 H2 ARG B 46 ? TYR B 57 ? ARG B 228 TYR B 239 1 ? 12 
HELX_P HELX_P3 H3 PHE B 63 ? MET B 72 ? PHE B 245 MET B 254 1 ? 10 
# 
_struct_conf_type.id          HELX_P 
_struct_conf_type.criteria    ? 
_struct_conf_type.reference   ? 
# 
loop_
_struct_conn.id 
_struct_conn.conn_type_id 
_struct_conn.pdbx_leaving_atom_flag 
_struct_conn.pdbx_PDB_id 
_struct_conn.ptnr1_label_asym_id 
_struct_conn.ptnr1_label_comp_id 
_struct_conn.ptnr1_label_seq_id 
_struct_conn.ptnr1_label_atom_id 
_struct_conn.pdbx_ptnr1_label_alt_id 
_struct_conn.pdbx_ptnr1_PDB_ins_code 
_struct_conn.pdbx_ptnr1_standard_comp_id 
_struct_conn.ptnr1_symmetry 
_struct_conn.ptnr2_label_asym_id 
_struct_conn.ptnr2_label_comp_id 
_struct_conn.ptnr2_label_seq_id 
_struct_conn.ptnr2_label_atom_id 
_struct_conn.pdbx_ptnr2_label_alt_id 
_struct_conn.pdbx_ptnr2_PDB_ins_code 
_struct_conn.ptnr1_auth_asym_id 
_struct_conn.ptnr1_auth_comp_id 
_struct_conn.ptnr1_auth_seq_id 
_struct_conn.ptnr2_auth_asym_id 
_struct_conn.ptnr2_auth_comp_id 
_struct_conn.ptnr2_auth_seq_id 
_struct_conn.ptnr2_symmetry 
_struct_conn.pdbx_ptnr3_label_atom_id 
_struct_conn.pdbx_ptnr3_label_seq_id 
_struct_conn.pdbx_ptnr3_label_comp_id 
_struct_conn.pdbx_ptnr3_label_asym_id 
_struct_conn.pdbx_ptnr3_label_alt_id 
_struct_conn.pdbx_ptnr3_PDB_ins_code 
_struct_conn.details 
_struct_conn.pdbx_dist_value 
_struct_conn.pdbx_value_order 
_struct_conn.pdbx_role 
hydrog1  hydrog ? ? A DG 1  N1 ? ? ? 1_555 A DC 12 N3 ? ? A DG 1  A DC 12 2_656 ? ? ? ? ? ? WATSON-CRICK ? ? ? 
hydrog2  hydrog ? ? A DG 1  N2 ? ? ? 1_555 A DC 12 O2 ? ? A DG 1  A DC 12 2_656 ? ? ? ? ? ? WATSON-CRICK ? ? ? 
hydrog3  hydrog ? ? A DG 1  O6 ? ? ? 1_555 A DC 12 N4 ? ? A DG 1  A DC 12 2_656 ? ? ? ? ? ? WATSON-CRICK ? ? ? 
hydrog4  hydrog ? ? A DG 2  N1 ? ? ? 1_555 A DC 11 N3 ? ? A DG 2  A DC 11 2_656 ? ? ? ? ? ? WATSON-CRICK ? ? ? 
hydrog5  hydrog ? ? A DG 2  N2 ? ? ? 1_555 A DC 11 O2 ? ? A DG 2  A DC 11 2_656 ? ? ? ? ? ? WATSON-CRICK ? ? ? 
hydrog6  hydrog ? ? A DG 2  O6 ? ? ? 1_555 A DC 11 N4 ? ? A DG 2  A DC 11 2_656 ? ? ? ? ? ? WATSON-CRICK ? ? ? 
hydrog7  hydrog ? ? A DT 3  N3 ? ? ? 1_555 A DA 10 N1 ? ? A DT 3  A DA 10 2_656 ? ? ? ? ? ? WATSON-CRICK ? ? ? 
hydrog8  hydrog ? ? A DT 3  O4 ? ? ? 1_555 A DA 10 N6 ? ? A DT 3  A DA 10 2_656 ? ? ? ? ? ? WATSON-CRICK ? ? ? 
hydrog9  hydrog ? ? A DT 4  N3 ? ? ? 1_555 A DA 9  N1 ? ? A DT 4  A DA 9  2_656 ? ? ? ? ? ? WATSON-CRICK ? ? ? 
hydrog10 hydrog ? ? A DT 4  O4 ? ? ? 1_555 A DA 9  N6 ? ? A DT 4  A DA 9  2_656 ? ? ? ? ? ? WATSON-CRICK ? ? ? 
hydrog11 hydrog ? ? A DC 5  N3 ? ? ? 1_555 A DG 8  N1 ? ? A DC 5  A DG 8  2_656 ? ? ? ? ? ? WATSON-CRICK ? ? ? 
hydrog12 hydrog ? ? A DC 5  N4 ? ? ? 1_555 A DG 8  O6 ? ? A DC 5  A DG 8  2_656 ? ? ? ? ? ? WATSON-CRICK ? ? ? 
hydrog13 hydrog ? ? A DC 5  O2 ? ? ? 1_555 A DG 8  N2 ? ? A DC 5  A DG 8  2_656 ? ? ? ? ? ? WATSON-CRICK ? ? ? 
hydrog14 hydrog ? ? A DT 6  N3 ? ? ? 1_555 A DA 7  N1 ? ? A DT 6  A DA 7  2_656 ? ? ? ? ? ? WATSON-CRICK ? ? ? 
hydrog15 hydrog ? ? A DT 6  O4 ? ? ? 1_555 A DA 7  N6 ? ? A DT 6  A DA 7  2_656 ? ? ? ? ? ? WATSON-CRICK ? ? ? 
hydrog16 hydrog ? ? A DA 7  N1 ? ? ? 1_555 A DT 6  N3 ? ? A DA 7  A DT 6  2_656 ? ? ? ? ? ? WATSON-CRICK ? ? ? 
hydrog17 hydrog ? ? A DA 7  N6 ? ? ? 1_555 A DT 6  O4 ? ? A DA 7  A DT 6  2_656 ? ? ? ? ? ? WATSON-CRICK ? ? ? 
hydrog18 hydrog ? ? A DG 8  N1 ? ? ? 1_555 A DC 5  N3 ? ? A DG 8  A DC 5  2_656 ? ? ? ? ? ? WATSON-CRICK ? ? ? 
hydrog19 hydrog ? ? A DG 8  N2 ? ? ? 1_555 A DC 5  O2 ? ? A DG 8  A DC 5  2_656 ? ? ? ? ? ? WATSON-CRICK ? ? ? 
hydrog20 hydrog ? ? A DG 8  O6 ? ? ? 1_555 A DC 5  N4 ? ? A DG 8  A DC 5  2_656 ? ? ? ? ? ? WATSON-CRICK ? ? ? 
hydrog21 hydrog ? ? A DA 9  N1 ? ? ? 1_555 A DT 4  N3 ? ? A DA 9  A DT 4  2_656 ? ? ? ? ? ? WATSON-CRICK ? ? ? 
hydrog22 hydrog ? ? A DA 9  N6 ? ? ? 1_555 A DT 4  O4 ? ? A DA 9  A DT 4  2_656 ? ? ? ? ? ? WATSON-CRICK ? ? ? 
hydrog23 hydrog ? ? A DA 10 N1 ? ? ? 1_555 A DT 3  N3 ? ? A DA 10 A DT 3  2_656 ? ? ? ? ? ? WATSON-CRICK ? ? ? 
hydrog24 hydrog ? ? A DA 10 N6 ? ? ? 1_555 A DT 3  O4 ? ? A DA 10 A DT 3  2_656 ? ? ? ? ? ? WATSON-CRICK ? ? ? 
hydrog25 hydrog ? ? A DC 11 N3 ? ? ? 1_555 A DG 2  N1 ? ? A DC 11 A DG 2  2_656 ? ? ? ? ? ? WATSON-CRICK ? ? ? 
hydrog26 hydrog ? ? A DC 11 N4 ? ? ? 1_555 A DG 2  O6 ? ? A DC 11 A DG 2  2_656 ? ? ? ? ? ? WATSON-CRICK ? ? ? 
hydrog27 hydrog ? ? A DC 11 O2 ? ? ? 1_555 A DG 2  N2 ? ? A DC 11 A DG 2  2_656 ? ? ? ? ? ? WATSON-CRICK ? ? ? 
hydrog28 hydrog ? ? A DC 12 N3 ? ? ? 1_555 A DG 1  N1 ? ? A DC 12 A DG 1  2_656 ? ? ? ? ? ? WATSON-CRICK ? ? ? 
hydrog29 hydrog ? ? A DC 12 N4 ? ? ? 1_555 A DG 1  O6 ? ? A DC 12 A DG 1  2_656 ? ? ? ? ? ? WATSON-CRICK ? ? ? 
hydrog30 hydrog ? ? A DC 12 O2 ? ? ? 1_555 A DG 1  N2 ? ? A DC 12 A DG 1  2_656 ? ? ? ? ? ? WATSON-CRICK ? ? ? 
# 
_struct_conn_type.id          hydrog 
_struct_conn_type.criteria    ? 
_struct_conn_type.reference   ? 
# 
loop_
_struct_sheet.id 
_struct_sheet.type 
_struct_sheet.number_strands 
_struct_sheet.details 
S1 ? 1 ? 
S2 ? 1 ? 
S3 ? 1 ? 
S4 ? 1 ? 
# 
loop_
_struct_sheet_range.sheet_id 
_struct_sheet_range.id 
_struct_sheet_range.beg_label_comp_id 
_struct_sheet_range.beg_label_asym_id 
_struct_sheet_range.beg_label_seq_id 
_struct_sheet_range.pdbx_beg_PDB_ins_code 
_struct_sheet_range.end_label_comp_id 
_struct_sheet_range.end_label_asym_id 
_struct_sheet_range.end_label_seq_id 
_struct_sheet_range.pdbx_end_PDB_ins_code 
_struct_sheet_range.beg_auth_comp_id 
_struct_sheet_range.beg_auth_asym_id 
_struct_sheet_range.beg_auth_seq_id 
_struct_sheet_range.end_auth_comp_id 
_struct_sheet_range.end_auth_asym_id 
_struct_sheet_range.end_auth_seq_id 
S1 1 HIS B 33 ? TRP B 34 ? HIS B 215 TRP B 216 
S2 1 ILE B 41 ? VAL B 43 ? ILE B 223 VAL B 225 
S3 1 TRP B 94 ? ASN B 98 ? TRP B 276 ASN B 280 
S4 1 TRP B 75 ? HIS B 76 ? TRP B 257 HIS B 258 
# 
_struct_site.id                   AC1 
_struct_site.pdbx_evidence_code   Software 
_struct_site.pdbx_auth_asym_id    B 
_struct_site.pdbx_auth_comp_id    GOL 
_struct_site.pdbx_auth_seq_id     1 
_struct_site.pdbx_auth_ins_code   ? 
_struct_site.pdbx_num_residues    5 
_struct_site.details              'BINDING SITE FOR RESIDUE GOL B 1' 
# 
loop_
_struct_site_gen.id 
_struct_site_gen.site_id 
_struct_site_gen.pdbx_num_res 
_struct_site_gen.label_comp_id 
_struct_site_gen.label_asym_id 
_struct_site_gen.label_seq_id 
_struct_site_gen.pdbx_auth_ins_code 
_struct_site_gen.auth_comp_id 
_struct_site_gen.auth_asym_id 
_struct_site_gen.auth_seq_id 
_struct_site_gen.label_atom_id 
_struct_site_gen.label_alt_id 
_struct_site_gen.symmetry 
_struct_site_gen.details 
1 AC1 5 DG  A 8  ? DG  A 8   . ? 2_656 ? 
2 AC1 5 DA  A 9  ? DA  A 9   . ? 2_656 ? 
3 AC1 5 ASN B 24 ? ASN B 206 . ? 4_555 ? 
4 AC1 5 ASP B 25 ? ASP B 207 . ? 4_555 ? 
5 AC1 5 LYS B 26 ? LYS B 208 . ? 4_555 ? 
# 
_atom_sites.entry_id                    3HTS 
_atom_sites.fract_transf_matrix[1][1]   0.00875632 
_atom_sites.fract_transf_matrix[1][2]   -0.01671268 
_atom_sites.fract_transf_matrix[1][3]   0.00111662 
_atom_sites.fract_transf_matrix[2][1]   -0.01458266 
_atom_sites.fract_transf_matrix[2][2]   -0.00812711 
_atom_sites.fract_transf_matrix[2][3]   -0.00728576 
_atom_sites.fract_transf_matrix[3][1]   0.01642759 
_atom_sites.fract_transf_matrix[3][2]   -0.01032734 
_atom_sites.fract_transf_matrix[3][3]   -0.02136035 
_atom_sites.fract_transf_vector[1]      0.273340 
_atom_sites.fract_transf_vector[2]      -0.006846 
_atom_sites.fract_transf_vector[3]      0.167238 
# 
loop_
_atom_type.symbol 
C 
N 
O 
P 
S 
# 
loop_
_atom_site.group_PDB 
_atom_site.id 
_atom_site.type_symbol 
_atom_site.label_atom_id 
_atom_site.label_alt_id 
_atom_site.label_comp_id 
_atom_site.label_asym_id 
_atom_site.label_entity_id 
_atom_site.label_seq_id 
_atom_site.pdbx_PDB_ins_code 
_atom_site.Cartn_x 
_atom_site.Cartn_y 
_atom_site.Cartn_z 
_atom_site.occupancy 
_atom_site.B_iso_or_equiv 
_atom_site.pdbx_formal_charge 
_atom_site.auth_seq_id 
_atom_site.auth_comp_id 
_atom_site.auth_asym_id 
_atom_site.auth_atom_id 
_atom_site.pdbx_PDB_model_num 
ATOM   1    O "O5'" . DG  A 1 1   ? -14.734 -10.626 7.711   1.00 33.08  ? 1   DG  A "O5'" 1 
ATOM   2    C "C5'" . DG  A 1 1   ? -14.377 -11.986 7.486   1.00 31.25  ? 1   DG  A "C5'" 1 
ATOM   3    C "C4'" . DG  A 1 1   ? -13.040 -12.279 8.123   1.00 29.19  ? 1   DG  A "C4'" 1 
ATOM   4    O "O4'" . DG  A 1 1   ? -12.881 -13.703 8.282   1.00 30.62  ? 1   DG  A "O4'" 1 
ATOM   5    C "C3'" . DG  A 1 1   ? -11.809 -11.798 7.355   1.00 28.98  ? 1   DG  A "C3'" 1 
ATOM   6    O "O3'" . DG  A 1 1   ? -10.836 -11.308 8.295   1.00 35.60  ? 1   DG  A "O3'" 1 
ATOM   7    C "C2'" . DG  A 1 1   ? -11.287 -13.068 6.702   1.00 30.24  ? 1   DG  A "C2'" 1 
ATOM   8    C "C1'" . DG  A 1 1   ? -11.636 -14.114 7.738   1.00 29.11  ? 1   DG  A "C1'" 1 
ATOM   9    N N9    . DG  A 1 1   ? -11.776 -15.484 7.244   1.00 28.44  ? 1   DG  A N9    1 
ATOM   10   C C8    . DG  A 1 1   ? -12.882 -16.054 6.643   1.00 27.56  ? 1   DG  A C8    1 
ATOM   11   N N7    . DG  A 1 1   ? -12.699 -17.304 6.319   1.00 28.38  ? 1   DG  A N7    1 
ATOM   12   C C5    . DG  A 1 1   ? -11.401 -17.585 6.725   1.00 23.63  ? 1   DG  A C5    1 
ATOM   13   C C6    . DG  A 1 1   ? -10.659 -18.774 6.642   1.00 28.10  ? 1   DG  A C6    1 
ATOM   14   O O6    . DG  A 1 1   ? -10.997 -19.857 6.159   1.00 39.79  ? 1   DG  A O6    1 
ATOM   15   N N1    . DG  A 1 1   ? -9.398  -18.634 7.190   1.00 23.81  ? 1   DG  A N1    1 
ATOM   16   C C2    . DG  A 1 1   ? -8.904  -17.486 7.746   1.00 20.78  ? 1   DG  A C2    1 
ATOM   17   N N2    . DG  A 1 1   ? -7.666  -17.564 8.242   1.00 23.47  ? 1   DG  A N2    1 
ATOM   18   N N3    . DG  A 1 1   ? -9.577  -16.355 7.813   1.00 20.16  ? 1   DG  A N3    1 
ATOM   19   C C4    . DG  A 1 1   ? -10.812 -16.474 7.298   1.00 22.14  ? 1   DG  A C4    1 
ATOM   20   P P     . DG  A 1 2   ? -9.431  -10.731 7.776   1.00 31.62  ? 2   DG  A P     1 
ATOM   21   O OP1   . DG  A 1 2   ? -8.940  -9.830  8.845   1.00 36.38  ? 2   DG  A OP1   1 
ATOM   22   O OP2   . DG  A 1 2   ? -9.627  -10.210 6.423   1.00 31.04  ? 2   DG  A OP2   1 
ATOM   23   O "O5'" . DG  A 1 2   ? -8.484  -12.006 7.718   1.00 28.97  ? 2   DG  A "O5'" 1 
ATOM   24   C "C5'" . DG  A 1 2   ? -7.916  -12.548 8.911   1.00 29.35  ? 2   DG  A "C5'" 1 
ATOM   25   C "C4'" . DG  A 1 2   ? -6.555  -13.133 8.616   1.00 27.82  ? 2   DG  A "C4'" 1 
ATOM   26   O "O4'" . DG  A 1 2   ? -6.726  -14.366 7.900   1.00 28.91  ? 2   DG  A "O4'" 1 
ATOM   27   C "C3'" . DG  A 1 2   ? -5.641  -12.263 7.748   1.00 34.26  ? 2   DG  A "C3'" 1 
ATOM   28   O "O3'" . DG  A 1 2   ? -4.305  -12.435 8.216   1.00 29.77  ? 2   DG  A "O3'" 1 
ATOM   29   C "C2'" . DG  A 1 2   ? -5.817  -12.840 6.349   1.00 30.74  ? 2   DG  A "C2'" 1 
ATOM   30   C "C1'" . DG  A 1 2   ? -6.088  -14.304 6.625   1.00 27.44  ? 2   DG  A "C1'" 1 
ATOM   31   N N9    . DG  A 1 2   ? -6.969  -14.976 5.687   1.00 21.79  ? 2   DG  A N9    1 
ATOM   32   C C8    . DG  A 1 2   ? -8.156  -14.524 5.204   1.00 20.96  ? 2   DG  A C8    1 
ATOM   33   N N7    . DG  A 1 2   ? -8.785  -15.415 4.499   1.00 19.22  ? 2   DG  A N7    1 
ATOM   34   C C5    . DG  A 1 2   ? -7.942  -16.512 4.494   1.00 17.90  ? 2   DG  A C5    1 
ATOM   35   C C6    . DG  A 1 2   ? -8.107  -17.787 3.892   1.00 27.16  ? 2   DG  A C6    1 
ATOM   36   O O6    . DG  A 1 2   ? -9.092  -18.217 3.245   1.00 26.09  ? 2   DG  A O6    1 
ATOM   37   N N1    . DG  A 1 2   ? -6.992  -18.601 4.104   1.00 23.98  ? 2   DG  A N1    1 
ATOM   38   C C2    . DG  A 1 2   ? -5.882  -18.242 4.809   1.00 26.51  ? 2   DG  A C2    1 
ATOM   39   N N2    . DG  A 1 2   ? -4.906  -19.165 4.902   1.00 30.45  ? 2   DG  A N2    1 
ATOM   40   N N3    . DG  A 1 2   ? -5.725  -17.055 5.391   1.00 27.22  ? 2   DG  A N3    1 
ATOM   41   C C4    . DG  A 1 2   ? -6.802  -16.248 5.186   1.00 21.01  ? 2   DG  A C4    1 
ATOM   42   P P     . DT  A 1 3   ? -3.063  -11.782 7.414   1.00 33.02  ? 3   DT  A P     1 
ATOM   43   O OP1   . DT  A 1 3   ? -1.987  -11.605 8.405   1.00 34.66  ? 3   DT  A OP1   1 
ATOM   44   O OP2   . DT  A 1 3   ? -3.478  -10.641 6.560   1.00 26.98  ? 3   DT  A OP2   1 
ATOM   45   O "O5'" . DT  A 1 3   ? -2.614  -12.953 6.433   1.00 30.02  ? 3   DT  A "O5'" 1 
ATOM   46   C "C5'" . DT  A 1 3   ? -2.170  -14.196 6.969   1.00 19.36  ? 3   DT  A "C5'" 1 
ATOM   47   C "C4'" . DT  A 1 3   ? -1.789  -15.127 5.850   1.00 20.93  ? 3   DT  A "C4'" 1 
ATOM   48   O "O4'" . DT  A 1 3   ? -2.960  -15.511 5.117   1.00 23.06  ? 3   DT  A "O4'" 1 
ATOM   49   C "C3'" . DT  A 1 3   ? -0.785  -14.606 4.813   1.00 26.41  ? 3   DT  A "C3'" 1 
ATOM   50   O "O3'" . DT  A 1 3   ? 0.423   -15.370 4.919   1.00 26.12  ? 3   DT  A "O3'" 1 
ATOM   51   C "C2'" . DT  A 1 3   ? -1.506  -14.752 3.478   1.00 19.31  ? 3   DT  A "C2'" 1 
ATOM   52   C "C1'" . DT  A 1 3   ? -2.576  -15.778 3.788   1.00 19.91  ? 3   DT  A "C1'" 1 
ATOM   53   N N1    . DT  A 1 3   ? -3.790  -15.706 2.978   1.00 22.20  ? 3   DT  A N1    1 
ATOM   54   C C2    . DT  A 1 3   ? -4.139  -16.843 2.287   1.00 22.78  ? 3   DT  A C2    1 
ATOM   55   O O2    . DT  A 1 3   ? -3.451  -17.848 2.272   1.00 23.98  ? 3   DT  A O2    1 
ATOM   56   N N3    . DT  A 1 3   ? -5.312  -16.760 1.609   1.00 20.53  ? 3   DT  A N3    1 
ATOM   57   C C4    . DT  A 1 3   ? -6.148  -15.683 1.520   1.00 21.11  ? 3   DT  A C4    1 
ATOM   58   O O4    . DT  A 1 3   ? -7.177  -15.788 0.873   1.00 28.21  ? 3   DT  A O4    1 
ATOM   59   C C5    . DT  A 1 3   ? -5.710  -14.494 2.234   1.00 20.40  ? 3   DT  A C5    1 
ATOM   60   C C7    . DT  A 1 3   ? -6.541  -13.255 2.164   1.00 20.22  ? 3   DT  A C7    1 
ATOM   61   C C6    . DT  A 1 3   ? -4.568  -14.566 2.927   1.00 21.26  ? 3   DT  A C6    1 
ATOM   62   P P     . DT  A 1 4   ? 1.736   -14.956 4.091   1.00 23.41  ? 4   DT  A P     1 
ATOM   63   O OP1   . DT  A 1 4   ? 2.848   -15.368 4.969   1.00 26.85  ? 4   DT  A OP1   1 
ATOM   64   O OP2   . DT  A 1 4   ? 1.662   -13.562 3.596   1.00 19.49  ? 4   DT  A OP2   1 
ATOM   65   O "O5'" . DT  A 1 4   ? 1.710   -15.970 2.886   1.00 30.75  ? 4   DT  A "O5'" 1 
ATOM   66   C "C5'" . DT  A 1 4   ? 1.482   -17.367 3.143   1.00 31.74  ? 4   DT  A "C5'" 1 
ATOM   67   C "C4'" . DT  A 1 4   ? 1.259   -18.099 1.845   1.00 35.04  ? 4   DT  A "C4'" 1 
ATOM   68   O "O4'" . DT  A 1 4   ? -0.096  -17.912 1.359   1.00 34.57  ? 4   DT  A "O4'" 1 
ATOM   69   C "C3'" . DT  A 1 4   ? 2.193   -17.652 0.725   1.00 33.62  ? 4   DT  A "C3'" 1 
ATOM   70   O "O3'" . DT  A 1 4   ? 2.547   -18.820 0.006   1.00 40.24  ? 4   DT  A "O3'" 1 
ATOM   71   C "C2'" . DT  A 1 4   ? 1.293   -16.783 -0.144  1.00 36.05  ? 4   DT  A "C2'" 1 
ATOM   72   C "C1'" . DT  A 1 4   ? -0.043  -17.495 0.014   1.00 30.28  ? 4   DT  A "C1'" 1 
ATOM   73   N N1    . DT  A 1 4   ? -1.299  -16.782 -0.304  1.00 27.11  ? 4   DT  A N1    1 
ATOM   74   C C2    . DT  A 1 4   ? -2.265  -17.509 -0.983  1.00 23.39  ? 4   DT  A C2    1 
ATOM   75   O O2    . DT  A 1 4   ? -2.133  -18.691 -1.285  1.00 23.99  ? 4   DT  A O2    1 
ATOM   76   N N3    . DT  A 1 4   ? -3.404  -16.801 -1.291  1.00 23.00  ? 4   DT  A N3    1 
ATOM   77   C C4    . DT  A 1 4   ? -3.675  -15.485 -1.012  1.00 20.24  ? 4   DT  A C4    1 
ATOM   78   O O4    . DT  A 1 4   ? -4.751  -15.004 -1.362  1.00 25.86  ? 4   DT  A O4    1 
ATOM   79   C C5    . DT  A 1 4   ? -2.616  -14.770 -0.292  1.00 24.98  ? 4   DT  A C5    1 
ATOM   80   C C7    . DT  A 1 4   ? -2.798  -13.320 0.023   1.00 20.62  ? 4   DT  A C7    1 
ATOM   81   C C6    . DT  A 1 4   ? -1.507  -15.453 0.040   1.00 22.42  ? 4   DT  A C6    1 
ATOM   82   P P     . DC  A 1 5   ? 4.047   -19.038 -0.509  1.00 35.00  ? 5   DC  A P     1 
ATOM   83   O OP1   . DC  A 1 5   ? 4.870   -19.498 0.632   1.00 37.38  ? 5   DC  A OP1   1 
ATOM   84   O OP2   . DC  A 1 5   ? 4.495   -17.883 -1.332  1.00 34.85  ? 5   DC  A OP2   1 
ATOM   85   O "O5'" . DC  A 1 5   ? 3.844   -20.237 -1.516  1.00 34.33  ? 5   DC  A "O5'" 1 
ATOM   86   C "C5'" . DC  A 1 5   ? 2.992   -21.322 -1.180  1.00 28.53  ? 5   DC  A "C5'" 1 
ATOM   87   C "C4'" . DC  A 1 5   ? 2.184   -21.764 -2.377  1.00 26.32  ? 5   DC  A "C4'" 1 
ATOM   88   O "O4'" . DC  A 1 5   ? 0.966   -21.007 -2.536  1.00 29.90  ? 5   DC  A "O4'" 1 
ATOM   89   C "C3'" . DC  A 1 5   ? 2.836   -21.873 -3.760  1.00 25.64  ? 5   DC  A "C3'" 1 
ATOM   90   O "O3'" . DC  A 1 5   ? 2.645   -23.212 -4.247  1.00 24.72  ? 5   DC  A "O3'" 1 
ATOM   91   C "C2'" . DC  A 1 5   ? 2.091   -20.841 -4.605  1.00 23.86  ? 5   DC  A "C2'" 1 
ATOM   92   C "C1'" . DC  A 1 5   ? 0.732   -20.726 -3.906  1.00 26.37  ? 5   DC  A "C1'" 1 
ATOM   93   N N1    . DC  A 1 5   ? 0.082   -19.406 -3.967  1.00 20.07  ? 5   DC  A N1    1 
ATOM   94   C C2    . DC  A 1 5   ? -1.239  -19.347 -4.416  1.00 26.78  ? 5   DC  A C2    1 
ATOM   95   O O2    . DC  A 1 5   ? -1.818  -20.410 -4.698  1.00 26.57  ? 5   DC  A O2    1 
ATOM   96   N N3    . DC  A 1 5   ? -1.859  -18.137 -4.522  1.00 23.77  ? 5   DC  A N3    1 
ATOM   97   C C4    . DC  A 1 5   ? -1.210  -17.020 -4.160  1.00 26.39  ? 5   DC  A C4    1 
ATOM   98   N N4    . DC  A 1 5   ? -1.868  -15.852 -4.264  1.00 19.64  ? 5   DC  A N4    1 
ATOM   99   C C5    . DC  A 1 5   ? 0.136   -17.053 -3.673  1.00 23.77  ? 5   DC  A C5    1 
ATOM   100  C C6    . DC  A 1 5   ? 0.741   -18.258 -3.598  1.00 23.18  ? 5   DC  A C6    1 
ATOM   101  P P     . DT  A 1 6   ? 3.252   -23.653 -5.671  1.00 29.48  ? 6   DT  A P     1 
ATOM   102  O OP1   . DT  A 1 6   ? 3.295   -25.138 -5.689  1.00 28.90  ? 6   DT  A OP1   1 
ATOM   103  O OP2   . DT  A 1 6   ? 4.487   -22.881 -5.972  1.00 29.01  ? 6   DT  A OP2   1 
ATOM   104  O "O5'" . DT  A 1 6   ? 2.089   -23.258 -6.661  1.00 31.96  ? 6   DT  A "O5'" 1 
ATOM   105  C "C5'" . DT  A 1 6   ? 0.860   -24.010 -6.613  1.00 26.09  ? 6   DT  A "C5'" 1 
ATOM   106  C "C4'" . DT  A 1 6   ? -0.076  -23.565 -7.701  1.00 22.51  ? 6   DT  A "C4'" 1 
ATOM   107  O "O4'" . DT  A 1 6   ? -0.471  -22.217 -7.413  1.00 24.46  ? 6   DT  A "O4'" 1 
ATOM   108  C "C3'" . DT  A 1 6   ? 0.481   -23.562 -9.122  1.00 29.75  ? 6   DT  A "C3'" 1 
ATOM   109  O "O3'" . DT  A 1 6   ? -0.395  -24.329 -9.939  1.00 27.38  ? 6   DT  A "O3'" 1 
ATOM   110  C "C2'" . DT  A 1 6   ? 0.508   -22.089 -9.500  1.00 22.46  ? 6   DT  A "C2'" 1 
ATOM   111  C "C1'" . DT  A 1 6   ? -0.577  -21.504 -8.619  1.00 22.03  ? 6   DT  A "C1'" 1 
ATOM   112  N N1    . DT  A 1 6   ? -0.403  -20.084 -8.295  1.00 21.27  ? 6   DT  A N1    1 
ATOM   113  C C2    . DT  A 1 6   ? -1.439  -19.207 -8.551  1.00 22.24  ? 6   DT  A C2    1 
ATOM   114  O O2    . DT  A 1 6   ? -2.498  -19.536 -9.068  1.00 24.50  ? 6   DT  A O2    1 
ATOM   115  N N3    . DT  A 1 6   ? -1.192  -17.914 -8.189  1.00 19.20  ? 6   DT  A N3    1 
ATOM   116  C C4    . DT  A 1 6   ? -0.051  -17.412 -7.631  1.00 19.65  ? 6   DT  A C4    1 
ATOM   117  O O4    . DT  A 1 6   ? -0.022  -16.225 -7.321  1.00 18.47  ? 6   DT  A O4    1 
ATOM   118  C C5    . DT  A 1 6   ? 1.031   -18.382 -7.435  1.00 22.36  ? 6   DT  A C5    1 
ATOM   119  C C7    . DT  A 1 6   ? 2.366   -17.926 -6.918  1.00 20.91  ? 6   DT  A C7    1 
ATOM   120  C C6    . DT  A 1 6   ? 0.785   -19.649 -7.751  1.00 21.88  ? 6   DT  A C6    1 
ATOM   121  P P     . DA  A 1 7   ? -0.111  -24.489 -11.512 1.00 33.93  ? 7   DA  A P     1 
ATOM   122  O OP1   . DA  A 1 7   ? -0.528  -25.898 -11.792 1.00 37.90  ? 7   DA  A OP1   1 
ATOM   123  O OP2   . DA  A 1 7   ? 1.235   -24.033 -11.931 1.00 27.04  ? 7   DA  A OP2   1 
ATOM   124  O "O5'" . DA  A 1 7   ? -1.195  -23.532 -12.170 1.00 33.37  ? 7   DA  A "O5'" 1 
ATOM   125  C "C5'" . DA  A 1 7   ? -2.585  -23.642 -11.768 1.00 29.12  ? 7   DA  A "C5'" 1 
ATOM   126  C "C4'" . DA  A 1 7   ? -3.438  -22.627 -12.488 1.00 30.93  ? 7   DA  A "C4'" 1 
ATOM   127  O "O4'" . DA  A 1 7   ? -3.259  -21.306 -11.926 1.00 30.07  ? 7   DA  A "O4'" 1 
ATOM   128  C "C3'" . DA  A 1 7   ? -3.240  -22.492 -13.999 1.00 30.64  ? 7   DA  A "C3'" 1 
ATOM   129  O "O3'" . DA  A 1 7   ? -4.555  -22.432 -14.571 1.00 37.39  ? 7   DA  A "O3'" 1 
ATOM   130  C "C2'" . DA  A 1 7   ? -2.482  -21.178 -14.141 1.00 28.12  ? 7   DA  A "C2'" 1 
ATOM   131  C "C1'" . DA  A 1 7   ? -2.967  -20.363 -12.943 1.00 27.90  ? 7   DA  A "C1'" 1 
ATOM   132  N N9    . DA  A 1 7   ? -2.019  -19.387 -12.390 1.00 19.74  ? 7   DA  A N9    1 
ATOM   133  C C8    . DA  A 1 7   ? -0.745  -19.591 -11.923 1.00 20.89  ? 7   DA  A C8    1 
ATOM   134  N N7    . DA  A 1 7   ? -0.160  -18.499 -11.476 1.00 23.52  ? 7   DA  A N7    1 
ATOM   135  C C5    . DA  A 1 7   ? -1.119  -17.511 -11.663 1.00 22.58  ? 7   DA  A C5    1 
ATOM   136  C C6    . DA  A 1 7   ? -1.113  -16.122 -11.415 1.00 16.07  ? 7   DA  A C6    1 
ATOM   137  N N6    . DA  A 1 7   ? -0.079  -15.463 -10.895 1.00 19.84  ? 7   DA  A N6    1 
ATOM   138  N N1    . DA  A 1 7   ? -2.217  -15.426 -11.734 1.00 20.45  ? 7   DA  A N1    1 
ATOM   139  C C2    . DA  A 1 7   ? -3.271  -16.079 -12.261 1.00 22.97  ? 7   DA  A C2    1 
ATOM   140  N N3    . DA  A 1 7   ? -3.404  -17.373 -12.541 1.00 23.75  ? 7   DA  A N3    1 
ATOM   141  C C4    . DA  A 1 7   ? -2.269  -18.044 -12.228 1.00 23.98  ? 7   DA  A C4    1 
ATOM   142  P P     . DG  A 1 8   ? -4.778  -22.425 -16.168 1.00 32.03  ? 8   DG  A P     1 
ATOM   143  O OP1   . DG  A 1 8   ? -5.852  -23.440 -16.462 1.00 39.06  ? 8   DG  A OP1   1 
ATOM   144  O OP2   . DG  A 1 8   ? -3.501  -22.482 -16.910 1.00 34.32  ? 8   DG  A OP2   1 
ATOM   145  O "O5'" . DG  A 1 8   ? -5.465  -21.011 -16.378 1.00 32.07  ? 8   DG  A "O5'" 1 
ATOM   146  C "C5'" . DG  A 1 8   ? -6.554  -20.623 -15.490 1.00 34.83  ? 8   DG  A "C5'" 1 
ATOM   147  C "C4'" . DG  A 1 8   ? -7.038  -19.221 -15.777 1.00 35.69  ? 8   DG  A "C4'" 1 
ATOM   148  O "O4'" . DG  A 1 8   ? -6.172  -18.217 -15.193 1.00 34.68  ? 8   DG  A "O4'" 1 
ATOM   149  C "C3'" . DG  A 1 8   ? -7.199  -18.861 -17.246 1.00 38.06  ? 8   DG  A "C3'" 1 
ATOM   150  O "O3'" . DG  A 1 8   ? -8.395  -18.093 -17.379 1.00 43.58  ? 8   DG  A "O3'" 1 
ATOM   151  C "C2'" . DG  A 1 8   ? -5.978  -18.002 -17.528 1.00 37.25  ? 8   DG  A "C2'" 1 
ATOM   152  C "C1'" . DG  A 1 8   ? -5.718  -17.324 -16.191 1.00 30.63  ? 8   DG  A "C1'" 1 
ATOM   153  N N9    . DG  A 1 8   ? -4.301  -17.092 -15.945 1.00 29.63  ? 8   DG  A N9    1 
ATOM   154  C C8    . DG  A 1 8   ? -3.281  -18.027 -15.990 1.00 24.79  ? 8   DG  A C8    1 
ATOM   155  N N7    . DG  A 1 8   ? -2.122  -17.525 -15.683 1.00 22.14  ? 8   DG  A N7    1 
ATOM   156  C C5    . DG  A 1 8   ? -2.393  -16.177 -15.420 1.00 20.76  ? 8   DG  A C5    1 
ATOM   157  C C6    . DG  A 1 8   ? -1.538  -15.121 -15.023 1.00 20.12  ? 8   DG  A C6    1 
ATOM   158  O O6    . DG  A 1 8   ? -0.326  -15.157 -14.805 1.00 26.14  ? 8   DG  A O6    1 
ATOM   159  N N1    . DG  A 1 8   ? -2.231  -13.913 -14.896 1.00 24.86  ? 8   DG  A N1    1 
ATOM   160  C C2    . DG  A 1 8   ? -3.569  -13.740 -15.141 1.00 24.50  ? 8   DG  A C2    1 
ATOM   161  N N2    . DG  A 1 8   ? -4.051  -12.485 -15.034 1.00 23.85  ? 8   DG  A N2    1 
ATOM   162  N N3    . DG  A 1 8   ? -4.379  -14.721 -15.490 1.00 25.00  ? 8   DG  A N3    1 
ATOM   163  C C4    . DG  A 1 8   ? -3.731  -15.902 -15.608 1.00 21.40  ? 8   DG  A C4    1 
ATOM   164  P P     . DA  A 1 9   ? -8.965  -17.742 -18.837 1.00 50.17  ? 9   DA  A P     1 
ATOM   165  O OP1   . DA  A 1 9   ? -10.448 -17.646 -18.660 1.00 52.33  ? 9   DA  A OP1   1 
ATOM   166  O OP2   . DA  A 1 9   ? -8.392  -18.680 -19.858 1.00 40.01  ? 9   DA  A OP2   1 
ATOM   167  O "O5'" . DA  A 1 9   ? -8.351  -16.299 -19.111 1.00 48.55  ? 9   DA  A "O5'" 1 
ATOM   168  C "C5'" . DA  A 1 9   ? -8.397  -15.281 -18.099 1.00 48.27  ? 9   DA  A "C5'" 1 
ATOM   169  C "C4'" . DA  A 1 9   ? -7.724  -14.024 -18.598 1.00 51.35  ? 9   DA  A "C4'" 1 
ATOM   170  O "O4'" . DA  A 1 9   ? -6.323  -13.948 -18.225 1.00 47.75  ? 9   DA  A "O4'" 1 
ATOM   171  C "C3'" . DA  A 1 9   ? -7.791  -13.819 -20.112 1.00 49.39  ? 9   DA  A "C3'" 1 
ATOM   172  O "O3'" . DA  A 1 9   ? -8.176  -12.467 -20.370 1.00 53.76  ? 9   DA  A "O3'" 1 
ATOM   173  C "C2'" . DA  A 1 9   ? -6.366  -14.096 -20.574 1.00 48.98  ? 9   DA  A "C2'" 1 
ATOM   174  C "C1'" . DA  A 1 9   ? -5.527  -13.663 -19.369 1.00 44.79  ? 9   DA  A "C1'" 1 
ATOM   175  N N9    . DA  A 1 9   ? -4.238  -14.352 -19.209 1.00 33.38  ? 9   DA  A N9    1 
ATOM   176  C C8    . DA  A 1 9   ? -3.921  -15.647 -19.549 1.00 33.46  ? 9   DA  A C8    1 
ATOM   177  N N7    . DA  A 1 9   ? -2.676  -15.972 -19.305 1.00 28.15  ? 9   DA  A N7    1 
ATOM   178  C C5    . DA  A 1 9   ? -2.135  -14.813 -18.766 1.00 32.72  ? 9   DA  A C5    1 
ATOM   179  C C6    . DA  A 1 9   ? -0.833  -14.489 -18.310 1.00 27.71  ? 9   DA  A C6    1 
ATOM   180  N N6    . DA  A 1 9   ? 0.212   -15.339 -18.341 1.00 27.07  ? 9   DA  A N6    1 
ATOM   181  N N1    . DA  A 1 9   ? -0.639  -13.244 -17.830 1.00 23.14  ? 9   DA  A N1    1 
ATOM   182  C C2    . DA  A 1 9   ? -1.664  -12.387 -17.815 1.00 20.94  ? 9   DA  A C2    1 
ATOM   183  N N3    . DA  A 1 9   ? -2.919  -12.564 -18.219 1.00 28.83  ? 9   DA  A N3    1 
ATOM   184  C C4    . DA  A 1 9   ? -3.093  -13.812 -18.693 1.00 27.78  ? 9   DA  A C4    1 
ATOM   185  P P     . DA  A 1 10  ? -8.598  -12.020 -21.854 1.00 53.16  ? 10  DA  A P     1 
ATOM   186  O OP1   . DA  A 1 10  ? -9.970  -11.456 -21.787 1.00 62.02  ? 10  DA  A OP1   1 
ATOM   187  O OP2   . DA  A 1 10  ? -8.285  -13.105 -22.823 1.00 54.61  ? 10  DA  A OP2   1 
ATOM   188  O "O5'" . DA  A 1 10  ? -7.616  -10.806 -22.108 1.00 49.52  ? 10  DA  A "O5'" 1 
ATOM   189  C "C5'" . DA  A 1 10  ? -7.304  -9.920  -21.036 1.00 43.11  ? 10  DA  A "C5'" 1 
ATOM   190  C "C4'" . DA  A 1 10  ? -5.991  -9.227  -21.309 1.00 46.76  ? 10  DA  A "C4'" 1 
ATOM   191  O "O4'" . DA  A 1 10  ? -4.836  -10.045 -20.971 1.00 37.63  ? 10  DA  A "O4'" 1 
ATOM   192  C "C3'" . DA  A 1 10  ? -5.828  -8.820  -22.772 1.00 46.71  ? 10  DA  A "C3'" 1 
ATOM   193  O "O3'" . DA  A 1 10  ? -5.350  -7.482  -22.825 1.00 50.01  ? 10  DA  A "O3'" 1 
ATOM   194  C "C2'" . DA  A 1 10  ? -4.791  -9.799  -23.304 1.00 42.73  ? 10  DA  A "C2'" 1 
ATOM   195  C "C1'" . DA  A 1 10  ? -3.932  -10.043 -22.065 1.00 37.16  ? 10  DA  A "C1'" 1 
ATOM   196  N N9    . DA  A 1 10  ? -3.163  -11.291 -22.040 1.00 30.86  ? 10  DA  A N9    1 
ATOM   197  C C8    . DA  A 1 10  ? -3.487  -12.513 -22.572 1.00 29.07  ? 10  DA  A C8    1 
ATOM   198  N N7    . DA  A 1 10  ? -2.541  -13.417 -22.433 1.00 33.38  ? 10  DA  A N7    1 
ATOM   199  C C5    . DA  A 1 10  ? -1.532  -12.745 -21.744 1.00 28.98  ? 10  DA  A C5    1 
ATOM   200  C C6    . DA  A 1 10  ? -0.249  -13.139 -21.311 1.00 24.77  ? 10  DA  A C6    1 
ATOM   201  N N6    . DA  A 1 10  ? 0.251   -14.355 -21.494 1.00 21.75  ? 10  DA  A N6    1 
ATOM   202  N N1    . DA  A 1 10  ? 0.511   -12.226 -20.679 1.00 22.90  ? 10  DA  A N1    1 
ATOM   203  C C2    . DA  A 1 10  ? 0.015   -11.010 -20.487 1.00 22.78  ? 10  DA  A C2    1 
ATOM   204  N N3    . DA  A 1 10  ? -1.172  -10.518 -20.838 1.00 32.68  ? 10  DA  A N3    1 
ATOM   205  C C4    . DA  A 1 10  ? -1.909  -11.446 -21.479 1.00 30.11  ? 10  DA  A C4    1 
ATOM   206  P P     . DC  A 1 11  ? -5.733  -6.554  -24.071 1.00 53.49  ? 11  DC  A P     1 
ATOM   207  O OP1   . DC  A 1 11  ? -6.600  -5.435  -23.578 1.00 52.96  ? 11  DC  A OP1   1 
ATOM   208  O OP2   . DC  A 1 11  ? -6.217  -7.439  -25.189 1.00 52.92  ? 11  DC  A OP2   1 
ATOM   209  O "O5'" . DC  A 1 11  ? -4.323  -5.931  -24.468 1.00 53.53  ? 11  DC  A "O5'" 1 
ATOM   210  C "C5'" . DC  A 1 11  ? -3.653  -5.037  -23.566 1.00 50.68  ? 11  DC  A "C5'" 1 
ATOM   211  C "C4'" . DC  A 1 11  ? -2.190  -5.402  -23.423 1.00 51.98  ? 11  DC  A "C4'" 1 
ATOM   212  O "O4'" . DC  A 1 11  ? -2.050  -6.775  -23.000 1.00 46.56  ? 11  DC  A "O4'" 1 
ATOM   213  C "C3'" . DC  A 1 11  ? -1.282  -5.317  -24.646 1.00 46.54  ? 11  DC  A "C3'" 1 
ATOM   214  O "O3'" . DC  A 1 11  ? -0.805  -3.982  -24.865 1.00 43.66  ? 11  DC  A "O3'" 1 
ATOM   215  C "C2'" . DC  A 1 11  ? -0.107  -6.155  -24.195 1.00 45.45  ? 11  DC  A "C2'" 1 
ATOM   216  C "C1'" . DC  A 1 11  ? -0.705  -7.153  -23.230 1.00 37.59  ? 11  DC  A "C1'" 1 
ATOM   217  N N1    . DC  A 1 11  ? -0.668  -8.512  -23.768 1.00 32.54  ? 11  DC  A N1    1 
ATOM   218  C C2    . DC  A 1 11  ? 0.411   -9.299  -23.401 1.00 27.70  ? 11  DC  A C2    1 
ATOM   219  O O2    . DC  A 1 11  ? 1.266   -8.818  -22.629 1.00 35.74  ? 11  DC  A O2    1 
ATOM   220  N N3    . DC  A 1 11  ? 0.513   -10.549 -23.891 1.00 27.63  ? 11  DC  A N3    1 
ATOM   221  C C4    . DC  A 1 11  ? -0.404  -11.013 -24.719 1.00 21.81  ? 11  DC  A C4    1 
ATOM   222  N N4    . DC  A 1 11  ? -0.238  -12.252 -25.187 1.00 25.24  ? 11  DC  A N4    1 
ATOM   223  C C5    . DC  A 1 11  ? -1.533  -10.227 -25.112 1.00 25.90  ? 11  DC  A C5    1 
ATOM   224  C C6    . DC  A 1 11  ? -1.621  -8.991  -24.614 1.00 25.10  ? 11  DC  A C6    1 
ATOM   225  P P     . DC  A 1 12  ? 0.083   -3.652  -26.173 1.00 41.19  ? 12  DC  A P     1 
ATOM   226  O OP1   . DC  A 1 12  ? 0.234   -2.182  -26.238 1.00 40.64  ? 12  DC  A OP1   1 
ATOM   227  O OP2   . DC  A 1 12  ? -0.474  -4.409  -27.352 1.00 35.17  ? 12  DC  A OP2   1 
ATOM   228  O "O5'" . DC  A 1 12  ? 1.531   -4.276  -25.896 1.00 43.53  ? 12  DC  A "O5'" 1 
ATOM   229  C "C5'" . DC  A 1 12  ? 2.395   -3.813  -24.811 1.00 39.60  ? 12  DC  A "C5'" 1 
ATOM   230  C "C4'" . DC  A 1 12  ? 3.662   -4.647  -24.756 1.00 40.97  ? 12  DC  A "C4'" 1 
ATOM   231  O "O4'" . DC  A 1 12  ? 3.367   -6.009  -24.354 1.00 33.75  ? 12  DC  A "O4'" 1 
ATOM   232  C "C3'" . DC  A 1 12  ? 4.412   -4.783  -26.084 1.00 37.84  ? 12  DC  A "C3'" 1 
ATOM   233  O "O3'" . DC  A 1 12  ? 5.284   -3.662  -26.337 1.00 39.05  ? 12  DC  A "O3'" 1 
ATOM   234  C "C2'" . DC  A 1 12  ? 5.154   -6.099  -25.924 1.00 33.21  ? 12  DC  A "C2'" 1 
ATOM   235  C "C1'" . DC  A 1 12  ? 4.222   -6.927  -25.051 1.00 31.54  ? 12  DC  A "C1'" 1 
ATOM   236  N N1    . DC  A 1 12  ? 3.367   -7.890  -25.778 1.00 29.37  ? 12  DC  A N1    1 
ATOM   237  C C2    . DC  A 1 12  ? 3.893   -9.138  -26.133 1.00 29.79  ? 12  DC  A C2    1 
ATOM   238  O O2    . DC  A 1 12  ? 5.086   -9.389  -25.880 1.00 33.23  ? 12  DC  A O2    1 
ATOM   239  N N3    . DC  A 1 12  ? 3.084   -10.045 -26.761 1.00 27.78  ? 12  DC  A N3    1 
ATOM   240  C C4    . DC  A 1 12  ? 1.814   -9.725  -27.043 1.00 24.30  ? 12  DC  A C4    1 
ATOM   241  N N4    . DC  A 1 12  ? 1.040   -10.647 -27.658 1.00 24.17  ? 12  DC  A N4    1 
ATOM   242  C C5    . DC  A 1 12  ? 1.273   -8.452  -26.716 1.00 22.16  ? 12  DC  A C5    1 
ATOM   243  C C6    . DC  A 1 12  ? 2.069   -7.579  -26.088 1.00 27.84  ? 12  DC  A C6    1 
ATOM   244  N N     . MET B 2 10  ? -13.958 0.812   11.681  1.00 76.35  ? 192 MET B N     1 
ATOM   245  C CA    . MET B 2 10  ? -14.950 1.116   10.603  1.00 76.10  ? 192 MET B CA    1 
ATOM   246  C C     . MET B 2 10  ? -15.778 -0.106  10.190  1.00 72.78  ? 192 MET B C     1 
ATOM   247  O O     . MET B 2 10  ? -15.717 -1.159  10.823  1.00 71.99  ? 192 MET B O     1 
ATOM   248  C CB    . MET B 2 10  ? -14.221 1.672   9.384   1.00 78.01  ? 192 MET B CB    1 
ATOM   249  C CG    . MET B 2 10  ? -13.836 3.121   9.533   1.00 82.70  ? 192 MET B CG    1 
ATOM   250  S SD    . MET B 2 10  ? -15.277 4.157   9.297   1.00 90.15  ? 192 MET B SD    1 
ATOM   251  C CE    . MET B 2 10  ? -15.817 3.577   7.676   1.00 88.33  ? 192 MET B CE    1 
ATOM   252  N N     . ALA B 2 11  ? -16.561 0.051   9.128   1.00 70.07  ? 193 ALA B N     1 
ATOM   253  C CA    . ALA B 2 11  ? -17.390 -1.032  8.612   1.00 63.82  ? 193 ALA B CA    1 
ATOM   254  C C     . ALA B 2 11  ? -16.680 -1.748  7.465   1.00 62.50  ? 193 ALA B C     1 
ATOM   255  O O     . ALA B 2 11  ? -17.077 -2.843  7.091   1.00 64.68  ? 193 ALA B O     1 
ATOM   256  C CB    . ALA B 2 11  ? -18.720 -0.489  8.126   1.00 64.07  ? 193 ALA B CB    1 
ATOM   257  N N     . ARG B 2 12  ? -15.640 -1.122  6.911   1.00 58.07  ? 194 ARG B N     1 
ATOM   258  C CA    . ARG B 2 12  ? -14.874 -1.688  5.792   1.00 52.87  ? 194 ARG B CA    1 
ATOM   259  C C     . ARG B 2 12  ? -14.087 -2.931  6.200   1.00 44.79  ? 194 ARG B C     1 
ATOM   260  O O     . ARG B 2 12  ? -13.795 -3.122  7.375   1.00 43.72  ? 194 ARG B O     1 
ATOM   261  C CB    . ARG B 2 12  ? -13.928 -0.628  5.229   1.00 56.27  ? 194 ARG B CB    1 
ATOM   262  C CG    . ARG B 2 12  ? -14.533 0.772   5.243   1.00 70.87  ? 194 ARG B CG    1 
ATOM   263  C CD    . ARG B 2 12  ? -13.812 1.739   4.310   1.00 82.16  ? 194 ARG B CD    1 
ATOM   264  N NE    . ARG B 2 12  ? -13.217 1.082   3.142   1.00 94.52  ? 194 ARG B NE    1 
ATOM   265  C CZ    . ARG B 2 12  ? -13.897 0.571   2.108   1.00 98.50  ? 194 ARG B CZ    1 
ATOM   266  N NH1   . ARG B 2 12  ? -15.224 0.629   2.063   1.00 98.17  ? 194 ARG B NH1   1 
ATOM   267  N NH2   . ARG B 2 12  ? -13.236 0.018   1.093   1.00 101.39 ? 194 ARG B NH2   1 
ATOM   268  N N     . PRO B 2 13  ? -13.721 -3.785  5.225   1.00 37.26  ? 195 PRO B N     1 
ATOM   269  C CA    . PRO B 2 13  ? -12.965 -5.002  5.554   1.00 33.43  ? 195 PRO B CA    1 
ATOM   270  C C     . PRO B 2 13  ? -11.680 -4.646  6.279   1.00 28.52  ? 195 PRO B C     1 
ATOM   271  O O     . PRO B 2 13  ? -11.095 -3.600  6.018   1.00 33.51  ? 195 PRO B O     1 
ATOM   272  C CB    . PRO B 2 13  ? -12.701 -5.659  4.199   1.00 32.19  ? 195 PRO B CB    1 
ATOM   273  C CG    . PRO B 2 13  ? -13.595 -4.981  3.238   1.00 33.87  ? 195 PRO B CG    1 
ATOM   274  C CD    . PRO B 2 13  ? -13.955 -3.638  3.781   1.00 34.48  ? 195 PRO B CD    1 
ATOM   275  N N     . ALA B 2 14  ? -11.236 -5.509  7.187   1.00 27.22  ? 196 ALA B N     1 
ATOM   276  C CA    . ALA B 2 14  ? -10.022 -5.265  7.977   1.00 28.46  ? 196 ALA B CA    1 
ATOM   277  C C     . ALA B 2 14  ? -8.784  -4.894  7.147   1.00 27.70  ? 196 ALA B C     1 
ATOM   278  O O     . ALA B 2 14  ? -8.059  -3.959  7.487   1.00 30.66  ? 196 ALA B O     1 
ATOM   279  C CB    . ALA B 2 14  ? -9.716  -6.478  8.873   1.00 31.18  ? 196 ALA B CB    1 
ATOM   280  N N     . PHE B 2 15  ? -8.560  -5.594  6.037   1.00 29.50  ? 197 PHE B N     1 
ATOM   281  C CA    . PHE B 2 15  ? -7.396  -5.291  5.220   1.00 27.46  ? 197 PHE B CA    1 
ATOM   282  C C     . PHE B 2 15  ? -7.499  -3.839  4.792   1.00 25.11  ? 197 PHE B C     1 
ATOM   283  O O     . PHE B 2 15  ? -6.518  -3.083  4.843   1.00 25.59  ? 197 PHE B O     1 
ATOM   284  C CB    . PHE B 2 15  ? -7.341  -6.189  3.989   1.00 25.62  ? 197 PHE B CB    1 
ATOM   285  C CG    . PHE B 2 15  ? -6.183  -5.879  3.091   1.00 26.39  ? 197 PHE B CG    1 
ATOM   286  C CD1   . PHE B 2 15  ? -4.943  -6.458  3.312   1.00 23.19  ? 197 PHE B CD1   1 
ATOM   287  C CD2   . PHE B 2 15  ? -6.314  -4.953  2.062   1.00 26.14  ? 197 PHE B CD2   1 
ATOM   288  C CE1   . PHE B 2 15  ? -3.852  -6.113  2.531   1.00 21.66  ? 197 PHE B CE1   1 
ATOM   289  C CE2   . PHE B 2 15  ? -5.210  -4.601  1.267   1.00 23.30  ? 197 PHE B CE2   1 
ATOM   290  C CZ    . PHE B 2 15  ? -3.987  -5.184  1.512   1.00 21.50  ? 197 PHE B CZ    1 
ATOM   291  N N     . VAL B 2 16  ? -8.704  -3.447  4.383   1.00 26.57  ? 198 VAL B N     1 
ATOM   292  C CA    . VAL B 2 16  ? -8.920  -2.084  3.933   1.00 26.39  ? 198 VAL B CA    1 
ATOM   293  C C     . VAL B 2 16  ? -8.693  -1.090  5.070   1.00 30.15  ? 198 VAL B C     1 
ATOM   294  O O     . VAL B 2 16  ? -8.134  0.003   4.860   1.00 28.75  ? 198 VAL B O     1 
ATOM   295  C CB    . VAL B 2 16  ? -10.305 -1.901  3.328   1.00 25.64  ? 198 VAL B CB    1 
ATOM   296  C CG1   . VAL B 2 16  ? -10.495 -0.430  2.943   1.00 29.89  ? 198 VAL B CG1   1 
ATOM   297  C CG2   . VAL B 2 16  ? -10.448 -2.772  2.084   1.00 24.09  ? 198 VAL B CG2   1 
ATOM   298  N N     . ASN B 2 17  ? -9.083  -1.448  6.280   1.00 29.24  ? 199 ASN B N     1 
ATOM   299  C CA    . ASN B 2 17  ? -8.797  -0.513  7.367   1.00 31.32  ? 199 ASN B CA    1 
ATOM   300  C C     . ASN B 2 17  ? -7.269  -0.371  7.556   1.00 31.49  ? 199 ASN B C     1 
ATOM   301  O O     . ASN B 2 17  ? -6.765  0.733   7.729   1.00 29.27  ? 199 ASN B O     1 
ATOM   302  C CB    . ASN B 2 17  ? -9.519  -0.950  8.622   1.00 33.71  ? 199 ASN B CB    1 
ATOM   303  C CG    . ASN B 2 17  ? -11.029 -0.765  8.486   1.00 39.05  ? 199 ASN B CG    1 
ATOM   304  O OD1   . ASN B 2 17  ? -11.502 0.304   8.070   1.00 47.12  ? 199 ASN B OD1   1 
ATOM   305  N ND2   . ASN B 2 17  ? -11.789 -1.803  8.807   1.00 43.52  ? 199 ASN B ND2   1 
ATOM   306  N N     . LYS B 2 18  ? -6.534  -1.477  7.485   1.00 28.59  ? 200 LYS B N     1 
ATOM   307  C CA    . LYS B 2 18  ? -5.075  -1.415  7.604   1.00 28.29  ? 200 LYS B CA    1 
ATOM   308  C C     . LYS B 2 18  ? -4.470  -0.496  6.561   1.00 27.76  ? 200 LYS B C     1 
ATOM   309  O O     . LYS B 2 18  ? -3.621  0.329   6.865   1.00 28.82  ? 200 LYS B O     1 
ATOM   310  C CB    . LYS B 2 18  ? -4.442  -2.794  7.419   1.00 28.52  ? 200 LYS B CB    1 
ATOM   311  C CG    . LYS B 2 18  ? -4.464  -3.679  8.642   1.00 30.82  ? 200 LYS B CG    1 
ATOM   312  C CD    . LYS B 2 18  ? -4.237  -5.132  8.229   1.00 33.31  ? 200 LYS B CD    1 
ATOM   313  C CE    . LYS B 2 18  ? -4.489  -6.105  9.368   1.00 40.82  ? 200 LYS B CE    1 
ATOM   314  N NZ    . LYS B 2 18  ? -5.907  -6.578  9.353   1.00 42.05  ? 200 LYS B NZ    1 
ATOM   315  N N     . LEU B 2 19  ? -4.866  -0.672  5.306   1.00 24.32  ? 201 LEU B N     1 
ATOM   316  C CA    . LEU B 2 19  ? -4.332  0.162   4.245   1.00 25.53  ? 201 LEU B CA    1 
ATOM   317  C C     . LEU B 2 19  ? -4.532  1.656   4.566   1.00 29.58  ? 201 LEU B C     1 
ATOM   318  O O     . LEU B 2 19  ? -3.625  2.481   4.393   1.00 26.93  ? 201 LEU B O     1 
ATOM   319  C CB    . LEU B 2 19  ? -5.018  -0.217  2.935   1.00 23.47  ? 201 LEU B CB    1 
ATOM   320  C CG    . LEU B 2 19  ? -4.668  0.540   1.681   1.00 25.94  ? 201 LEU B CG    1 
ATOM   321  C CD1   . LEU B 2 19  ? -3.210  0.266   1.375   1.00 29.76  ? 201 LEU B CD1   1 
ATOM   322  C CD2   . LEU B 2 19  ? -5.547  0.072   0.507   1.00 25.85  ? 201 LEU B CD2   1 
ATOM   323  N N     . TRP B 2 20  ? -5.738  1.997   5.010   1.00 33.91  ? 202 TRP B N     1 
ATOM   324  C CA    . TRP B 2 20  ? -6.094  3.364   5.387   1.00 35.61  ? 202 TRP B CA    1 
ATOM   325  C C     . TRP B 2 20  ? -5.151  3.921   6.459   1.00 33.39  ? 202 TRP B C     1 
ATOM   326  O O     . TRP B 2 20  ? -4.672  5.048   6.335   1.00 30.09  ? 202 TRP B O     1 
ATOM   327  C CB    . TRP B 2 20  ? -7.534  3.399   5.912   1.00 43.20  ? 202 TRP B CB    1 
ATOM   328  C CG    . TRP B 2 20  ? -7.916  4.742   6.480   1.00 62.41  ? 202 TRP B CG    1 
ATOM   329  C CD1   . TRP B 2 20  ? -7.821  5.145   7.795   1.00 64.79  ? 202 TRP B CD1   1 
ATOM   330  C CD2   . TRP B 2 20  ? -8.381  5.891   5.744   1.00 68.44  ? 202 TRP B CD2   1 
ATOM   331  N NE1   . TRP B 2 20  ? -8.191  6.470   7.913   1.00 66.90  ? 202 TRP B NE1   1 
ATOM   332  C CE2   . TRP B 2 20  ? -8.540  6.953   6.675   1.00 70.79  ? 202 TRP B CE2   1 
ATOM   333  C CE3   . TRP B 2 20  ? -8.675  6.128   4.391   1.00 70.45  ? 202 TRP B CE3   1 
ATOM   334  C CZ2   . TRP B 2 20  ? -8.983  8.237   6.290   1.00 72.64  ? 202 TRP B CZ2   1 
ATOM   335  C CZ3   . TRP B 2 20  ? -9.116  7.408   4.008   1.00 74.28  ? 202 TRP B CZ3   1 
ATOM   336  C CH2   . TRP B 2 20  ? -9.265  8.442   4.958   1.00 73.26  ? 202 TRP B CH2   1 
ATOM   337  N N     . SER B 2 21  ? -4.921  3.132   7.517   1.00 36.19  ? 203 SER B N     1 
ATOM   338  C CA    . SER B 2 21  ? -4.027  3.509   8.632   1.00 39.26  ? 203 SER B CA    1 
ATOM   339  C C     . SER B 2 21  ? -2.633  3.731   8.097   1.00 38.20  ? 203 SER B C     1 
ATOM   340  O O     . SER B 2 21  ? -1.910  4.621   8.534   1.00 37.81  ? 203 SER B O     1 
ATOM   341  C CB    . SER B 2 21  ? -3.942  2.400   9.689   1.00 40.70  ? 203 SER B CB    1 
ATOM   342  O OG    . SER B 2 21  ? -5.199  2.135   10.277  1.00 45.03  ? 203 SER B OG    1 
ATOM   343  N N     . MET B 2 22  ? -2.253  2.851   7.182   1.00 34.95  ? 204 MET B N     1 
ATOM   344  C CA    . MET B 2 22  ? -0.983  2.910   6.520   1.00 33.61  ? 204 MET B CA    1 
ATOM   345  C C     . MET B 2 22  ? -0.744  4.239   5.811   1.00 33.38  ? 204 MET B C     1 
ATOM   346  O O     . MET B 2 22  ? 0.182   4.964   6.141   1.00 36.81  ? 204 MET B O     1 
ATOM   347  C CB    . MET B 2 22  ? -0.927  1.800   5.486   1.00 33.15  ? 204 MET B CB    1 
ATOM   348  C CG    . MET B 2 22  ? 0.179   0.835   5.695   1.00 37.15  ? 204 MET B CG    1 
ATOM   349  S SD    . MET B 2 22  ? 0.122   -0.318  4.350   1.00 35.29  ? 204 MET B SD    1 
ATOM   350  C CE    . MET B 2 22  ? -0.354  -1.818  5.198   1.00 36.77  ? 204 MET B CE    1 
ATOM   351  N N     . VAL B 2 23  ? -1.557  4.546   4.810   1.00 33.05  ? 205 VAL B N     1 
ATOM   352  C CA    . VAL B 2 23  ? -1.364  5.771   4.038   1.00 36.37  ? 205 VAL B CA    1 
ATOM   353  C C     . VAL B 2 23  ? -1.724  7.072   4.740   1.00 37.67  ? 205 VAL B C     1 
ATOM   354  O O     . VAL B 2 23  ? -1.387  8.149   4.260   1.00 43.60  ? 205 VAL B O     1 
ATOM   355  C CB    . VAL B 2 23  ? -2.133  5.716   2.712   1.00 27.78  ? 205 VAL B CB    1 
ATOM   356  C CG1   . VAL B 2 23  ? -2.233  4.283   2.239   1.00 34.40  ? 205 VAL B CG1   1 
ATOM   357  C CG2   . VAL B 2 23  ? -3.499  6.276   2.889   1.00 33.80  ? 205 VAL B CG2   1 
ATOM   358  N N     . ASN B 2 24  ? -2.434  6.984   5.852   1.00 36.16  ? 206 ASN B N     1 
ATOM   359  C CA    . ASN B 2 24  ? -2.800  8.193   6.569   1.00 39.56  ? 206 ASN B CA    1 
ATOM   360  C C     . ASN B 2 24  ? -1.961  8.454   7.813   1.00 42.33  ? 206 ASN B C     1 
ATOM   361  O O     . ASN B 2 24  ? -2.054  9.536   8.404   1.00 41.94  ? 206 ASN B O     1 
ATOM   362  C CB    . ASN B 2 24  ? -4.288  8.161   6.917   1.00 44.71  ? 206 ASN B CB    1 
ATOM   363  C CG    . ASN B 2 24  ? -5.161  8.326   5.686   1.00 49.43  ? 206 ASN B CG    1 
ATOM   364  O OD1   . ASN B 2 24  ? -5.830  7.394   5.261   1.00 58.23  ? 206 ASN B OD1   1 
ATOM   365  N ND2   . ASN B 2 24  ? -5.138  9.514   5.094   1.00 49.61  ? 206 ASN B ND2   1 
ATOM   366  N N     . ASP B 2 25  ? -1.135  7.478   8.207   1.00 40.29  ? 207 ASP B N     1 
ATOM   367  C CA    . ASP B 2 25  ? -0.254  7.640   9.372   1.00 38.13  ? 207 ASP B CA    1 
ATOM   368  C C     . ASP B 2 25  ? 1.065   8.232   8.885   1.00 38.97  ? 207 ASP B C     1 
ATOM   369  O O     . ASP B 2 25  ? 1.884   7.560   8.248   1.00 39.03  ? 207 ASP B O     1 
ATOM   370  C CB    . ASP B 2 25  ? -0.028  6.294   10.066  1.00 36.48  ? 207 ASP B CB    1 
ATOM   371  C CG    . ASP B 2 25  ? 0.865   6.404   11.279  1.00 36.01  ? 207 ASP B CG    1 
ATOM   372  O OD1   . ASP B 2 25  ? 1.743   7.280   11.301  1.00 38.99  ? 207 ASP B OD1   1 
ATOM   373  O OD2   . ASP B 2 25  ? 0.708   5.599   12.213  1.00 38.95  ? 207 ASP B OD2   1 
ATOM   374  N N     . LYS B 2 26  ? 1.253   9.511   9.185   1.00 39.29  ? 208 LYS B N     1 
ATOM   375  C CA    . LYS B 2 26  ? 2.433   10.255  8.769   1.00 35.25  ? 208 LYS B CA    1 
ATOM   376  C C     . LYS B 2 26  ? 3.776   9.573   8.996   1.00 32.87  ? 208 LYS B C     1 
ATOM   377  O O     . LYS B 2 26  ? 4.726   9.831   8.265   1.00 33.28  ? 208 LYS B O     1 
ATOM   378  C CB    . LYS B 2 26  ? 2.424   11.624  9.449   1.00 42.22  ? 208 LYS B CB    1 
ATOM   379  C CG    . LYS B 2 26  ? 3.123   12.723  8.668   1.00 41.89  ? 208 LYS B CG    1 
ATOM   380  C CD    . LYS B 2 26  ? 3.218   14.000  9.498   1.00 43.25  ? 208 LYS B CD    1 
ATOM   381  C CE    . LYS B 2 26  ? 4.117   15.000  8.804   1.00 39.57  ? 208 LYS B CE    1 
ATOM   382  N NZ    . LYS B 2 26  ? 3.749   15.086  7.379   1.00 33.21  ? 208 LYS B NZ    1 
ATOM   383  N N     . SER B 2 27  ? 3.881   8.690   9.983   1.00 29.19  ? 209 SER B N     1 
ATOM   384  C CA    . SER B 2 27  ? 5.162   8.022   10.209  1.00 30.57  ? 209 SER B CA    1 
ATOM   385  C C     . SER B 2 27  ? 5.549   7.035   9.071   1.00 31.51  ? 209 SER B C     1 
ATOM   386  O O     . SER B 2 27  ? 6.691   6.582   9.012   1.00 29.68  ? 209 SER B O     1 
ATOM   387  C CB    . SER B 2 27  ? 5.142   7.279   11.549  1.00 31.71  ? 209 SER B CB    1 
ATOM   388  O OG    . SER B 2 27  ? 4.356   6.103   11.495  1.00 29.25  ? 209 SER B OG    1 
ATOM   389  N N     . ASN B 2 28  ? 4.605   6.689   8.190   1.00 32.21  ? 210 ASN B N     1 
ATOM   390  C CA    . ASN B 2 28  ? 4.871   5.764   7.075   1.00 31.83  ? 210 ASN B CA    1 
ATOM   391  C C     . ASN B 2 28  ? 5.136   6.533   5.814   1.00 34.18  ? 210 ASN B C     1 
ATOM   392  O O     . ASN B 2 28  ? 5.496   5.954   4.800   1.00 31.44  ? 210 ASN B O     1 
ATOM   393  C CB    . ASN B 2 28  ? 3.662   4.886   6.784   1.00 23.19  ? 210 ASN B CB    1 
ATOM   394  C CG    . ASN B 2 28  ? 3.272   4.068   7.950   1.00 29.71  ? 210 ASN B CG    1 
ATOM   395  O OD1   . ASN B 2 28  ? 4.111   3.475   8.601   1.00 26.03  ? 210 ASN B OD1   1 
ATOM   396  N ND2   . ASN B 2 28  ? 1.986   4.036   8.243   1.00 29.75  ? 210 ASN B ND2   1 
ATOM   397  N N     . GLU B 2 29  ? 4.925   7.843   5.893   1.00 37.34  ? 211 GLU B N     1 
ATOM   398  C CA    . GLU B 2 29  ? 5.061   8.775   4.773   1.00 37.06  ? 211 GLU B CA    1 
ATOM   399  C C     . GLU B 2 29  ? 6.145   8.542   3.726   1.00 38.32  ? 211 GLU B C     1 
ATOM   400  O O     . GLU B 2 29  ? 5.910   8.747   2.528   1.00 38.17  ? 211 GLU B O     1 
ATOM   401  C CB    . GLU B 2 29  ? 5.218   10.186  5.314   1.00 40.05  ? 211 GLU B CB    1 
ATOM   402  C CG    . GLU B 2 29  ? 4.628   11.235  4.424   1.00 46.32  ? 211 GLU B CG    1 
ATOM   403  C CD    . GLU B 2 29  ? 4.168   12.441  5.202   1.00 51.41  ? 211 GLU B CD    1 
ATOM   404  O OE1   . GLU B 2 29  ? 4.980   13.002  5.977   1.00 39.39  ? 211 GLU B OE1   1 
ATOM   405  O OE2   . GLU B 2 29  ? 2.989   12.826  5.035   1.00 50.56  ? 211 GLU B OE2   1 
ATOM   406  N N     . LYS B 2 30  ? 7.331   8.150   4.168   1.00 33.05  ? 212 LYS B N     1 
ATOM   407  C CA    . LYS B 2 30  ? 8.438   7.912   3.240   1.00 32.09  ? 212 LYS B CA    1 
ATOM   408  C C     . LYS B 2 30  ? 8.382   6.607   2.442   1.00 32.11  ? 212 LYS B C     1 
ATOM   409  O O     . LYS B 2 30  ? 9.071   6.454   1.432   1.00 34.18  ? 212 LYS B O     1 
ATOM   410  C CB    . LYS B 2 30  ? 9.745   7.930   4.016   1.00 28.44  ? 212 LYS B CB    1 
ATOM   411  C CG    . LYS B 2 30  ? 10.958  7.584   3.215   1.00 28.68  ? 212 LYS B CG    1 
ATOM   412  C CD    . LYS B 2 30  ? 12.126  7.447   4.147   1.00 34.65  ? 212 LYS B CD    1 
ATOM   413  C CE    . LYS B 2 30  ? 13.374  7.052   3.407   1.00 39.65  ? 212 LYS B CE    1 
ATOM   414  N NZ    . LYS B 2 30  ? 14.442  7.959   3.822   1.00 40.35  ? 212 LYS B NZ    1 
ATOM   415  N N     . PHE B 2 31  ? 7.555   5.675   2.881   1.00 32.42  ? 213 PHE B N     1 
ATOM   416  C CA    . PHE B 2 31  ? 7.480   4.375   2.244   1.00 32.04  ? 213 PHE B CA    1 
ATOM   417  C C     . PHE B 2 31  ? 6.235   4.169   1.457   1.00 30.45  ? 213 PHE B C     1 
ATOM   418  O O     . PHE B 2 31  ? 6.232   3.464   0.458   1.00 32.16  ? 213 PHE B O     1 
ATOM   419  C CB    . PHE B 2 31  ? 7.609   3.314   3.316   1.00 27.67  ? 213 PHE B CB    1 
ATOM   420  C CG    . PHE B 2 31  ? 8.772   3.554   4.242   1.00 36.28  ? 213 PHE B CG    1 
ATOM   421  C CD1   . PHE B 2 31  ? 10.071  3.603   3.746   1.00 30.80  ? 213 PHE B CD1   1 
ATOM   422  C CD2   . PHE B 2 31  ? 8.567   3.752   5.610   1.00 37.37  ? 213 PHE B CD2   1 
ATOM   423  C CE1   . PHE B 2 31  ? 11.154  3.848   4.602   1.00 37.83  ? 213 PHE B CE1   1 
ATOM   424  C CE2   . PHE B 2 31  ? 9.633   3.996   6.469   1.00 33.60  ? 213 PHE B CE2   1 
ATOM   425  C CZ    . PHE B 2 31  ? 10.931  4.046   5.970   1.00 33.48  ? 213 PHE B CZ    1 
ATOM   426  N N     . ILE B 2 32  ? 5.154   4.751   1.932   1.00 32.73  ? 214 ILE B N     1 
ATOM   427  C CA    . ILE B 2 32  ? 3.892   4.648   1.231   1.00 30.30  ? 214 ILE B CA    1 
ATOM   428  C C     . ILE B 2 32  ? 3.140   5.921   1.493   1.00 37.35  ? 214 ILE B C     1 
ATOM   429  O O     . ILE B 2 32  ? 3.027   6.350   2.636   1.00 40.26  ? 214 ILE B O     1 
ATOM   430  C CB    . ILE B 2 32  ? 3.036   3.469   1.748   1.00 31.58  ? 214 ILE B CB    1 
ATOM   431  C CG1   . ILE B 2 32  ? 1.678   3.444   1.008   1.00 27.35  ? 214 ILE B CG1   1 
ATOM   432  C CG2   . ILE B 2 32  ? 2.824   3.592   3.260   1.00 25.73  ? 214 ILE B CG2   1 
ATOM   433  C CD1   . ILE B 2 32  ? 0.972   2.086   1.066   1.00 27.90  ? 214 ILE B CD1   1 
ATOM   434  N N     . HIS B 2 33  ? 2.618   6.531   0.437   1.00 40.92  ? 215 HIS B N     1 
ATOM   435  C CA    . HIS B 2 33  ? 1.845   7.757   0.596   1.00 43.93  ? 215 HIS B CA    1 
ATOM   436  C C     . HIS B 2 33  ? 0.835   7.962   -0.535  1.00 46.11  ? 215 HIS B C     1 
ATOM   437  O O     . HIS B 2 33  ? 0.888   7.288   -1.561  1.00 47.98  ? 215 HIS B O     1 
ATOM   438  C CB    . HIS B 2 33  ? 2.793   8.971   0.676   1.00 42.21  ? 215 HIS B CB    1 
ATOM   439  C CG    . HIS B 2 33  ? 3.906   8.946   -0.336  1.00 43.90  ? 215 HIS B CG    1 
ATOM   440  N ND1   . HIS B 2 33  ? 3.756   9.414   -1.627  1.00 38.89  ? 215 HIS B ND1   1 
ATOM   441  C CD2   . HIS B 2 33  ? 5.178   8.482   -0.251  1.00 39.78  ? 215 HIS B CD2   1 
ATOM   442  C CE1   . HIS B 2 33  ? 4.882   9.237   -2.293  1.00 38.09  ? 215 HIS B CE1   1 
ATOM   443  N NE2   . HIS B 2 33  ? 5.760   8.675   -1.481  1.00 43.57  ? 215 HIS B NE2   1 
ATOM   444  N N     . TRP B 2 34  ? -0.093  8.883   -0.322  1.00 52.31  ? 216 TRP B N     1 
ATOM   445  C CA    . TRP B 2 34  ? -1.074  9.228   -1.338  1.00 59.33  ? 216 TRP B CA    1 
ATOM   446  C C     . TRP B 2 34  ? -0.279  9.956   -2.415  1.00 64.69  ? 216 TRP B C     1 
ATOM   447  O O     . TRP B 2 34  ? 0.838   10.394  -2.148  1.00 67.18  ? 216 TRP B O     1 
ATOM   448  C CB    . TRP B 2 34  ? -2.112  10.174  -0.758  1.00 55.07  ? 216 TRP B CB    1 
ATOM   449  C CG    . TRP B 2 34  ? -3.225  9.464   -0.117  1.00 56.04  ? 216 TRP B CG    1 
ATOM   450  C CD1   . TRP B 2 34  ? -3.456  9.327   1.224   1.00 59.97  ? 216 TRP B CD1   1 
ATOM   451  C CD2   . TRP B 2 34  ? -4.261  8.750   -0.781  1.00 57.28  ? 216 TRP B CD2   1 
ATOM   452  N NE1   . TRP B 2 34  ? -4.578  8.564   1.431   1.00 59.33  ? 216 TRP B NE1   1 
ATOM   453  C CE2   . TRP B 2 34  ? -5.092  8.195   0.216   1.00 58.96  ? 216 TRP B CE2   1 
ATOM   454  C CE3   . TRP B 2 34  ? -4.570  8.523   -2.127  1.00 58.72  ? 216 TRP B CE3   1 
ATOM   455  C CZ2   . TRP B 2 34  ? -6.215  7.423   -0.092  1.00 62.68  ? 216 TRP B CZ2   1 
ATOM   456  C CZ3   . TRP B 2 34  ? -5.681  7.759   -2.435  1.00 61.33  ? 216 TRP B CZ3   1 
ATOM   457  C CH2   . TRP B 2 34  ? -6.494  7.217   -1.422  1.00 63.78  ? 216 TRP B CH2   1 
ATOM   458  N N     . SER B 2 35  ? -0.818  10.055  -3.629  1.00 70.57  ? 217 SER B N     1 
ATOM   459  C CA    . SER B 2 35  ? -0.121  10.766  -4.712  1.00 75.72  ? 217 SER B CA    1 
ATOM   460  C C     . SER B 2 35  ? -0.422  12.262  -4.584  1.00 81.60  ? 217 SER B C     1 
ATOM   461  O O     . SER B 2 35  ? -1.441  12.634  -3.991  1.00 84.76  ? 217 SER B O     1 
ATOM   462  C CB    . SER B 2 35  ? -0.598  10.272  -6.084  1.00 72.47  ? 217 SER B CB    1 
ATOM   463  O OG    . SER B 2 35  ? -1.866  10.819  -6.417  1.00 68.17  ? 217 SER B OG    1 
ATOM   464  N N     . THR B 2 36  ? 0.445   13.111  -5.142  1.00 83.21  ? 218 THR B N     1 
ATOM   465  C CA    . THR B 2 36  ? 0.252   14.573  -5.084  1.00 85.98  ? 218 THR B CA    1 
ATOM   466  C C     . THR B 2 36  ? -1.198  15.024  -5.307  1.00 85.76  ? 218 THR B C     1 
ATOM   467  O O     . THR B 2 36  ? -1.783  15.715  -4.462  1.00 87.27  ? 218 THR B O     1 
ATOM   468  C CB    . THR B 2 36  ? 1.106   15.304  -6.137  1.00 88.17  ? 218 THR B CB    1 
ATOM   469  O OG1   . THR B 2 36  ? 0.636   14.976  -7.453  1.00 93.67  ? 218 THR B OG1   1 
ATOM   470  C CG2   . THR B 2 36  ? 2.571   14.917  -6.003  1.00 89.12  ? 218 THR B CG2   1 
ATOM   471  N N     . SER B 2 37  ? -1.759  14.641  -6.456  1.00 82.05  ? 219 SER B N     1 
ATOM   472  C CA    . SER B 2 37  ? -3.128  14.984  -6.821  1.00 76.25  ? 219 SER B CA    1 
ATOM   473  C C     . SER B 2 37  ? -4.123  14.156  -6.023  1.00 76.19  ? 219 SER B C     1 
ATOM   474  O O     . SER B 2 37  ? -5.266  14.007  -6.445  1.00 77.32  ? 219 SER B O     1 
ATOM   475  C CB    . SER B 2 37  ? -3.339  14.712  -8.297  1.00 71.21  ? 219 SER B CB    1 
ATOM   476  O OG    . SER B 2 37  ? -2.766  13.462  -8.633  1.00 68.59  ? 219 SER B OG    1 
ATOM   477  N N     . GLY B 2 38  ? -3.677  13.611  -4.890  1.00 75.82  ? 220 GLY B N     1 
ATOM   478  C CA    . GLY B 2 38  ? -4.525  12.796  -4.034  1.00 75.31  ? 220 GLY B CA    1 
ATOM   479  C C     . GLY B 2 38  ? -5.307  11.833  -4.897  1.00 77.37  ? 220 GLY B C     1 
ATOM   480  O O     . GLY B 2 38  ? -6.471  11.537  -4.629  1.00 78.10  ? 220 GLY B O     1 
ATOM   481  N N     . GLU B 2 39  ? -4.629  11.333  -5.930  1.00 75.85  ? 221 GLU B N     1 
ATOM   482  C CA    . GLU B 2 39  ? -5.212  10.427  -6.920  1.00 71.58  ? 221 GLU B CA    1 
ATOM   483  C C     . GLU B 2 39  ? -5.086  8.949   -6.578  1.00 69.20  ? 221 GLU B C     1 
ATOM   484  O O     . GLU B 2 39  ? -6.060  8.195   -6.657  1.00 70.68  ? 221 GLU B O     1 
ATOM   485  C CB    . GLU B 2 39  ? -4.577  10.689  -8.299  1.00 66.43  ? 221 GLU B CB    1 
ATOM   486  C CG    . GLU B 2 39  ? -4.771  12.129  -8.805  0.00 100.00 ? 221 GLU B CG    1 
ATOM   487  C CD    . GLU B 2 39  ? -4.125  12.360  -10.157 0.00 100.00 ? 221 GLU B CD    1 
ATOM   488  O OE1   . GLU B 2 39  ? -3.543  11.402  -10.708 0.00 100.00 ? 221 GLU B OE1   1 
ATOM   489  O OE2   . GLU B 2 39  ? -4.201  13.498  -10.666 0.00 100.00 ? 221 GLU B OE2   1 
ATOM   490  N N     . SER B 2 40  ? -3.870  8.525   -6.225  1.00 63.87  ? 222 SER B N     1 
ATOM   491  C CA    . SER B 2 40  ? -3.632  7.119   -5.888  1.00 54.57  ? 222 SER B CA    1 
ATOM   492  C C     . SER B 2 40  ? -2.752  6.929   -4.655  1.00 51.35  ? 222 SER B C     1 
ATOM   493  O O     . SER B 2 40  ? -2.644  7.820   -3.820  1.00 47.25  ? 222 SER B O     1 
ATOM   494  C CB    . SER B 2 40  ? -2.960  6.410   -7.065  1.00 53.52  ? 222 SER B CB    1 
ATOM   495  O OG    . SER B 2 40  ? -1.871  7.192   -7.557  1.00 49.47  ? 222 SER B OG    1 
ATOM   496  N N     . ILE B 2 41  ? -2.114  5.758   -4.585  1.00 47.49  ? 223 ILE B N     1 
ATOM   497  C CA    . ILE B 2 41  ? -1.197  5.409   -3.511  1.00 43.42  ? 223 ILE B CA    1 
ATOM   498  C C     . ILE B 2 41  ? 0.116   4.985   -4.143  1.00 39.50  ? 223 ILE B C     1 
ATOM   499  O O     . ILE B 2 41  ? 0.126   4.150   -5.038  1.00 39.88  ? 223 ILE B O     1 
ATOM   500  C CB    . ILE B 2 41  ? -1.766  4.248   -2.652  1.00 43.95  ? 223 ILE B CB    1 
ATOM   501  C CG1   . ILE B 2 41  ? -2.893  4.759   -1.775  1.00 42.76  ? 223 ILE B CG1   1 
ATOM   502  C CG2   . ILE B 2 41  ? -0.666  3.628   -1.763  1.00 42.83  ? 223 ILE B CG2   1 
ATOM   503  C CD1   . ILE B 2 41  ? -3.632  3.663   -1.086  1.00 50.60  ? 223 ILE B CD1   1 
ATOM   504  N N     . VAL B 2 42  ? 1.222   5.568   -3.700  1.00 37.20  ? 224 VAL B N     1 
ATOM   505  C CA    . VAL B 2 42  ? 2.514   5.202   -4.254  1.00 32.38  ? 224 VAL B CA    1 
ATOM   506  C C     . VAL B 2 42  ? 3.431   4.546   -3.207  1.00 33.65  ? 224 VAL B C     1 
ATOM   507  O O     . VAL B 2 42  ? 3.432   4.905   -2.026  1.00 34.34  ? 224 VAL B O     1 
ATOM   508  C CB    . VAL B 2 42  ? 3.255   6.433   -4.841  1.00 32.69  ? 224 VAL B CB    1 
ATOM   509  C CG1   . VAL B 2 42  ? 4.403   5.969   -5.714  1.00 37.61  ? 224 VAL B CG1   1 
ATOM   510  C CG2   . VAL B 2 42  ? 2.321   7.277   -5.645  1.00 31.28  ? 224 VAL B CG2   1 
ATOM   511  N N     . VAL B 2 43  ? 4.180   3.549   -3.651  1.00 36.57  ? 225 VAL B N     1 
ATOM   512  C CA    . VAL B 2 43  ? 5.157   2.858   -2.829  1.00 34.10  ? 225 VAL B CA    1 
ATOM   513  C C     . VAL B 2 43  ? 6.423   3.081   -3.649  1.00 39.59  ? 225 VAL B C     1 
ATOM   514  O O     . VAL B 2 43  ? 6.727   2.329   -4.576  1.00 33.14  ? 225 VAL B O     1 
ATOM   515  C CB    . VAL B 2 43  ? 4.884   1.344   -2.711  1.00 36.27  ? 225 VAL B CB    1 
ATOM   516  C CG1   . VAL B 2 43  ? 6.138   0.645   -2.177  1.00 32.19  ? 225 VAL B CG1   1 
ATOM   517  C CG2   . VAL B 2 43  ? 3.698   1.090   -1.771  1.00 31.61  ? 225 VAL B CG2   1 
ATOM   518  N N     . PRO B 2 44  ? 7.156   4.157   -3.333  1.00 41.46  ? 226 PRO B N     1 
ATOM   519  C CA    . PRO B 2 44  ? 8.390   4.500   -4.041  1.00 37.26  ? 226 PRO B CA    1 
ATOM   520  C C     . PRO B 2 44  ? 9.366   3.344   -4.119  1.00 36.86  ? 226 PRO B C     1 
ATOM   521  O O     . PRO B 2 44  ? 9.912   3.075   -5.182  1.00 42.82  ? 226 PRO B O     1 
ATOM   522  C CB    . PRO B 2 44  ? 8.947   5.681   -3.239  1.00 38.18  ? 226 PRO B CB    1 
ATOM   523  C CG    . PRO B 2 44  ? 7.735   6.284   -2.570  1.00 40.79  ? 226 PRO B CG    1 
ATOM   524  C CD    . PRO B 2 44  ? 6.850   5.123   -2.256  1.00 43.18  ? 226 PRO B CD    1 
ATOM   525  N N     . ASN B 2 45  ? 9.570   2.661   -2.996  1.00 33.28  ? 227 ASN B N     1 
ATOM   526  C CA    . ASN B 2 45  ? 10.507  1.555   -2.927  1.00 35.37  ? 227 ASN B CA    1 
ATOM   527  C C     . ASN B 2 45  ? 9.928   0.382   -2.177  1.00 38.84  ? 227 ASN B C     1 
ATOM   528  O O     . ASN B 2 45  ? 9.817   0.400   -0.953  1.00 37.24  ? 227 ASN B O     1 
ATOM   529  C CB    . ASN B 2 45  ? 11.794  1.990   -2.229  1.00 37.65  ? 227 ASN B CB    1 
ATOM   530  C CG    . ASN B 2 45  ? 12.879  0.944   -2.313  1.00 35.82  ? 227 ASN B CG    1 
ATOM   531  O OD1   . ASN B 2 45  ? 12.958  0.052   -1.474  1.00 36.58  ? 227 ASN B OD1   1 
ATOM   532  N ND2   . ASN B 2 45  ? 13.716  1.043   -3.332  1.00 34.30  ? 227 ASN B ND2   1 
ATOM   533  N N     . ARG B 2 46  ? 9.568   -0.646  -2.927  1.00 35.10  ? 228 ARG B N     1 
ATOM   534  C CA    . ARG B 2 46  ? 8.986   -1.841  -2.361  1.00 32.72  ? 228 ARG B CA    1 
ATOM   535  C C     . ARG B 2 46  ? 9.800   -2.438  -1.206  1.00 29.15  ? 228 ARG B C     1 
ATOM   536  O O     . ARG B 2 46  ? 9.256   -2.816  -0.177  1.00 31.12  ? 228 ARG B O     1 
ATOM   537  C CB    . ARG B 2 46  ? 8.819   -2.859  -3.479  1.00 34.44  ? 228 ARG B CB    1 
ATOM   538  C CG    . ARG B 2 46  ? 8.499   -4.252  -3.002  1.00 39.35  ? 228 ARG B CG    1 
ATOM   539  C CD    . ARG B 2 46  ? 8.071   -5.102  -4.167  1.00 50.25  ? 228 ARG B CD    1 
ATOM   540  N NE    . ARG B 2 46  ? 9.022   -4.998  -5.259  1.00 60.26  ? 228 ARG B NE    1 
ATOM   541  C CZ    . ARG B 2 46  ? 10.160  -5.668  -5.298  1.00 61.28  ? 228 ARG B CZ    1 
ATOM   542  N NH1   . ARG B 2 46  ? 10.472  -6.486  -4.305  1.00 61.66  ? 228 ARG B NH1   1 
ATOM   543  N NH2   . ARG B 2 46  ? 10.991  -5.499  -6.318  1.00 64.94  ? 228 ARG B NH2   1 
ATOM   544  N N     . GLU B 2 47  ? 11.112  -2.508  -1.378  1.00 31.96  ? 229 GLU B N     1 
ATOM   545  C CA    . GLU B 2 47  ? 12.011  -3.076  -0.367  1.00 35.47  ? 229 GLU B CA    1 
ATOM   546  C C     . GLU B 2 47  ? 11.943  -2.372  0.999   1.00 29.87  ? 229 GLU B C     1 
ATOM   547  O O     . GLU B 2 47  ? 11.884  -3.023  2.040   1.00 27.71  ? 229 GLU B O     1 
ATOM   548  C CB    . GLU B 2 47  ? 13.458  -3.011  -0.872  1.00 35.89  ? 229 GLU B CB    1 
ATOM   549  C CG    . GLU B 2 47  ? 13.904  -4.213  -1.623  1.00 47.69  ? 229 GLU B CG    1 
ATOM   550  C CD    . GLU B 2 47  ? 13.239  -4.319  -2.974  1.00 55.77  ? 229 GLU B CD    1 
ATOM   551  O OE1   . GLU B 2 47  ? 13.018  -3.275  -3.654  1.00 51.01  ? 229 GLU B OE1   1 
ATOM   552  O OE2   . GLU B 2 47  ? 12.933  -5.466  -3.350  1.00 63.17  ? 229 GLU B OE2   1 
ATOM   553  N N     . ARG B 2 48  ? 12.009  -1.043  0.969   1.00 32.16  ? 230 ARG B N     1 
ATOM   554  C CA    . ARG B 2 48  ? 11.961  -0.210  2.174   1.00 33.72  ? 230 ARG B CA    1 
ATOM   555  C C     . ARG B 2 48  ? 10.603  -0.370  2.805   1.00 32.54  ? 230 ARG B C     1 
ATOM   556  O O     . ARG B 2 48  ? 10.496  -0.504  4.015   1.00 33.15  ? 230 ARG B O     1 
ATOM   557  C CB    . ARG B 2 48  ? 12.145  1.263   1.830   1.00 36.42  ? 230 ARG B CB    1 
ATOM   558  C CG    . ARG B 2 48  ? 13.502  1.639   1.308   1.00 47.36  ? 230 ARG B CG    1 
ATOM   559  C CD    . ARG B 2 48  ? 13.596  3.156   1.200   1.00 57.38  ? 230 ARG B CD    1 
ATOM   560  N NE    . ARG B 2 48  ? 14.553  3.561   0.180   1.00 68.28  ? 230 ARG B NE    1 
ATOM   561  C CZ    . ARG B 2 48  ? 14.269  4.362   -0.844  1.00 74.37  ? 230 ARG B CZ    1 
ATOM   562  N NH1   . ARG B 2 48  ? 13.045  4.864   -0.999  1.00 73.66  ? 230 ARG B NH1   1 
ATOM   563  N NH2   . ARG B 2 48  ? 15.217  4.653   -1.729  1.00 80.71  ? 230 ARG B NH2   1 
ATOM   564  N N     . PHE B 2 49  ? 9.566   -0.321  1.969   1.00 33.08  ? 231 PHE B N     1 
ATOM   565  C CA    . PHE B 2 49  ? 8.179   -0.483  2.422   1.00 30.93  ? 231 PHE B CA    1 
ATOM   566  C C     . PHE B 2 49  ? 7.961   -1.851  3.129   1.00 30.88  ? 231 PHE B C     1 
ATOM   567  O O     . PHE B 2 49  ? 7.349   -1.915  4.200   1.00 28.80  ? 231 PHE B O     1 
ATOM   568  C CB    . PHE B 2 49  ? 7.231   -0.312  1.224   1.00 29.84  ? 231 PHE B CB    1 
ATOM   569  C CG    . PHE B 2 49  ? 5.804   -0.656  1.527   1.00 29.63  ? 231 PHE B CG    1 
ATOM   570  C CD1   . PHE B 2 49  ? 4.991   0.240   2.214   1.00 31.63  ? 231 PHE B CD1   1 
ATOM   571  C CD2   . PHE B 2 49  ? 5.269   -1.890  1.130   1.00 33.13  ? 231 PHE B CD2   1 
ATOM   572  C CE1   . PHE B 2 49  ? 3.659   -0.086  2.507   1.00 27.74  ? 231 PHE B CE1   1 
ATOM   573  C CE2   . PHE B 2 49  ? 3.947   -2.227  1.416   1.00 28.69  ? 231 PHE B CE2   1 
ATOM   574  C CZ    . PHE B 2 49  ? 3.143   -1.318  2.108   1.00 26.34  ? 231 PHE B CZ    1 
ATOM   575  N N     . VAL B 2 50  ? 8.443   -2.944  2.538   1.00 27.12  ? 232 VAL B N     1 
ATOM   576  C CA    . VAL B 2 50  ? 8.310   -4.242  3.169   1.00 24.59  ? 232 VAL B CA    1 
ATOM   577  C C     . VAL B 2 50  ? 9.081   -4.289  4.498   1.00 27.76  ? 232 VAL B C     1 
ATOM   578  O O     . VAL B 2 50  ? 8.626   -4.872  5.475   1.00 28.51  ? 232 VAL B O     1 
ATOM   579  C CB    . VAL B 2 50  ? 8.819   -5.369  2.251   1.00 27.75  ? 232 VAL B CB    1 
ATOM   580  C CG1   . VAL B 2 50  ? 8.998   -6.631  3.046   1.00 27.69  ? 232 VAL B CG1   1 
ATOM   581  C CG2   . VAL B 2 50  ? 7.805   -5.650  1.163   1.00 26.31  ? 232 VAL B CG2   1 
ATOM   582  N N     . GLN B 2 51  ? 10.267  -3.694  4.525   1.00 34.32  ? 233 GLN B N     1 
ATOM   583  C CA    . GLN B 2 51  ? 11.085  -3.658  5.737   1.00 38.14  ? 233 GLN B CA    1 
ATOM   584  C C     . GLN B 2 51  ? 10.437  -2.892  6.870   1.00 36.83  ? 233 GLN B C     1 
ATOM   585  O O     . GLN B 2 51  ? 10.160  -3.452  7.921   1.00 42.12  ? 233 GLN B O     1 
ATOM   586  C CB    . GLN B 2 51  ? 12.426  -2.992  5.436   1.00 41.10  ? 233 GLN B CB    1 
ATOM   587  C CG    . GLN B 2 51  ? 13.592  -3.617  6.151   1.00 55.21  ? 233 GLN B CG    1 
ATOM   588  C CD    . GLN B 2 51  ? 14.910  -3.295  5.470   1.00 60.48  ? 233 GLN B CD    1 
ATOM   589  O OE1   . GLN B 2 51  ? 15.812  -4.135  5.415   1.00 64.41  ? 233 GLN B OE1   1 
ATOM   590  N NE2   . GLN B 2 51  ? 15.026  -2.075  4.948   1.00 58.00  ? 233 GLN B NE2   1 
ATOM   591  N N     . GLU B 2 52  ? 10.169  -1.614  6.608   1.00 35.03  ? 234 GLU B N     1 
ATOM   592  C CA    . GLU B 2 52  ? 9.619   -0.677  7.582   1.00 37.62  ? 234 GLU B CA    1 
ATOM   593  C C     . GLU B 2 52  ? 8.114   -0.580  7.826   1.00 36.33  ? 234 GLU B C     1 
ATOM   594  O O     . GLU B 2 52  ? 7.713   -0.340  8.953   1.00 38.27  ? 234 GLU B O     1 
ATOM   595  C CB    . GLU B 2 52  ? 10.122  0.748   7.275   1.00 37.84  ? 234 GLU B CB    1 
ATOM   596  C CG    . GLU B 2 52  ? 11.420  0.838   6.480   1.00 49.12  ? 234 GLU B CG    1 
ATOM   597  C CD    . GLU B 2 52  ? 12.674  0.540   7.316   1.00 55.28  ? 234 GLU B CD    1 
ATOM   598  O OE1   . GLU B 2 52  ? 12.691  0.872   8.523   1.00 55.88  ? 234 GLU B OE1   1 
ATOM   599  O OE2   . GLU B 2 52  ? 13.645  -0.031  6.756   1.00 64.30  ? 234 GLU B OE2   1 
ATOM   600  N N     . VAL B 2 53  ? 7.271   -0.730  6.805   1.00 33.67  ? 235 VAL B N     1 
ATOM   601  C CA    . VAL B 2 53  ? 5.835   -0.585  7.038   1.00 25.74  ? 235 VAL B CA    1 
ATOM   602  C C     . VAL B 2 53  ? 5.077   -1.873  7.292   1.00 27.95  ? 235 VAL B C     1 
ATOM   603  O O     . VAL B 2 53  ? 4.382   -1.988  8.298   1.00 29.71  ? 235 VAL B O     1 
ATOM   604  C CB    . VAL B 2 53  ? 5.123   0.191   5.866   1.00 28.45  ? 235 VAL B CB    1 
ATOM   605  C CG1   . VAL B 2 53  ? 3.589   0.180   6.064   1.00 22.64  ? 235 VAL B CG1   1 
ATOM   606  C CG2   . VAL B 2 53  ? 5.616   1.658   5.805   1.00 24.95  ? 235 VAL B CG2   1 
ATOM   607  N N     . LEU B 2 54  ? 5.228   -2.865  6.428   1.00 25.95  ? 236 LEU B N     1 
ATOM   608  C CA    . LEU B 2 54  ? 4.441   -4.088  6.615   1.00 27.76  ? 236 LEU B CA    1 
ATOM   609  C C     . LEU B 2 54  ? 4.485   -4.708  8.014   1.00 28.57  ? 236 LEU B C     1 
ATOM   610  O O     . LEU B 2 54  ? 3.452   -5.080  8.558   1.00 26.12  ? 236 LEU B O     1 
ATOM   611  C CB    . LEU B 2 54  ? 4.803   -5.124  5.539   1.00 29.46  ? 236 LEU B CB    1 
ATOM   612  C CG    . LEU B 2 54  ? 4.260   -4.779  4.140   1.00 30.38  ? 236 LEU B CG    1 
ATOM   613  C CD1   . LEU B 2 54  ? 4.628   -5.885  3.152   1.00 28.75  ? 236 LEU B CD1   1 
ATOM   614  C CD2   . LEU B 2 54  ? 2.740   -4.576  4.196   1.00 29.82  ? 236 LEU B CD2   1 
ATOM   615  N N     . PRO B 2 55  ? 5.678   -4.831  8.622   1.00 32.90  ? 237 PRO B N     1 
ATOM   616  C CA    . PRO B 2 55  ? 5.696   -5.422  9.969   1.00 31.75  ? 237 PRO B CA    1 
ATOM   617  C C     . PRO B 2 55  ? 4.846   -4.689  11.022  1.00 32.93  ? 237 PRO B C     1 
ATOM   618  O O     . PRO B 2 55  ? 4.488   -5.287  12.028  1.00 38.00  ? 237 PRO B O     1 
ATOM   619  C CB    . PRO B 2 55  ? 7.193   -5.440  10.351  1.00 31.60  ? 237 PRO B CB    1 
ATOM   620  C CG    . PRO B 2 55  ? 7.918   -5.380  9.061   1.00 29.51  ? 237 PRO B CG    1 
ATOM   621  C CD    . PRO B 2 55  ? 7.040   -4.515  8.155   1.00 32.12  ? 237 PRO B CD    1 
ATOM   622  N N     . LYS B 2 56  ? 4.507   -3.417  10.826  1.00 29.84  ? 238 LYS B N     1 
ATOM   623  C CA    . LYS B 2 56  ? 3.696   -2.747  11.857  1.00 32.37  ? 238 LYS B CA    1 
ATOM   624  C C     . LYS B 2 56  ? 2.245   -3.196  11.751  1.00 30.21  ? 238 LYS B C     1 
ATOM   625  O O     . LYS B 2 56  ? 1.450   -3.009  12.683  1.00 30.34  ? 238 LYS B O     1 
ATOM   626  C CB    . LYS B 2 56  ? 3.695   -1.213  11.703  1.00 33.57  ? 238 LYS B CB    1 
ATOM   627  C CG    . LYS B 2 56  ? 5.018   -0.476  11.804  1.00 30.92  ? 238 LYS B CG    1 
ATOM   628  C CD    . LYS B 2 56  ? 4.959   0.757   10.906  1.00 35.84  ? 238 LYS B CD    1 
ATOM   629  C CE    . LYS B 2 56  ? 5.489   2.006   11.613  1.00 41.45  ? 238 LYS B CE    1 
ATOM   630  N NZ    . LYS B 2 56  ? 4.621   3.240   11.501  1.00 44.75  ? 238 LYS B NZ    1 
ATOM   631  N N     . TYR B 2 57  ? 1.897   -3.799  10.623  1.00 28.88  ? 239 TYR B N     1 
ATOM   632  C CA    . TYR B 2 57  ? 0.529   -4.197  10.369  1.00 25.09  ? 239 TYR B CA    1 
ATOM   633  C C     . TYR B 2 57  ? 0.252   -5.685  10.167  1.00 26.29  ? 239 TYR B C     1 
ATOM   634  O O     . TYR B 2 57  ? -0.882  -6.136  10.332  1.00 33.27  ? 239 TYR B O     1 
ATOM   635  C CB    . TYR B 2 57  ? 0.021   -3.395  9.176   1.00 27.76  ? 239 TYR B CB    1 
ATOM   636  C CG    . TYR B 2 57  ? 0.169   -1.904  9.374   1.00 27.09  ? 239 TYR B CG    1 
ATOM   637  C CD1   . TYR B 2 57  ? -0.795  -1.178  10.080  1.00 29.90  ? 239 TYR B CD1   1 
ATOM   638  C CD2   . TYR B 2 57  ? 1.274   -1.225  8.889   1.00 24.77  ? 239 TYR B CD2   1 
ATOM   639  C CE1   . TYR B 2 57  ? -0.644  0.196   10.296  1.00 29.46  ? 239 TYR B CE1   1 
ATOM   640  C CE2   . TYR B 2 57  ? 1.432   0.131   9.093   1.00 23.83  ? 239 TYR B CE2   1 
ATOM   641  C CZ    . TYR B 2 57  ? 0.470   0.835   9.803   1.00 31.01  ? 239 TYR B CZ    1 
ATOM   642  O OH    . TYR B 2 57  ? 0.645   2.179   10.063  1.00 34.02  ? 239 TYR B OH    1 
ATOM   643  N N     . PHE B 2 58  ? 1.257   -6.462  9.794   1.00 28.09  ? 240 PHE B N     1 
ATOM   644  C CA    . PHE B 2 58  ? 1.033   -7.899  9.593   1.00 28.50  ? 240 PHE B CA    1 
ATOM   645  C C     . PHE B 2 58  ? 2.087   -8.770  10.286  1.00 29.29  ? 240 PHE B C     1 
ATOM   646  O O     . PHE B 2 58  ? 3.242   -8.380  10.386  1.00 30.08  ? 240 PHE B O     1 
ATOM   647  C CB    . PHE B 2 58  ? 1.006   -8.220  8.079   1.00 25.05  ? 240 PHE B CB    1 
ATOM   648  C CG    . PHE B 2 58  ? 0.086   -7.333  7.283   1.00 26.25  ? 240 PHE B CG    1 
ATOM   649  C CD1   . PHE B 2 58  ? 0.512   -6.069  6.852   1.00 21.79  ? 240 PHE B CD1   1 
ATOM   650  C CD2   . PHE B 2 58  ? -1.220  -7.744  6.990   1.00 22.93  ? 240 PHE B CD2   1 
ATOM   651  C CE1   . PHE B 2 58  ? -0.347  -5.222  6.142   1.00 24.81  ? 240 PHE B CE1   1 
ATOM   652  C CE2   . PHE B 2 58  ? -2.096  -6.900  6.275   1.00 25.92  ? 240 PHE B CE2   1 
ATOM   653  C CZ    . PHE B 2 58  ? -1.651  -5.632  5.851   1.00 26.40  ? 240 PHE B CZ    1 
ATOM   654  N N     . LYS B 2 59  ? 1.700   -9.966  10.738  1.00 32.73  ? 241 LYS B N     1 
ATOM   655  C CA    . LYS B 2 59  ? 2.660   -10.846 11.405  1.00 35.88  ? 241 LYS B CA    1 
ATOM   656  C C     . LYS B 2 59  ? 3.728   -11.274 10.408  1.00 36.81  ? 241 LYS B C     1 
ATOM   657  O O     . LYS B 2 59  ? 4.885   -11.517 10.782  1.00 35.02  ? 241 LYS B O     1 
ATOM   658  C CB    . LYS B 2 59  ? 1.969   -12.070 11.983  1.00 33.95  ? 241 LYS B CB    1 
ATOM   659  C CG    . LYS B 2 59  ? 2.886   -13.058 12.639  0.00 100.00 ? 241 LYS B CG    1 
ATOM   660  C CD    . LYS B 2 59  ? 2.132   -14.282 13.127  0.00 100.00 ? 241 LYS B CD    1 
ATOM   661  C CE    . LYS B 2 59  ? 3.076   -15.292 13.765  0.00 100.00 ? 241 LYS B CE    1 
ATOM   662  N NZ    . LYS B 2 59  ? 2.353   -16.501 14.243  0.00 100.00 ? 241 LYS B NZ    1 
ATOM   663  N N     . HIS B 2 60  ? 3.319   -11.378 9.142   1.00 33.65  ? 242 HIS B N     1 
ATOM   664  C CA    . HIS B 2 60  ? 4.217   -11.761 8.056   1.00 37.30  ? 242 HIS B CA    1 
ATOM   665  C C     . HIS B 2 60  ? 4.314   -10.621 7.032   1.00 34.92  ? 242 HIS B C     1 
ATOM   666  O O     . HIS B 2 60  ? 3.290   -10.141 6.530   1.00 37.51  ? 242 HIS B O     1 
ATOM   667  C CB    . HIS B 2 60  ? 3.707   -13.038 7.364   1.00 38.35  ? 242 HIS B CB    1 
ATOM   668  C CG    . HIS B 2 60  ? 3.841   -14.283 8.194   1.00 47.55  ? 242 HIS B CG    1 
ATOM   669  N ND1   . HIS B 2 60  ? 3.743   -15.548 7.656   1.00 54.91  ? 242 HIS B ND1   1 
ATOM   670  C CD2   . HIS B 2 60  ? 4.072   -14.460 9.517   1.00 49.32  ? 242 HIS B CD2   1 
ATOM   671  C CE1   . HIS B 2 60  ? 3.909   -16.451 8.608   1.00 52.43  ? 242 HIS B CE1   1 
ATOM   672  N NE2   . HIS B 2 60  ? 4.110   -15.816 9.747   1.00 46.66  ? 242 HIS B NE2   1 
ATOM   673  N N     . SER B 2 61  ? 5.538   -10.183 6.745   1.00 28.90  ? 243 SER B N     1 
ATOM   674  C CA    . SER B 2 61  ? 5.775   -9.127  5.760   1.00 29.62  ? 243 SER B CA    1 
ATOM   675  C C     . SER B 2 61  ? 5.977   -9.813  4.405   1.00 26.80  ? 243 SER B C     1 
ATOM   676  O O     . SER B 2 61  ? 7.045   -10.327 4.128   1.00 31.24  ? 243 SER B O     1 
ATOM   677  C CB    . SER B 2 61  ? 7.029   -8.343  6.118   1.00 26.42  ? 243 SER B CB    1 
ATOM   678  O OG    . SER B 2 61  ? 6.690   -7.256  6.957   1.00 38.62  ? 243 SER B OG    1 
ATOM   679  N N     . ASN B 2 62  ? 4.946   -9.804  3.572   1.00 22.43  ? 244 ASN B N     1 
ATOM   680  C CA    . ASN B 2 62  ? 4.985   -10.472 2.264   1.00 20.54  ? 244 ASN B CA    1 
ATOM   681  C C     . ASN B 2 62  ? 4.316   -9.506  1.260   1.00 21.67  ? 244 ASN B C     1 
ATOM   682  O O     . ASN B 2 62  ? 3.099   -9.332  1.250   1.00 21.04  ? 244 ASN B O     1 
ATOM   683  C CB    . ASN B 2 62  ? 4.208   -11.790 2.396   1.00 22.71  ? 244 ASN B CB    1 
ATOM   684  C CG    . ASN B 2 62  ? 4.279   -12.671 1.159   1.00 25.45  ? 244 ASN B CG    1 
ATOM   685  O OD1   . ASN B 2 62  ? 4.545   -13.879 1.255   1.00 26.64  ? 244 ASN B OD1   1 
ATOM   686  N ND2   . ASN B 2 62  ? 4.012   -12.091 0.003   1.00 23.86  ? 244 ASN B ND2   1 
ATOM   687  N N     . PHE B 2 63  ? 5.116   -8.848  0.433   1.00 23.89  ? 245 PHE B N     1 
ATOM   688  C CA    . PHE B 2 63  ? 4.581   -7.883  -0.540  1.00 20.26  ? 245 PHE B CA    1 
ATOM   689  C C     . PHE B 2 63  ? 3.567   -8.515  -1.501  1.00 19.31  ? 245 PHE B C     1 
ATOM   690  O O     . PHE B 2 63  ? 2.543   -7.893  -1.854  1.00 22.05  ? 245 PHE B O     1 
ATOM   691  C CB    . PHE B 2 63  ? 5.726   -7.259  -1.353  1.00 20.29  ? 245 PHE B CB    1 
ATOM   692  C CG    . PHE B 2 63  ? 5.345   -5.985  -2.041  1.00 22.39  ? 245 PHE B CG    1 
ATOM   693  C CD1   . PHE B 2 63  ? 5.132   -4.819  -1.308  1.00 19.99  ? 245 PHE B CD1   1 
ATOM   694  C CD2   . PHE B 2 63  ? 5.166   -5.959  -3.427  1.00 22.87  ? 245 PHE B CD2   1 
ATOM   695  C CE1   . PHE B 2 63  ? 4.733   -3.623  -1.944  1.00 22.48  ? 245 PHE B CE1   1 
ATOM   696  C CE2   . PHE B 2 63  ? 4.770   -4.772  -4.076  1.00 24.18  ? 245 PHE B CE2   1 
ATOM   697  C CZ    . PHE B 2 63  ? 4.552   -3.596  -3.316  1.00 25.03  ? 245 PHE B CZ    1 
ATOM   698  N N     . ALA B 2 64  ? 3.832   -9.750  -1.916  1.00 15.62  ? 246 ALA B N     1 
ATOM   699  C CA    . ALA B 2 64  ? 2.938   -10.433 -2.850  1.00 17.59  ? 246 ALA B CA    1 
ATOM   700  C C     . ALA B 2 64  ? 1.537   -10.615 -2.227  1.00 20.08  ? 246 ALA B C     1 
ATOM   701  O O     . ALA B 2 64  ? 0.509   -10.498 -2.906  1.00 19.58  ? 246 ALA B O     1 
ATOM   702  C CB    . ALA B 2 64  ? 3.534   -11.796 -3.230  1.00 14.82  ? 246 ALA B CB    1 
ATOM   703  N N     . SER B 2 65  ? 1.508   -10.911 -0.927  1.00 19.34  ? 247 SER B N     1 
ATOM   704  C CA    . SER B 2 65  ? 0.239   -11.092 -0.253  1.00 21.21  ? 247 SER B CA    1 
ATOM   705  C C     . SER B 2 65  ? -0.448  -9.757  -0.161  1.00 20.75  ? 247 SER B C     1 
ATOM   706  O O     . SER B 2 65  ? -1.676  -9.699  -0.213  1.00 17.18  ? 247 SER B O     1 
ATOM   707  C CB    . SER B 2 65  ? 0.444   -11.692 1.123   1.00 17.80  ? 247 SER B CB    1 
ATOM   708  O OG    . SER B 2 65  ? 0.772   -13.048 0.935   1.00 19.88  ? 247 SER B OG    1 
ATOM   709  N N     . PHE B 2 66  ? 0.346   -8.686  -0.033  1.00 14.91  ? 248 PHE B N     1 
ATOM   710  C CA    . PHE B 2 66  ? -0.202  -7.315  0.044   1.00 19.59  ? 248 PHE B CA    1 
ATOM   711  C C     . PHE B 2 66  ? -0.853  -6.959  -1.303  1.00 18.62  ? 248 PHE B C     1 
ATOM   712  O O     . PHE B 2 66  ? -2.024  -6.593  -1.373  1.00 23.58  ? 248 PHE B O     1 
ATOM   713  C CB    . PHE B 2 66  ? 0.939   -6.345  0.424   1.00 19.19  ? 248 PHE B CB    1 
ATOM   714  C CG    . PHE B 2 66  ? 0.514   -4.892  0.590   1.00 19.18  ? 248 PHE B CG    1 
ATOM   715  C CD1   . PHE B 2 66  ? -0.283  -4.485  1.675   1.00 18.03  ? 248 PHE B CD1   1 
ATOM   716  C CD2   . PHE B 2 66  ? 0.959   -3.935  -0.312  1.00 19.18  ? 248 PHE B CD2   1 
ATOM   717  C CE1   . PHE B 2 66  ? -0.621  -3.139  1.840   1.00 24.16  ? 248 PHE B CE1   1 
ATOM   718  C CE2   . PHE B 2 66  ? 0.636   -2.594  -0.160  1.00 25.62  ? 248 PHE B CE2   1 
ATOM   719  C CZ    . PHE B 2 66  ? -0.153  -2.187  0.910   1.00 21.56  ? 248 PHE B CZ    1 
ATOM   720  N N     . VAL B 2 67  ? -0.107  -7.118  -2.387  1.00 19.73  ? 249 VAL B N     1 
ATOM   721  C CA    . VAL B 2 67  ? -0.621  -6.834  -3.717  1.00 18.20  ? 249 VAL B CA    1 
ATOM   722  C C     . VAL B 2 67  ? -1.854  -7.710  -3.995  1.00 21.92  ? 249 VAL B C     1 
ATOM   723  O O     . VAL B 2 67  ? -2.850  -7.231  -4.520  1.00 19.54  ? 249 VAL B O     1 
ATOM   724  C CB    . VAL B 2 67  ? 0.461   -7.125  -4.778  1.00 24.50  ? 249 VAL B CB    1 
ATOM   725  C CG1   . VAL B 2 67  ? -0.104  -6.927  -6.166  1.00 21.35  ? 249 VAL B CG1   1 
ATOM   726  C CG2   . VAL B 2 67  ? 1.653   -6.209  -4.559  1.00 20.76  ? 249 VAL B CG2   1 
ATOM   727  N N     . ARG B 2 68  ? -1.793  -9.001  -3.667  1.00 19.91  ? 250 ARG B N     1 
ATOM   728  C CA    . ARG B 2 68  ? -2.942  -9.865  -3.900  1.00 20.70  ? 250 ARG B CA    1 
ATOM   729  C C     . ARG B 2 68  ? -4.204  -9.264  -3.270  1.00 18.23  ? 250 ARG B C     1 
ATOM   730  O O     . ARG B 2 68  ? -5.248  -9.170  -3.908  1.00 24.64  ? 250 ARG B O     1 
ATOM   731  C CB    . ARG B 2 68  ? -2.671  -11.274 -3.333  1.00 17.26  ? 250 ARG B CB    1 
ATOM   732  C CG    . ARG B 2 68  ? -3.853  -12.267 -3.447  1.00 21.71  ? 250 ARG B CG    1 
ATOM   733  C CD    . ARG B 2 68  ? -4.201  -12.526 -4.897  1.00 20.66  ? 250 ARG B CD    1 
ATOM   734  N NE    . ARG B 2 68  ? -5.501  -13.186 -5.076  1.00 25.38  ? 250 ARG B NE    1 
ATOM   735  C CZ    . ARG B 2 68  ? -6.599  -12.555 -5.468  1.00 24.44  ? 250 ARG B CZ    1 
ATOM   736  N NH1   . ARG B 2 68  ? -6.564  -11.251 -5.713  1.00 21.94  ? 250 ARG B NH1   1 
ATOM   737  N NH2   . ARG B 2 68  ? -7.711  -13.237 -5.689  1.00 25.41  ? 250 ARG B NH2   1 
ATOM   738  N N     . GLN B 2 69  ? -4.118  -8.861  -2.014  1.00 21.51  ? 251 GLN B N     1 
ATOM   739  C CA    . GLN B 2 69  ? -5.275  -8.297  -1.339  1.00 17.09  ? 251 GLN B CA    1 
ATOM   740  C C     . GLN B 2 69  ? -5.700  -6.971  -1.905  1.00 22.23  ? 251 GLN B C     1 
ATOM   741  O O     . GLN B 2 69  ? -6.890  -6.696  -1.995  1.00 27.15  ? 251 GLN B O     1 
ATOM   742  C CB    . GLN B 2 69  ? -5.011  -8.243  0.164   1.00 17.68  ? 251 GLN B CB    1 
ATOM   743  C CG    . GLN B 2 69  ? -5.174  -9.661  0.680   1.00 20.88  ? 251 GLN B CG    1 
ATOM   744  C CD    . GLN B 2 69  ? -4.742  -9.858  2.075   1.00 27.95  ? 251 GLN B CD    1 
ATOM   745  O OE1   . GLN B 2 69  ? -5.561  -9.889  2.979   1.00 30.90  ? 251 GLN B OE1   1 
ATOM   746  N NE2   . GLN B 2 69  ? -3.447  -10.008 2.276   1.00 36.62  ? 251 GLN B NE2   1 
ATOM   747  N N     . LEU B 2 70  ? -4.750  -6.135  -2.302  1.00 20.62  ? 252 LEU B N     1 
ATOM   748  C CA    . LEU B 2 70  ? -5.108  -4.867  -2.946  1.00 20.33  ? 252 LEU B CA    1 
ATOM   749  C C     . LEU B 2 70  ? -6.000  -5.177  -4.140  1.00 21.02  ? 252 LEU B C     1 
ATOM   750  O O     . LEU B 2 70  ? -7.031  -4.546  -4.316  1.00 26.87  ? 252 LEU B O     1 
ATOM   751  C CB    . LEU B 2 70  ? -3.844  -4.128  -3.441  1.00 18.24  ? 252 LEU B CB    1 
ATOM   752  C CG    . LEU B 2 70  ? -3.021  -3.433  -2.367  1.00 19.03  ? 252 LEU B CG    1 
ATOM   753  C CD1   . LEU B 2 70  ? -1.743  -2.889  -2.981  1.00 16.59  ? 252 LEU B CD1   1 
ATOM   754  C CD2   . LEU B 2 70  ? -3.862  -2.311  -1.761  1.00 17.56  ? 252 LEU B CD2   1 
ATOM   755  N N     . ASN B 2 71  ? -5.581  -6.134  -4.977  1.00 20.09  ? 253 ASN B N     1 
ATOM   756  C CA    . ASN B 2 71  ? -6.383  -6.543  -6.144  1.00 22.58  ? 253 ASN B CA    1 
ATOM   757  C C     . ASN B 2 71  ? -7.783  -7.034  -5.696  1.00 23.03  ? 253 ASN B C     1 
ATOM   758  O O     . ASN B 2 71  ? -8.786  -6.634  -6.260  1.00 27.46  ? 253 ASN B O     1 
ATOM   759  C CB    . ASN B 2 71  ? -5.679  -7.665  -6.904  1.00 20.99  ? 253 ASN B CB    1 
ATOM   760  C CG    . ASN B 2 71  ? -4.696  -7.168  -7.937  1.00 21.03  ? 253 ASN B CG    1 
ATOM   761  O OD1   . ASN B 2 71  ? -3.804  -7.902  -8.331  1.00 27.29  ? 253 ASN B OD1   1 
ATOM   762  N ND2   . ASN B 2 71  ? -4.853  -5.940  -8.396  1.00 22.11  ? 253 ASN B ND2   1 
ATOM   763  N N     . MET B 2 72  ? -7.830  -7.920  -4.704  1.00 24.46  ? 254 MET B N     1 
ATOM   764  C CA    . MET B 2 72  ? -9.076  -8.451  -4.112  1.00 32.00  ? 254 MET B CA    1 
ATOM   765  C C     . MET B 2 72  ? -10.085 -7.315  -3.787  1.00 34.65  ? 254 MET B C     1 
ATOM   766  O O     . MET B 2 72  ? -11.294 -7.449  -4.010  1.00 33.88  ? 254 MET B O     1 
ATOM   767  C CB    . MET B 2 72  ? -8.715  -9.191  -2.814  1.00 32.64  ? 254 MET B CB    1 
ATOM   768  C CG    . MET B 2 72  ? -9.529  -10.412 -2.441  1.00 41.45  ? 254 MET B CG    1 
ATOM   769  S SD    . MET B 2 72  ? -8.782  -11.290 -0.997  1.00 42.78  ? 254 MET B SD    1 
ATOM   770  C CE    . MET B 2 72  ? -7.835  -12.658 -1.801  1.00 32.00  ? 254 MET B CE    1 
ATOM   771  N N     . TYR B 2 73  ? -9.583  -6.218  -3.215  1.00 30.76  ? 255 TYR B N     1 
ATOM   772  C CA    . TYR B 2 73  ? -10.422 -5.085  -2.878  1.00 31.25  ? 255 TYR B CA    1 
ATOM   773  C C     . TYR B 2 73  ? -10.529 -3.972  -3.913  1.00 36.63  ? 255 TYR B C     1 
ATOM   774  O O     . TYR B 2 73  ? -10.732 -2.809  -3.553  1.00 40.58  ? 255 TYR B O     1 
ATOM   775  C CB    . TYR B 2 73  ? -9.986  -4.501  -1.537  1.00 28.22  ? 255 TYR B CB    1 
ATOM   776  C CG    . TYR B 2 73  ? -10.113 -5.513  -0.427  1.00 25.89  ? 255 TYR B CG    1 
ATOM   777  C CD1   . TYR B 2 73  ? -11.346 -5.791  0.161   1.00 27.56  ? 255 TYR B CD1   1 
ATOM   778  C CD2   . TYR B 2 73  ? -9.010  -6.257  -0.022  1.00 31.40  ? 255 TYR B CD2   1 
ATOM   779  C CE1   . TYR B 2 73  ? -11.468 -6.794  1.112   1.00 23.91  ? 255 TYR B CE1   1 
ATOM   780  C CE2   . TYR B 2 73  ? -9.113  -7.261  0.928   1.00 26.49  ? 255 TYR B CE2   1 
ATOM   781  C CZ    . TYR B 2 73  ? -10.345 -7.533  1.491   1.00 33.94  ? 255 TYR B CZ    1 
ATOM   782  O OH    . TYR B 2 73  ? -10.420 -8.578  2.396   1.00 33.24  ? 255 TYR B OH    1 
ATOM   783  N N     . GLY B 2 74  ? -10.372 -4.303  -5.195  1.00 35.26  ? 256 GLY B N     1 
ATOM   784  C CA    . GLY B 2 74  ? -10.546 -3.294  -6.234  1.00 34.64  ? 256 GLY B CA    1 
ATOM   785  C C     . GLY B 2 74  ? -9.449  -2.321  -6.622  1.00 35.47  ? 256 GLY B C     1 
ATOM   786  O O     . GLY B 2 74  ? -9.717  -1.343  -7.346  1.00 34.96  ? 256 GLY B O     1 
ATOM   787  N N     . TRP B 2 75  ? -8.228  -2.548  -6.150  1.00 31.41  ? 257 TRP B N     1 
ATOM   788  C CA    . TRP B 2 75  ? -7.125  -1.675  -6.524  1.00 30.89  ? 257 TRP B CA    1 
ATOM   789  C C     . TRP B 2 75  ? -6.387  -2.295  -7.696  1.00 35.27  ? 257 TRP B C     1 
ATOM   790  O O     . TRP B 2 75  ? -6.320  -3.509  -7.826  1.00 34.39  ? 257 TRP B O     1 
ATOM   791  C CB    . TRP B 2 75  ? -6.186  -1.483  -5.348  1.00 29.04  ? 257 TRP B CB    1 
ATOM   792  C CG    . TRP B 2 75  ? -6.828  -0.678  -4.217  1.00 33.99  ? 257 TRP B CG    1 
ATOM   793  C CD1   . TRP B 2 75  ? -7.622  -1.165  -3.202  1.00 33.83  ? 257 TRP B CD1   1 
ATOM   794  C CD2   . TRP B 2 75  ? -6.696  0.727   -3.979  1.00 32.50  ? 257 TRP B CD2   1 
ATOM   795  N NE1   . TRP B 2 75  ? -7.983  -0.142  -2.349  1.00 31.99  ? 257 TRP B NE1   1 
ATOM   796  C CE2   . TRP B 2 75  ? -7.430  1.026   -2.799  1.00 33.41  ? 257 TRP B CE2   1 
ATOM   797  C CE3   . TRP B 2 75  ? -6.031  1.765   -4.642  1.00 33.35  ? 257 TRP B CE3   1 
ATOM   798  C CZ2   . TRP B 2 75  ? -7.509  2.318   -2.274  1.00 38.18  ? 257 TRP B CZ2   1 
ATOM   799  C CZ3   . TRP B 2 75  ? -6.111  3.058   -4.114  1.00 36.18  ? 257 TRP B CZ3   1 
ATOM   800  C CH2   . TRP B 2 75  ? -6.843  3.320   -2.946  1.00 37.32  ? 257 TRP B CH2   1 
ATOM   801  N N     . HIS B 2 76  ? -5.872  -1.449  -8.576  1.00 37.48  ? 258 HIS B N     1 
ATOM   802  C CA    . HIS B 2 76  ? -5.124  -1.897  -9.748  1.00 39.43  ? 258 HIS B CA    1 
ATOM   803  C C     . HIS B 2 76  ? -3.790  -1.198  -9.821  1.00 39.17  ? 258 HIS B C     1 
ATOM   804  O O     . HIS B 2 76  ? -3.670  -0.047  -9.413  1.00 39.79  ? 258 HIS B O     1 
ATOM   805  C CB    . HIS B 2 76  ? -5.892  -1.571  -11.030 1.00 39.61  ? 258 HIS B CB    1 
ATOM   806  C CG    . HIS B 2 76  ? -7.280  -2.097  -11.030 1.00 43.06  ? 258 HIS B CG    1 
ATOM   807  N ND1   . HIS B 2 76  ? -7.607  -3.308  -11.599 1.00 48.75  ? 258 HIS B ND1   1 
ATOM   808  C CD2   . HIS B 2 76  ? -8.405  -1.640  -10.433 1.00 48.52  ? 258 HIS B CD2   1 
ATOM   809  C CE1   . HIS B 2 76  ? -8.877  -3.578  -11.350 1.00 49.67  ? 258 HIS B CE1   1 
ATOM   810  N NE2   . HIS B 2 76  ? -9.381  -2.582  -10.644 1.00 50.23  ? 258 HIS B NE2   1 
ATOM   811  N N     . LYS B 2 77  ? -2.794  -1.890  -10.357 1.00 37.41  ? 259 LYS B N     1 
ATOM   812  C CA    . LYS B 2 77  ? -1.489  -1.287  -10.510 1.00 39.17  ? 259 LYS B CA    1 
ATOM   813  C C     . LYS B 2 77  ? -1.558  -0.336  -11.700 1.00 43.29  ? 259 LYS B C     1 
ATOM   814  O O     . LYS B 2 77  ? -2.105  -0.669  -12.751 1.00 45.04  ? 259 LYS B O     1 
ATOM   815  C CB    . LYS B 2 77  ? -0.441  -2.341  -10.777 1.00 32.18  ? 259 LYS B CB    1 
ATOM   816  C CG    . LYS B 2 77  ? 0.935   -1.767  -10.871 1.00 33.51  ? 259 LYS B CG    1 
ATOM   817  C CD    . LYS B 2 77  ? 1.957   -2.862  -10.795 1.00 27.15  ? 259 LYS B CD    1 
ATOM   818  C CE    . LYS B 2 77  ? 3.309   -2.318  -11.133 1.00 27.72  ? 259 LYS B CE    1 
ATOM   819  N NZ    . LYS B 2 77  ? 4.272   -3.301  -10.652 1.00 34.57  ? 259 LYS B NZ    1 
ATOM   820  N N     . VAL B 2 78  ? -1.005  0.852   -11.516 1.00 43.92  ? 260 VAL B N     1 
ATOM   821  C CA    . VAL B 2 78  ? -0.975  1.875   -12.547 1.00 45.85  ? 260 VAL B CA    1 
ATOM   822  C C     . VAL B 2 78  ? 0.307   1.645   -13.338 1.00 53.09  ? 260 VAL B C     1 
ATOM   823  O O     . VAL B 2 78  ? 1.392   1.681   -12.763 1.00 55.44  ? 260 VAL B O     1 
ATOM   824  C CB    . VAL B 2 78  ? -0.946  3.268   -11.891 1.00 43.66  ? 260 VAL B CB    1 
ATOM   825  C CG1   . VAL B 2 78  ? -0.306  4.288   -12.822 1.00 46.05  ? 260 VAL B CG1   1 
ATOM   826  C CG2   . VAL B 2 78  ? -2.344  3.668   -11.495 1.00 37.93  ? 260 VAL B CG2   1 
ATOM   827  N N     . GLN B 2 79  ? 0.184   1.407   -14.643 1.00 60.48  ? 261 GLN B N     1 
ATOM   828  C CA    . GLN B 2 79  ? 1.342   1.146   -15.506 1.00 68.09  ? 261 GLN B CA    1 
ATOM   829  C C     . GLN B 2 79  ? 2.252   2.352   -15.759 1.00 67.09  ? 261 GLN B C     1 
ATOM   830  O O     . GLN B 2 79  ? 1.816   3.396   -16.234 1.00 67.80  ? 261 GLN B O     1 
ATOM   831  C CB    . GLN B 2 79  ? 0.879   0.555   -16.847 1.00 74.83  ? 261 GLN B CB    1 
ATOM   832  C CG    . GLN B 2 79  ? -0.160  1.390   -17.580 1.00 86.20  ? 261 GLN B CG    1 
ATOM   833  C CD    . GLN B 2 79  ? -1.576  1.099   -17.120 1.00 89.60  ? 261 GLN B CD    1 
ATOM   834  O OE1   . GLN B 2 79  ? -1.785  0.545   -16.047 1.00 95.11  ? 261 GLN B OE1   1 
ATOM   835  N NE2   . GLN B 2 79  ? -2.555  1.471   -17.932 1.00 95.82  ? 261 GLN B NE2   1 
ATOM   836  N N     . ASN B 2 89  ? 15.596  -1.794  -15.908 1.00 90.83  ? 271 ASN B N     1 
ATOM   837  C CA    . ASN B 2 89  ? 14.256  -1.578  -15.290 1.00 89.53  ? 271 ASN B CA    1 
ATOM   838  C C     . ASN B 2 89  ? 13.957  -2.602  -14.181 1.00 86.24  ? 271 ASN B C     1 
ATOM   839  O O     . ASN B 2 89  ? 14.132  -3.808  -14.374 1.00 85.10  ? 271 ASN B O     1 
ATOM   840  C CB    . ASN B 2 89  ? 13.179  -1.650  -16.369 1.00 92.78  ? 271 ASN B CB    1 
ATOM   841  C CG    . ASN B 2 89  ? 11.789  -1.762  -15.790 1.00 96.57  ? 271 ASN B CG    1 
ATOM   842  O OD1   . ASN B 2 89  ? 10.946  -2.494  -16.303 1.00 98.72  ? 271 ASN B OD1   1 
ATOM   843  N ND2   . ASN B 2 89  ? 11.538  -1.030  -14.710 1.00 100.04 ? 271 ASN B ND2   1 
ATOM   844  N N     . ASN B 2 90  ? 13.496  -2.119  -13.026 1.00 80.99  ? 272 ASN B N     1 
ATOM   845  C CA    . ASN B 2 90  ? 13.191  -3.002  -11.899 1.00 74.75  ? 272 ASN B CA    1 
ATOM   846  C C     . ASN B 2 90  ? 11.759  -2.933  -11.349 1.00 68.99  ? 272 ASN B C     1 
ATOM   847  O O     . ASN B 2 90  ? 10.953  -2.065  -11.723 1.00 64.92  ? 272 ASN B O     1 
ATOM   848  C CB    . ASN B 2 90  ? 14.191  -2.763  -10.752 1.00 77.81  ? 272 ASN B CB    1 
ATOM   849  C CG    . ASN B 2 90  ? 14.121  -1.343  -10.177 1.00 79.02  ? 272 ASN B CG    1 
ATOM   850  O OD1   . ASN B 2 90  ? 13.186  -0.585  -10.441 1.00 80.46  ? 272 ASN B OD1   1 
ATOM   851  N ND2   . ASN B 2 90  ? 15.118  -0.989  -9.376  1.00 82.41  ? 272 ASN B ND2   1 
ATOM   852  N N     . ASP B 2 91  ? 11.468  -3.879  -10.458 1.00 60.27  ? 273 ASP B N     1 
ATOM   853  C CA    . ASP B 2 91  ? 10.166  -3.992  -9.801  1.00 54.47  ? 273 ASP B CA    1 
ATOM   854  C C     . ASP B 2 91  ? 10.157  -3.229  -8.439  1.00 47.02  ? 273 ASP B C     1 
ATOM   855  O O     . ASP B 2 91  ? 9.440   -3.599  -7.524  1.00 37.91  ? 273 ASP B O     1 
ATOM   856  C CB    . ASP B 2 91  ? 9.825   -5.500  -9.616  1.00 48.10  ? 273 ASP B CB    1 
ATOM   857  C CG    . ASP B 2 91  ? 10.979  -6.308  -8.996  1.00 44.41  ? 273 ASP B CG    1 
ATOM   858  O OD1   . ASP B 2 91  ? 12.049  -5.737  -8.768  1.00 43.45  ? 273 ASP B OD1   1 
ATOM   859  O OD2   . ASP B 2 91  ? 10.833  -7.516  -8.712  1.00 40.28  ? 273 ASP B OD2   1 
ATOM   860  N N     . SER B 2 92  ? 10.944  -2.150  -8.351  1.00 45.07  ? 274 SER B N     1 
ATOM   861  C CA    . SER B 2 92  ? 11.097  -1.326  -7.138  1.00 39.31  ? 274 SER B CA    1 
ATOM   862  C C     . SER B 2 92  ? 9.951   -0.400  -6.748  1.00 35.62  ? 274 SER B C     1 
ATOM   863  O O     . SER B 2 92  ? 9.549   -0.375  -5.599  1.00 35.45  ? 274 SER B O     1 
ATOM   864  C CB    . SER B 2 92  ? 12.361  -0.479  -7.253  1.00 41.72  ? 274 SER B CB    1 
ATOM   865  O OG    . SER B 2 92  ? 13.313  -0.877  -6.289  1.00 52.13  ? 274 SER B OG    1 
ATOM   866  N N     . ARG B 2 93  ? 9.464   0.387   -7.699  1.00 32.99  ? 275 ARG B N     1 
ATOM   867  C CA    . ARG B 2 93  ? 8.374   1.301   -7.453  1.00 31.90  ? 275 ARG B CA    1 
ATOM   868  C C     . ARG B 2 93  ? 7.020   0.708   -7.860  1.00 36.38  ? 275 ARG B C     1 
ATOM   869  O O     . ARG B 2 93  ? 6.904   0.031   -8.875  1.00 37.92  ? 275 ARG B O     1 
ATOM   870  C CB    . ARG B 2 93  ? 8.606   2.603   -8.208  1.00 33.58  ? 275 ARG B CB    1 
ATOM   871  C CG    . ARG B 2 93  ? 7.401   3.520   -8.179  1.00 36.97  ? 275 ARG B CG    1 
ATOM   872  C CD    . ARG B 2 93  ? 7.625   4.705   -9.086  1.00 45.73  ? 275 ARG B CD    1 
ATOM   873  N NE    . ARG B 2 93  ? 7.173   5.971   -8.514  1.00 52.48  ? 275 ARG B NE    1 
ATOM   874  C CZ    . ARG B 2 93  ? 7.872   6.697   -7.640  1.00 56.34  ? 275 ARG B CZ    1 
ATOM   875  N NH1   . ARG B 2 93  ? 9.074   6.288   -7.217  1.00 50.06  ? 275 ARG B NH1   1 
ATOM   876  N NH2   . ARG B 2 93  ? 7.366   7.845   -7.200  1.00 55.35  ? 275 ARG B NH2   1 
ATOM   877  N N     . TRP B 2 94  ? 6.003   0.975   -7.044  1.00 32.23  ? 276 TRP B N     1 
ATOM   878  C CA    . TRP B 2 94  ? 4.651   0.495   -7.244  1.00 28.34  ? 276 TRP B CA    1 
ATOM   879  C C     . TRP B 2 94  ? 3.665   1.590   -6.968  1.00 29.90  ? 276 TRP B C     1 
ATOM   880  O O     . TRP B 2 94  ? 3.808   2.317   -6.011  1.00 34.94  ? 276 TRP B O     1 
ATOM   881  C CB    . TRP B 2 94  ? 4.357   -0.635  -6.276  1.00 28.73  ? 276 TRP B CB    1 
ATOM   882  C CG    . TRP B 2 94  ? 5.161   -1.839  -6.552  1.00 30.44  ? 276 TRP B CG    1 
ATOM   883  C CD1   . TRP B 2 94  ? 6.499   -1.999  -6.341  1.00 30.84  ? 276 TRP B CD1   1 
ATOM   884  C CD2   . TRP B 2 94  ? 4.684   -3.074  -7.100  1.00 27.20  ? 276 TRP B CD2   1 
ATOM   885  N NE1   . TRP B 2 94  ? 6.882   -3.257  -6.729  1.00 27.26  ? 276 TRP B NE1   1 
ATOM   886  C CE2   . TRP B 2 94  ? 5.785   -3.938  -7.198  1.00 25.04  ? 276 TRP B CE2   1 
ATOM   887  C CE3   . TRP B 2 94  ? 3.425   -3.532  -7.516  1.00 24.15  ? 276 TRP B CE3   1 
ATOM   888  C CZ2   . TRP B 2 94  ? 5.676   -5.238  -7.692  1.00 25.51  ? 276 TRP B CZ2   1 
ATOM   889  C CZ3   . TRP B 2 94  ? 3.318   -4.830  -8.007  1.00 25.36  ? 276 TRP B CZ3   1 
ATOM   890  C CH2   . TRP B 2 94  ? 4.435   -5.663  -8.092  1.00 23.50  ? 276 TRP B CH2   1 
ATOM   891  N N     . GLU B 2 95  ? 2.633   1.676   -7.794  1.00 34.06  ? 277 GLU B N     1 
ATOM   892  C CA    . GLU B 2 95  ? 1.593   2.688   -7.651  1.00 33.55  ? 277 GLU B CA    1 
ATOM   893  C C     . GLU B 2 95  ? 0.242   2.028   -7.902  1.00 30.03  ? 277 GLU B C     1 
ATOM   894  O O     . GLU B 2 95  ? 0.068   1.336   -8.892  1.00 32.32  ? 277 GLU B O     1 
ATOM   895  C CB    . GLU B 2 95  ? 1.837   3.790   -8.670  1.00 38.14  ? 277 GLU B CB    1 
ATOM   896  C CG    . GLU B 2 95  ? 0.813   4.867   -8.694  1.00 40.92  ? 277 GLU B CG    1 
ATOM   897  C CD    . GLU B 2 95  ? 1.216   5.950   -9.668  1.00 54.18  ? 277 GLU B CD    1 
ATOM   898  O OE1   . GLU B 2 95  ? 2.336   5.863   -10.234 1.00 48.19  ? 277 GLU B OE1   1 
ATOM   899  O OE2   . GLU B 2 95  ? 0.411   6.885   -9.862  1.00 55.71  ? 277 GLU B OE2   1 
ATOM   900  N N     . PHE B 2 96  ? -0.718  2.262   -7.023  1.00 31.83  ? 278 PHE B N     1 
ATOM   901  C CA    . PHE B 2 96  ? -2.015  1.632   -7.163  1.00 31.23  ? 278 PHE B CA    1 
ATOM   902  C C     . PHE B 2 96  ? -3.149  2.633   -7.103  1.00 39.27  ? 278 PHE B C     1 
ATOM   903  O O     . PHE B 2 96  ? -3.055  3.638   -6.396  1.00 38.35  ? 278 PHE B O     1 
ATOM   904  C CB    . PHE B 2 96  ? -2.202  0.593   -6.054  1.00 29.42  ? 278 PHE B CB    1 
ATOM   905  C CG    . PHE B 2 96  ? -1.088  -0.434  -5.978  1.00 33.23  ? 278 PHE B CG    1 
ATOM   906  C CD1   . PHE B 2 96  ? -1.124  -1.584  -6.767  1.00 35.21  ? 278 PHE B CD1   1 
ATOM   907  C CD2   . PHE B 2 96  ? -0.038  -0.284  -5.070  1.00 35.06  ? 278 PHE B CD2   1 
ATOM   908  C CE1   . PHE B 2 96  ? -0.142  -2.580  -6.660  1.00 31.67  ? 278 PHE B CE1   1 
ATOM   909  C CE2   . PHE B 2 96  ? 0.954   -1.283  -4.955  1.00 37.76  ? 278 PHE B CE2   1 
ATOM   910  C CZ    . PHE B 2 96  ? 0.889   -2.434  -5.759  1.00 29.93  ? 278 PHE B CZ    1 
ATOM   911  N N     . GLU B 2 97  ? -4.215  2.340   -7.853  1.00 40.07  ? 279 GLU B N     1 
ATOM   912  C CA    . GLU B 2 97  ? -5.409  3.177   -7.903  1.00 43.07  ? 279 GLU B CA    1 
ATOM   913  C C     . GLU B 2 97  ? -6.678  2.329   -7.820  1.00 42.34  ? 279 GLU B C     1 
ATOM   914  O O     . GLU B 2 97  ? -6.683  1.193   -8.262  1.00 40.14  ? 279 GLU B O     1 
ATOM   915  C CB    . GLU B 2 97  ? -5.393  4.003   -9.184  1.00 48.57  ? 279 GLU B CB    1 
ATOM   916  C CG    . GLU B 2 97  ? -5.974  3.328   -10.385 1.00 53.94  ? 279 GLU B CG    1 
ATOM   917  C CD    . GLU B 2 97  ? -5.754  4.143   -11.638 1.00 60.41  ? 279 GLU B CD    1 
ATOM   918  O OE1   . GLU B 2 97  ? -5.510  5.370   -11.528 1.00 63.27  ? 279 GLU B OE1   1 
ATOM   919  O OE2   . GLU B 2 97  ? -5.820  3.555   -12.735 1.00 65.73  ? 279 GLU B OE2   1 
ATOM   920  N N     . ASN B 2 98  ? -7.749  2.876   -7.247  1.00 45.10  ? 280 ASN B N     1 
ATOM   921  C CA    . ASN B 2 98  ? -8.981  2.108   -7.090  1.00 54.13  ? 280 ASN B CA    1 
ATOM   922  C C     . ASN B 2 98  ? -10.134 2.400   -8.032  1.00 60.10  ? 280 ASN B C     1 
ATOM   923  O O     . ASN B 2 98  ? -10.397 3.546   -8.406  1.00 59.38  ? 280 ASN B O     1 
ATOM   924  C CB    . ASN B 2 98  ? -9.513  2.222   -5.658  1.00 55.46  ? 280 ASN B CB    1 
ATOM   925  C CG    . ASN B 2 98  ? -10.524 1.145   -5.341  1.00 60.55  ? 280 ASN B CG    1 
ATOM   926  O OD1   . ASN B 2 98  ? -11.543 1.018   -6.019  1.00 66.60  ? 280 ASN B OD1   1 
ATOM   927  N ND2   . ASN B 2 98  ? -10.245 0.353   -4.314  1.00 61.12  ? 280 ASN B ND2   1 
ATOM   928  N N     . GLU B 2 99  ? -10.828 1.325   -8.395  1.00 66.31  ? 281 GLU B N     1 
ATOM   929  C CA    . GLU B 2 99  ? -11.988 1.414   -9.264  1.00 70.39  ? 281 GLU B CA    1 
ATOM   930  C C     . GLU B 2 99  ? -13.011 2.413   -8.677  1.00 74.01  ? 281 GLU B C     1 
ATOM   931  O O     . GLU B 2 99  ? -13.205 3.501   -9.238  1.00 74.71  ? 281 GLU B O     1 
ATOM   932  C CB    . GLU B 2 99  ? -12.611 0.025   -9.425  1.00 68.28  ? 281 GLU B CB    1 
ATOM   933  C CG    . GLU B 2 99  ? -13.861 0.060   -10.351 0.00 100.00 ? 281 GLU B CG    1 
ATOM   934  C CD    . GLU B 2 99  ? -14.461 -1.320  -10.537 0.00 100.00 ? 281 GLU B CD    1 
ATOM   935  O OE1   . GLU B 2 99  ? -13.919 -2.285  -9.958  0.00 100.00 ? 281 GLU B OE1   1 
ATOM   936  O OE2   . GLU B 2 99  ? -15.471 -1.436  -11.262 0.00 100.00 ? 281 GLU B OE2   1 
ATOM   937  N N     . ARG B 2 100 ? -13.620 2.063   -7.535  1.00 74.47  ? 282 ARG B N     1 
ATOM   938  C CA    . ARG B 2 100 ? -14.634 2.910   -6.884  1.00 76.00  ? 282 ARG B CA    1 
ATOM   939  C C     . ARG B 2 100 ? -14.075 4.014   -5.962  1.00 77.06  ? 282 ARG B C     1 
ATOM   940  O O     . ARG B 2 100 ? -13.205 4.793   -6.426  1.00 77.91  ? 282 ARG B O     1 
ATOM   941  C CB    . ARG B 2 100 ? -15.634 2.029   -6.107  1.00 72.45  ? 282 ARG B CB    1 
ATOM   942  C CG    . ARG B 2 100 ? -16.733 2.800   -5.396  0.00 100.00 ? 282 ARG B CG    1 
ATOM   943  C CD    . ARG B 2 100 ? -17.487 1.905   -4.431  0.00 100.00 ? 282 ARG B CD    1 
ATOM   944  N NE    . ARG B 2 100 ? -18.570 2.611   -3.756  0.00 100.00 ? 282 ARG B NE    1 
ATOM   945  C CZ    . ARG B 2 100 ? -19.383 2.050   -2.869  0.00 100.00 ? 282 ARG B CZ    1 
ATOM   946  N NH1   . ARG B 2 100 ? -19.234 0.771   -2.551  0.00 100.00 ? 282 ARG B NH1   1 
ATOM   947  N NH2   . ARG B 2 100 ? -20.342 2.768   -2.301  0.00 100.00 ? 282 ARG B NH2   1 
HETATM 948  C C1    . GOL C 3 .   ? -10.189 -15.213 -3.762  1.00 47.64  ? 1   GOL B C1    1 
HETATM 949  O O1    . GOL C 3 .   ? -10.115 -16.057 -2.632  1.00 49.43  ? 1   GOL B O1    1 
HETATM 950  C C2    . GOL C 3 .   ? -11.307 -15.682 -4.697  1.00 53.00  ? 1   GOL B C2    1 
HETATM 951  O O2    . GOL C 3 .   ? -11.115 -15.112 -5.997  1.00 47.09  ? 1   GOL B O2    1 
HETATM 952  C C3    . GOL C 3 .   ? -12.672 -15.255 -4.156  1.00 51.96  ? 1   GOL B C3    1 
HETATM 953  O O3    . GOL C 3 .   ? -13.108 -14.078 -4.810  1.00 50.98  ? 1   GOL B O3    1 
HETATM 954  O O     . HOH D 4 .   ? 1.666   -14.488 -5.743  1.00 19.13  ? 13  HOH A O     1 
HETATM 955  O O     . HOH D 4 .   ? 4.055   -15.292 -2.044  1.00 24.39  ? 14  HOH A O     1 
HETATM 956  O O     . HOH D 4 .   ? -8.206  -16.342 -13.436 1.00 38.35  ? 15  HOH A O     1 
HETATM 957  O O     . HOH D 4 .   ? -5.198  -9.076  5.655   1.00 27.74  ? 16  HOH A O     1 
HETATM 958  O O     . HOH D 4 .   ? 4.557   -18.219 -4.242  1.00 28.70  ? 17  HOH A O     1 
HETATM 959  O O     . HOH D 4 .   ? -9.385  -11.793 4.254   1.00 36.91  ? 18  HOH A O     1 
HETATM 960  O O     . HOH D 4 .   ? -6.284  -17.650 -11.868 0.5  29.36  ? 19  HOH A O     1 
HETATM 961  O O     . HOH D 4 .   ? -0.096  -13.689 -3.919  1.00 27.82  ? 20  HOH A O     1 
HETATM 962  O O     . HOH D 4 .   ? -9.929  -7.933  5.288   1.00 27.45  ? 21  HOH A O     1 
HETATM 963  O O     . HOH D 4 .   ? -5.097  -21.199 -9.558  1.00 30.09  ? 22  HOH A O     1 
HETATM 964  O O     . HOH D 4 .   ? 0.712   -11.822 7.872   1.00 31.23  ? 23  HOH A O     1 
HETATM 965  O O     . HOH D 4 .   ? 2.826   -12.545 -7.338  0.5  51.29  ? 24  HOH A O     1 
HETATM 966  O O     . HOH D 4 .   ? 1.101   -11.423 5.001   1.00 27.13  ? 25  HOH A O     1 
HETATM 967  O O     . HOH D 4 .   ? 3.966   -15.341 -4.756  1.00 25.21  ? 26  HOH A O     1 
HETATM 968  O O     . HOH D 4 .   ? -4.114  -17.271 7.593   1.00 36.59  ? 27  HOH A O     1 
HETATM 969  O O     . HOH D 4 .   ? -1.304  -9.672  -28.935 1.00 39.87  ? 28  HOH A O     1 
HETATM 970  O O     . HOH D 4 .   ? -2.809  -23.114 -4.706  1.00 57.05  ? 29  HOH A O     1 
HETATM 971  O O     . HOH D 4 .   ? -2.296  -13.315 -27.018 1.00 35.26  ? 30  HOH A O     1 
HETATM 972  O O     . HOH D 4 .   ? 2.074   -0.540  -27.004 1.00 42.68  ? 31  HOH A O     1 
HETATM 973  O O     . HOH D 4 .   ? -1.462  -10.151 10.568  1.00 35.10  ? 32  HOH A O     1 
HETATM 974  O O     . HOH D 4 .   ? -1.652  -19.892 3.154   1.00 50.13  ? 33  HOH A O     1 
HETATM 975  O O     . HOH D 4 .   ? -2.387  -7.213  -27.885 1.00 47.54  ? 34  HOH A O     1 
HETATM 976  O O     . HOH E 4 .   ? -1.436  -6.136  -9.295  1.00 27.23  ? 4   HOH B O     1 
HETATM 977  O O     . HOH E 4 .   ? -1.593  -11.559 -6.968  1.00 29.02  ? 5   HOH B O     1 
HETATM 978  O O     . HOH E 4 .   ? -8.511  -10.288 -7.186  1.00 25.04  ? 6   HOH B O     1 
HETATM 979  O O     . HOH E 4 .   ? -3.694  -10.203 -7.451  1.00 20.20  ? 8   HOH B O     1 
HETATM 980  O O     . HOH E 4 .   ? -0.043  -7.850  3.711   1.00 22.10  ? 10  HOH B O     1 
HETATM 981  O O     . HOH E 4 .   ? 0.803   -10.666 -5.825  1.00 30.19  ? 12  HOH B O     1 
HETATM 982  O O     . HOH E 4 .   ? 2.335   -8.590  4.491   1.00 29.76  ? 13  HOH B O     1 
HETATM 983  O O     . HOH E 4 .   ? 10.620  10.714  6.346   1.00 35.58  ? 15  HOH B O     1 
HETATM 984  O O     . HOH E 4 .   ? 8.786   2.838   -0.320  1.00 40.69  ? 18  HOH B O     1 
HETATM 985  O O     . HOH E 4 .   ? 2.550   8.436   13.747  1.00 37.45  ? 19  HOH B O     1 
HETATM 986  O O     . HOH E 4 .   ? 8.263   -8.630  -8.553  1.00 43.48  ? 22  HOH B O     1 
HETATM 987  O O     . HOH E 4 .   ? 8.497   8.084   6.940   1.00 29.48  ? 24  HOH B O     1 
HETATM 988  O O     . HOH E 4 .   ? -1.272  -10.374 4.359   1.00 25.87  ? 25  HOH B O     1 
HETATM 989  O O     . HOH E 4 .   ? 3.055   1.047   -10.563 1.00 31.37  ? 26  HOH B O     1 
HETATM 990  O O     . HOH E 4 .   ? -12.394 -9.502  4.240   1.00 34.38  ? 27  HOH B O     1 
HETATM 991  O O     . HOH E 4 .   ? 9.430   8.834   -0.149  1.00 36.99  ? 28  HOH B O     1 
HETATM 992  O O     . HOH E 4 .   ? 6.984   -2.002  -10.705 1.00 50.46  ? 29  HOH B O     1 
HETATM 993  O O     . HOH E 4 .   ? -10.357 -11.995 -6.188  1.00 35.97  ? 30  HOH B O     1 
HETATM 994  O O     . HOH E 4 .   ? 10.124  -6.769  7.375   1.00 42.51  ? 31  HOH B O     1 
HETATM 995  O O     . HOH E 4 .   ? -1.089  3.327   11.467  1.00 49.61  ? 32  HOH B O     1 
HETATM 996  O O     . HOH E 4 .   ? 13.171  2.914   -5.213  1.00 62.31  ? 33  HOH B O     1 
HETATM 997  O O     . HOH E 4 .   ? -8.293  -9.736  3.476   1.00 41.99  ? 35  HOH B O     1 
HETATM 998  O O     . HOH E 4 .   ? 6.067   -8.948  -5.994  1.00 41.51  ? 38  HOH B O     1 
HETATM 999  O O     . HOH E 4 .   ? 5.588   -14.255 3.835   1.00 44.64  ? 39  HOH B O     1 
HETATM 1000 O O     . HOH E 4 .   ? 1.318   -14.313 -1.577  1.00 33.37  ? 40  HOH B O     1 
HETATM 1001 O O     . HOH E 4 .   ? 10.571  4.695   0.336   1.00 31.05  ? 41  HOH B O     1 
HETATM 1002 O O     . HOH E 4 .   ? 3.188   -9.839  -6.688  1.00 40.33  ? 43  HOH B O     1 
HETATM 1003 O O     . HOH E 4 .   ? 5.836   1.871   -10.730 1.00 45.39  ? 44  HOH B O     1 
HETATM 1004 O O     . HOH E 4 .   ? 10.222  0.916   -10.359 1.00 45.46  ? 45  HOH B O     1 
HETATM 1005 O O     . HOH E 4 .   ? 1.656   8.310   4.496   1.00 43.40  ? 46  HOH B O     1 
HETATM 1006 O O     . HOH E 4 .   ? 4.642   5.739   -9.554  1.00 50.64  ? 48  HOH B O     1 
HETATM 1007 O O     . HOH E 4 .   ? -7.317  6.121   -6.309  1.00 53.74  ? 51  HOH B O     1 
HETATM 1008 O O     . HOH E 4 .   ? -7.802  -4.050  10.325  1.00 60.73  ? 52  HOH B O     1 
HETATM 1009 O O     . HOH E 4 .   ? -8.786  -5.521  -9.245  1.00 34.42  ? 54  HOH B O     1 
HETATM 1010 O O     . HOH E 4 .   ? -13.383 -6.096  -5.586  1.00 42.25  ? 55  HOH B O     1 
HETATM 1011 O O     . HOH E 4 .   ? 5.315   -7.892  12.879  1.00 46.20  ? 56  HOH B O     1 
HETATM 1012 O O     . HOH E 4 .   ? -12.030 -8.090  8.229   1.00 49.26  ? 57  HOH B O     1 
HETATM 1013 O O     . HOH E 4 .   ? -11.231 -7.044  -7.646  1.00 62.58  ? 58  HOH B O     1 
HETATM 1014 O O     . HOH E 4 .   ? -6.744  -1.246  11.361  1.00 56.68  ? 61  HOH B O     1 
HETATM 1015 O O     . HOH E 4 .   ? -14.097 -4.515  -3.092  1.00 63.11  ? 62  HOH B O     1 
HETATM 1016 O O     . HOH E 4 .   ? 6.512   12.076  7.418   1.00 37.44  ? 63  HOH B O     1 
HETATM 1017 O O     . HOH E 4 .   ? 12.569  0.586   -12.975 1.00 42.28  ? 64  HOH B O     1 
HETATM 1018 O O     . HOH E 4 .   ? -14.365 -3.507  -4.686  1.00 65.55  ? 65  HOH B O     1 
HETATM 1019 O O     . HOH E 4 .   ? -6.870  -8.902  10.268  1.00 52.11  ? 66  HOH B O     1 
HETATM 1020 O O     . HOH E 4 .   ? -6.338  -8.191  7.161   1.00 52.62  ? 67  HOH B O     1 
HETATM 1021 O O     . HOH E 4 .   ? -11.611 -5.859  -10.302 1.00 48.77  ? 68  HOH B O     1 
HETATM 1022 O O     . HOH E 4 .   ? -5.372  -10.484 11.374  1.00 48.66  ? 69  HOH B O     1 
HETATM 1023 O O     . HOH E 4 .   ? -4.209  11.777  4.902   1.00 61.28  ? 70  HOH B O     1 
# 
loop_
_pdbx_poly_seq_scheme.asym_id 
_pdbx_poly_seq_scheme.entity_id 
_pdbx_poly_seq_scheme.seq_id 
_pdbx_poly_seq_scheme.mon_id 
_pdbx_poly_seq_scheme.ndb_seq_num 
_pdbx_poly_seq_scheme.pdb_seq_num 
_pdbx_poly_seq_scheme.auth_seq_num 
_pdbx_poly_seq_scheme.pdb_mon_id 
_pdbx_poly_seq_scheme.auth_mon_id 
_pdbx_poly_seq_scheme.pdb_strand_id 
_pdbx_poly_seq_scheme.pdb_ins_code 
_pdbx_poly_seq_scheme.hetero 
A 1 1   DG  1   1   1   DG  G   A . n 
A 1 2   DG  2   2   2   DG  G   A . n 
A 1 3   DT  3   3   3   DT  T   A . n 
A 1 4   DT  4   4   4   DT  T   A . n 
A 1 5   DC  5   5   5   DC  C   A . n 
A 1 6   DT  6   6   6   DT  T   A . n 
A 1 7   DA  7   7   7   DA  A   A . n 
A 1 8   DG  8   8   8   DG  G   A . n 
A 1 9   DA  9   9   9   DA  A   A . n 
A 1 10  DA  10  10  10  DA  A   A . n 
A 1 11  DC  11  11  11  DC  C   A . n 
A 1 12  DC  12  12  12  DC  C   A . n 
B 2 1   GLY 1   183 ?   ?   ?   B . n 
B 2 2   SER 2   184 ?   ?   ?   B . n 
B 2 3   ARG 3   185 ?   ?   ?   B . n 
B 2 4   ARG 4   186 ?   ?   ?   B . n 
B 2 5   ALA 5   187 ?   ?   ?   B . n 
B 2 6   SER 6   188 ?   ?   ?   B . n 
B 2 7   VAL 7   189 ?   ?   ?   B . n 
B 2 8   GLY 8   190 ?   ?   ?   B . n 
B 2 9   SER 9   191 ?   ?   ?   B . n 
B 2 10  MET 10  192 192 MET MET B . n 
B 2 11  ALA 11  193 193 ALA ALA B . n 
B 2 12  ARG 12  194 194 ARG ARG B . n 
B 2 13  PRO 13  195 195 PRO PRO B . n 
B 2 14  ALA 14  196 196 ALA ALA B . n 
B 2 15  PHE 15  197 197 PHE PHE B . n 
B 2 16  VAL 16  198 198 VAL VAL B . n 
B 2 17  ASN 17  199 199 ASN ASN B . n 
B 2 18  LYS 18  200 200 LYS LYS B . n 
B 2 19  LEU 19  201 201 LEU LEU B . n 
B 2 20  TRP 20  202 202 TRP TRP B . n 
B 2 21  SER 21  203 203 SER SER B . n 
B 2 22  MET 22  204 204 MET MET B . n 
B 2 23  VAL 23  205 205 VAL VAL B . n 
B 2 24  ASN 24  206 206 ASN ASN B . n 
B 2 25  ASP 25  207 207 ASP ASP B . n 
B 2 26  LYS 26  208 208 LYS LYS B . n 
B 2 27  SER 27  209 209 SER SER B . n 
B 2 28  ASN 28  210 210 ASN ASN B . n 
B 2 29  GLU 29  211 211 GLU GLU B . n 
B 2 30  LYS 30  212 212 LYS LYS B . n 
B 2 31  PHE 31  213 213 PHE PHE B . n 
B 2 32  ILE 32  214 214 ILE ILE B . n 
B 2 33  HIS 33  215 215 HIS HIS B . n 
B 2 34  TRP 34  216 216 TRP TRP B . n 
B 2 35  SER 35  217 217 SER SER B . n 
B 2 36  THR 36  218 218 THR THR B . n 
B 2 37  SER 37  219 219 SER SER B . n 
B 2 38  GLY 38  220 220 GLY GLY B . n 
B 2 39  GLU 39  221 221 GLU GLU B . n 
B 2 40  SER 40  222 222 SER SER B . n 
B 2 41  ILE 41  223 223 ILE ILE B . n 
B 2 42  VAL 42  224 224 VAL VAL B . n 
B 2 43  VAL 43  225 225 VAL VAL B . n 
B 2 44  PRO 44  226 226 PRO PRO B . n 
B 2 45  ASN 45  227 227 ASN ASN B . n 
B 2 46  ARG 46  228 228 ARG ARG B . n 
B 2 47  GLU 47  229 229 GLU GLU B . n 
B 2 48  ARG 48  230 230 ARG ARG B . n 
B 2 49  PHE 49  231 231 PHE PHE B . n 
B 2 50  VAL 50  232 232 VAL VAL B . n 
B 2 51  GLN 51  233 233 GLN GLN B . n 
B 2 52  GLU 52  234 234 GLU GLU B . n 
B 2 53  VAL 53  235 235 VAL VAL B . n 
B 2 54  LEU 54  236 236 LEU LEU B . n 
B 2 55  PRO 55  237 237 PRO PRO B . n 
B 2 56  LYS 56  238 238 LYS LYS B . n 
B 2 57  TYR 57  239 239 TYR TYR B . n 
B 2 58  PHE 58  240 240 PHE PHE B . n 
B 2 59  LYS 59  241 241 LYS LYS B . n 
B 2 60  HIS 60  242 242 HIS HIS B . n 
B 2 61  SER 61  243 243 SER SER B . n 
B 2 62  ASN 62  244 244 ASN ASN B . n 
B 2 63  PHE 63  245 245 PHE PHE B . n 
B 2 64  ALA 64  246 246 ALA ALA B . n 
B 2 65  SER 65  247 247 SER SER B . n 
B 2 66  PHE 66  248 248 PHE PHE B . n 
B 2 67  VAL 67  249 249 VAL VAL B . n 
B 2 68  ARG 68  250 250 ARG ARG B . n 
B 2 69  GLN 69  251 251 GLN GLN B . n 
B 2 70  LEU 70  252 252 LEU LEU B . n 
B 2 71  ASN 71  253 253 ASN ASN B . n 
B 2 72  MET 72  254 254 MET MET B . n 
B 2 73  TYR 73  255 255 TYR TYR B . n 
B 2 74  GLY 74  256 256 GLY GLY B . n 
B 2 75  TRP 75  257 257 TRP TRP B . n 
B 2 76  HIS 76  258 258 HIS HIS B . n 
B 2 77  LYS 77  259 259 LYS LYS B . n 
B 2 78  VAL 78  260 260 VAL VAL B . n 
B 2 79  GLN 79  261 261 GLN GLN B . n 
B 2 80  ASP 80  262 ?   ?   ?   B . n 
B 2 81  VAL 81  263 ?   ?   ?   B . n 
B 2 82  LYS 82  264 ?   ?   ?   B . n 
B 2 83  SER 83  265 ?   ?   ?   B . n 
B 2 84  GLY 84  266 ?   ?   ?   B . n 
B 2 85  SER 85  267 ?   ?   ?   B . n 
B 2 86  MET 86  268 ?   ?   ?   B . n 
B 2 87  LEU 87  269 ?   ?   ?   B . n 
B 2 88  SER 88  270 ?   ?   ?   B . n 
B 2 89  ASN 89  271 271 ASN ASN B . n 
B 2 90  ASN 90  272 272 ASN ASN B . n 
B 2 91  ASP 91  273 273 ASP ASP B . n 
B 2 92  SER 92  274 274 SER SER B . n 
B 2 93  ARG 93  275 275 ARG ARG B . n 
B 2 94  TRP 94  276 276 TRP TRP B . n 
B 2 95  GLU 95  277 277 GLU GLU B . n 
B 2 96  PHE 96  278 278 PHE PHE B . n 
B 2 97  GLU 97  279 279 GLU GLU B . n 
B 2 98  ASN 98  280 280 ASN ASN B . n 
B 2 99  GLU 99  281 281 GLU GLU B . n 
B 2 100 ARG 100 282 282 ARG ARG B . n 
B 2 101 HIS 101 283 ?   ?   ?   B . n 
B 2 102 ALA 102 284 ?   ?   ?   B . n 
# 
loop_
_pdbx_nonpoly_scheme.asym_id 
_pdbx_nonpoly_scheme.entity_id 
_pdbx_nonpoly_scheme.mon_id 
_pdbx_nonpoly_scheme.ndb_seq_num 
_pdbx_nonpoly_scheme.pdb_seq_num 
_pdbx_nonpoly_scheme.auth_seq_num 
_pdbx_nonpoly_scheme.pdb_mon_id 
_pdbx_nonpoly_scheme.auth_mon_id 
_pdbx_nonpoly_scheme.pdb_strand_id 
_pdbx_nonpoly_scheme.pdb_ins_code 
C 3 GOL 1  1  1  GOL GOL B . 
D 4 HOH 1  13 2  HOH HOH A . 
D 4 HOH 2  14 3  HOH HOH A . 
D 4 HOH 3  15 7  HOH HOH A . 
D 4 HOH 4  16 9  HOH HOH A . 
D 4 HOH 5  17 11 HOH HOH A . 
D 4 HOH 6  18 14 HOH HOH A . 
D 4 HOH 7  19 16 HOH HOH A . 
D 4 HOH 8  20 17 HOH HOH A . 
D 4 HOH 9  21 20 HOH HOH A . 
D 4 HOH 10 22 21 HOH HOH A . 
D 4 HOH 11 23 23 HOH HOH A . 
D 4 HOH 12 24 34 HOH HOH A . 
D 4 HOH 13 25 36 HOH HOH A . 
D 4 HOH 14 26 37 HOH HOH A . 
D 4 HOH 15 27 42 HOH HOH A . 
D 4 HOH 16 28 47 HOH HOH A . 
D 4 HOH 17 29 49 HOH HOH A . 
D 4 HOH 18 30 50 HOH HOH A . 
D 4 HOH 19 31 53 HOH HOH A . 
D 4 HOH 20 32 59 HOH HOH A . 
D 4 HOH 21 33 60 HOH HOH A . 
D 4 HOH 22 34 71 HOH HOH A . 
E 4 HOH 1  4  4  HOH HOH B . 
E 4 HOH 2  5  5  HOH HOH B . 
E 4 HOH 3  6  6  HOH HOH B . 
E 4 HOH 4  8  8  HOH HOH B . 
E 4 HOH 5  10 10 HOH HOH B . 
E 4 HOH 6  12 12 HOH HOH B . 
E 4 HOH 7  13 13 HOH HOH B . 
E 4 HOH 8  15 15 HOH HOH B . 
E 4 HOH 9  18 18 HOH HOH B . 
E 4 HOH 10 19 19 HOH HOH B . 
E 4 HOH 11 22 22 HOH HOH B . 
E 4 HOH 12 24 24 HOH HOH B . 
E 4 HOH 13 25 25 HOH HOH B . 
E 4 HOH 14 26 26 HOH HOH B . 
E 4 HOH 15 27 27 HOH HOH B . 
E 4 HOH 16 28 28 HOH HOH B . 
E 4 HOH 17 29 29 HOH HOH B . 
E 4 HOH 18 30 30 HOH HOH B . 
E 4 HOH 19 31 31 HOH HOH B . 
E 4 HOH 20 32 32 HOH HOH B . 
E 4 HOH 21 33 33 HOH HOH B . 
E 4 HOH 22 35 35 HOH HOH B . 
E 4 HOH 23 38 38 HOH HOH B . 
E 4 HOH 24 39 39 HOH HOH B . 
E 4 HOH 25 40 40 HOH HOH B . 
E 4 HOH 26 41 41 HOH HOH B . 
E 4 HOH 27 43 43 HOH HOH B . 
E 4 HOH 28 44 44 HOH HOH B . 
E 4 HOH 29 45 45 HOH HOH B . 
E 4 HOH 30 46 46 HOH HOH B . 
E 4 HOH 31 48 48 HOH HOH B . 
E 4 HOH 32 51 51 HOH HOH B . 
E 4 HOH 33 52 52 HOH HOH B . 
E 4 HOH 34 54 54 HOH HOH B . 
E 4 HOH 35 55 55 HOH HOH B . 
E 4 HOH 36 56 56 HOH HOH B . 
E 4 HOH 37 57 57 HOH HOH B . 
E 4 HOH 38 58 58 HOH HOH B . 
E 4 HOH 39 61 61 HOH HOH B . 
E 4 HOH 40 62 62 HOH HOH B . 
E 4 HOH 41 63 63 HOH HOH B . 
E 4 HOH 42 64 64 HOH HOH B . 
E 4 HOH 43 65 65 HOH HOH B . 
E 4 HOH 44 66 66 HOH HOH B . 
E 4 HOH 45 67 67 HOH HOH B . 
E 4 HOH 46 68 68 HOH HOH B . 
E 4 HOH 47 69 69 HOH HOH B . 
E 4 HOH 48 70 70 HOH HOH B . 
# 
_pdbx_struct_assembly.id                   1 
_pdbx_struct_assembly.details              author_defined_assembly 
_pdbx_struct_assembly.method_details       ? 
_pdbx_struct_assembly.oligomeric_details   tetrameric 
_pdbx_struct_assembly.oligomeric_count     4 
# 
_pdbx_struct_assembly_gen.assembly_id       1 
_pdbx_struct_assembly_gen.oper_expression   1,2 
_pdbx_struct_assembly_gen.asym_id_list      A,B,C,D,E 
# 
loop_
_pdbx_struct_oper_list.id 
_pdbx_struct_oper_list.type 
_pdbx_struct_oper_list.name 
_pdbx_struct_oper_list.symmetry_operation 
_pdbx_struct_oper_list.matrix[1][1] 
_pdbx_struct_oper_list.matrix[1][2] 
_pdbx_struct_oper_list.matrix[1][3] 
_pdbx_struct_oper_list.vector[1] 
_pdbx_struct_oper_list.matrix[2][1] 
_pdbx_struct_oper_list.matrix[2][2] 
_pdbx_struct_oper_list.matrix[2][3] 
_pdbx_struct_oper_list.vector[2] 
_pdbx_struct_oper_list.matrix[3][1] 
_pdbx_struct_oper_list.matrix[3][2] 
_pdbx_struct_oper_list.matrix[3][3] 
_pdbx_struct_oper_list.vector[3] 
1 'identity operation'         1_555 x,y,z       1.0000000000 0.0000000000 0.0000000000 0.0000000000  0.0000000000 1.0000000000  0.0000000000 0.0000000000   0.0000000000 0.0000000000 1.0000000000  0.0000000000  
2 'crystal symmetry operation' 2_656 -x+1,y,-z+1 0.2818731747 0.7144052706 0.6404472052 15.7029592311 0.7144052706 -0.6018522731 0.3569298960 -19.5399659608 0.6404472052 0.3569298960 -0.6800209016 -9.6334990314 
# 
loop_
_pdbx_struct_special_symmetry.id 
_pdbx_struct_special_symmetry.PDB_model_num 
_pdbx_struct_special_symmetry.auth_asym_id 
_pdbx_struct_special_symmetry.auth_comp_id 
_pdbx_struct_special_symmetry.auth_seq_id 
_pdbx_struct_special_symmetry.PDB_ins_code 
_pdbx_struct_special_symmetry.label_asym_id 
_pdbx_struct_special_symmetry.label_comp_id 
_pdbx_struct_special_symmetry.label_seq_id 
1 1 A HOH 19 ? D HOH . 
2 1 A HOH 24 ? D HOH . 
# 
loop_
_pdbx_audit_revision_history.ordinal 
_pdbx_audit_revision_history.data_content_type 
_pdbx_audit_revision_history.major_revision 
_pdbx_audit_revision_history.minor_revision 
_pdbx_audit_revision_history.revision_date 
1 'Structure model' 1 0 1999-04-29 
2 'Structure model' 1 1 2008-04-26 
3 'Structure model' 1 2 2011-07-13 
4 'Structure model' 1 3 2011-11-16 
5 'Structure model' 1 4 2023-09-06 
# 
_pdbx_audit_revision_details.ordinal             1 
_pdbx_audit_revision_details.revision_ordinal    1 
_pdbx_audit_revision_details.data_content_type   'Structure model' 
_pdbx_audit_revision_details.provider            repository 
_pdbx_audit_revision_details.type                'Initial release' 
_pdbx_audit_revision_details.description         ? 
_pdbx_audit_revision_details.details             ? 
# 
loop_
_pdbx_audit_revision_group.ordinal 
_pdbx_audit_revision_group.revision_ordinal 
_pdbx_audit_revision_group.data_content_type 
_pdbx_audit_revision_group.group 
1 2 'Structure model' 'Version format compliance' 
2 3 'Structure model' 'Non-polymer description'   
3 3 'Structure model' 'Version format compliance' 
4 4 'Structure model' 'Atomic model'              
5 5 'Structure model' 'Data collection'           
6 5 'Structure model' 'Database references'       
7 5 'Structure model' 'Derived calculations'      
8 5 'Structure model' 'Refinement description'    
# 
loop_
_pdbx_audit_revision_category.ordinal 
_pdbx_audit_revision_category.revision_ordinal 
_pdbx_audit_revision_category.data_content_type 
_pdbx_audit_revision_category.category 
1 5 'Structure model' chem_comp_atom                
2 5 'Structure model' chem_comp_bond                
3 5 'Structure model' database_2                    
4 5 'Structure model' pdbx_initial_refinement_model 
5 5 'Structure model' struct_ref_seq_dif            
6 5 'Structure model' struct_site                   
# 
loop_
_pdbx_audit_revision_item.ordinal 
_pdbx_audit_revision_item.revision_ordinal 
_pdbx_audit_revision_item.data_content_type 
_pdbx_audit_revision_item.item 
1 5 'Structure model' '_database_2.pdbx_DOI'                
2 5 'Structure model' '_database_2.pdbx_database_accession' 
3 5 'Structure model' '_struct_ref_seq_dif.details'         
4 5 'Structure model' '_struct_site.pdbx_auth_asym_id'      
5 5 'Structure model' '_struct_site.pdbx_auth_comp_id'      
6 5 'Structure model' '_struct_site.pdbx_auth_seq_id'       
# 
loop_
_software.name 
_software.classification 
_software.version 
_software.citation_id 
_software.pdbx_ordinal 
AMoRE  phasing          .         ? 1 
X-PLOR refinement       3.851     ? 2 
DENZO  'data reduction' .         ? 3 
CCP4   'data scaling'   '(SCALA)' ? 4 
# 
loop_
_pdbx_validate_close_contact.id 
_pdbx_validate_close_contact.PDB_model_num 
_pdbx_validate_close_contact.auth_atom_id_1 
_pdbx_validate_close_contact.auth_asym_id_1 
_pdbx_validate_close_contact.auth_comp_id_1 
_pdbx_validate_close_contact.auth_seq_id_1 
_pdbx_validate_close_contact.PDB_ins_code_1 
_pdbx_validate_close_contact.label_alt_id_1 
_pdbx_validate_close_contact.auth_atom_id_2 
_pdbx_validate_close_contact.auth_asym_id_2 
_pdbx_validate_close_contact.auth_comp_id_2 
_pdbx_validate_close_contact.auth_seq_id_2 
_pdbx_validate_close_contact.PDB_ins_code_2 
_pdbx_validate_close_contact.label_alt_id_2 
_pdbx_validate_close_contact.dist 
1 1 O B HOH 62 ? ? O B HOH 65 ? ? 1.90 
2 1 O A HOH 16 ? ? O B HOH 67 ? ? 2.09 
# 
_pdbx_validate_symm_contact.id                1 
_pdbx_validate_symm_contact.PDB_model_num     1 
_pdbx_validate_symm_contact.auth_atom_id_1    O 
_pdbx_validate_symm_contact.auth_asym_id_1    B 
_pdbx_validate_symm_contact.auth_comp_id_1    HOH 
_pdbx_validate_symm_contact.auth_seq_id_1     15 
_pdbx_validate_symm_contact.PDB_ins_code_1    ? 
_pdbx_validate_symm_contact.label_alt_id_1    ? 
_pdbx_validate_symm_contact.site_symmetry_1   1_555 
_pdbx_validate_symm_contact.auth_atom_id_2    O 
_pdbx_validate_symm_contact.auth_asym_id_2    B 
_pdbx_validate_symm_contact.auth_comp_id_2    HOH 
_pdbx_validate_symm_contact.auth_seq_id_2     57 
_pdbx_validate_symm_contact.PDB_ins_code_2    ? 
_pdbx_validate_symm_contact.label_alt_id_2    ? 
_pdbx_validate_symm_contact.site_symmetry_2   4_545 
_pdbx_validate_symm_contact.dist              2.18 
# 
loop_
_pdbx_validate_torsion.id 
_pdbx_validate_torsion.PDB_model_num 
_pdbx_validate_torsion.auth_comp_id 
_pdbx_validate_torsion.auth_asym_id 
_pdbx_validate_torsion.auth_seq_id 
_pdbx_validate_torsion.PDB_ins_code 
_pdbx_validate_torsion.label_alt_id 
_pdbx_validate_torsion.phi 
_pdbx_validate_torsion.psi 
1 1 SER B 219 ? ? -74.24  20.52   
2 1 SER B 222 ? ? -136.75 -156.55 
3 1 ASP B 273 ? ? -92.94  30.72   
# 
_pdbx_validate_planes.id              1 
_pdbx_validate_planes.PDB_model_num   1 
_pdbx_validate_planes.auth_comp_id    DG 
_pdbx_validate_planes.auth_asym_id    A 
_pdbx_validate_planes.auth_seq_id     2 
_pdbx_validate_planes.PDB_ins_code    ? 
_pdbx_validate_planes.label_alt_id    ? 
_pdbx_validate_planes.rmsd            0.053 
_pdbx_validate_planes.type            'SIDE CHAIN' 
# 
loop_
_pdbx_unobs_or_zero_occ_atoms.id 
_pdbx_unobs_or_zero_occ_atoms.PDB_model_num 
_pdbx_unobs_or_zero_occ_atoms.polymer_flag 
_pdbx_unobs_or_zero_occ_atoms.occupancy_flag 
_pdbx_unobs_or_zero_occ_atoms.auth_asym_id 
_pdbx_unobs_or_zero_occ_atoms.auth_comp_id 
_pdbx_unobs_or_zero_occ_atoms.auth_seq_id 
_pdbx_unobs_or_zero_occ_atoms.PDB_ins_code 
_pdbx_unobs_or_zero_occ_atoms.auth_atom_id 
_pdbx_unobs_or_zero_occ_atoms.label_alt_id 
_pdbx_unobs_or_zero_occ_atoms.label_asym_id 
_pdbx_unobs_or_zero_occ_atoms.label_comp_id 
_pdbx_unobs_or_zero_occ_atoms.label_seq_id 
_pdbx_unobs_or_zero_occ_atoms.label_atom_id 
1  1 Y 0 B GLU 221 ? CG  ? B GLU 39  CG  
2  1 Y 0 B GLU 221 ? CD  ? B GLU 39  CD  
3  1 Y 0 B GLU 221 ? OE1 ? B GLU 39  OE1 
4  1 Y 0 B GLU 221 ? OE2 ? B GLU 39  OE2 
5  1 Y 0 B LYS 241 ? CG  ? B LYS 59  CG  
6  1 Y 0 B LYS 241 ? CD  ? B LYS 59  CD  
7  1 Y 0 B LYS 241 ? CE  ? B LYS 59  CE  
8  1 Y 0 B LYS 241 ? NZ  ? B LYS 59  NZ  
9  1 Y 0 B GLU 281 ? CG  ? B GLU 99  CG  
10 1 Y 0 B GLU 281 ? CD  ? B GLU 99  CD  
11 1 Y 0 B GLU 281 ? OE1 ? B GLU 99  OE1 
12 1 Y 0 B GLU 281 ? OE2 ? B GLU 99  OE2 
13 1 Y 0 B ARG 282 ? CG  ? B ARG 100 CG  
14 1 Y 0 B ARG 282 ? CD  ? B ARG 100 CD  
15 1 Y 0 B ARG 282 ? NE  ? B ARG 100 NE  
16 1 Y 0 B ARG 282 ? CZ  ? B ARG 100 CZ  
17 1 Y 0 B ARG 282 ? NH1 ? B ARG 100 NH1 
18 1 Y 0 B ARG 282 ? NH2 ? B ARG 100 NH2 
# 
loop_
_pdbx_unobs_or_zero_occ_residues.id 
_pdbx_unobs_or_zero_occ_residues.PDB_model_num 
_pdbx_unobs_or_zero_occ_residues.polymer_flag 
_pdbx_unobs_or_zero_occ_residues.occupancy_flag 
_pdbx_unobs_or_zero_occ_residues.auth_asym_id 
_pdbx_unobs_or_zero_occ_residues.auth_comp_id 
_pdbx_unobs_or_zero_occ_residues.auth_seq_id 
_pdbx_unobs_or_zero_occ_residues.PDB_ins_code 
_pdbx_unobs_or_zero_occ_residues.label_asym_id 
_pdbx_unobs_or_zero_occ_residues.label_comp_id 
_pdbx_unobs_or_zero_occ_residues.label_seq_id 
1  1 Y 1 B GLY 183 ? B GLY 1   
2  1 Y 1 B SER 184 ? B SER 2   
3  1 Y 1 B ARG 185 ? B ARG 3   
4  1 Y 1 B ARG 186 ? B ARG 4   
5  1 Y 1 B ALA 187 ? B ALA 5   
6  1 Y 1 B SER 188 ? B SER 6   
7  1 Y 1 B VAL 189 ? B VAL 7   
8  1 Y 1 B GLY 190 ? B GLY 8   
9  1 Y 1 B SER 191 ? B SER 9   
10 1 Y 1 B ASP 262 ? B ASP 80  
11 1 Y 1 B VAL 263 ? B VAL 81  
12 1 Y 1 B LYS 264 ? B LYS 82  
13 1 Y 1 B SER 265 ? B SER 83  
14 1 Y 1 B GLY 266 ? B GLY 84  
15 1 Y 1 B SER 267 ? B SER 85  
16 1 Y 1 B MET 268 ? B MET 86  
17 1 Y 1 B LEU 269 ? B LEU 87  
18 1 Y 1 B SER 270 ? B SER 88  
19 1 Y 1 B HIS 283 ? B HIS 101 
20 1 Y 1 B ALA 284 ? B ALA 102 
# 
loop_
_chem_comp_atom.comp_id 
_chem_comp_atom.atom_id 
_chem_comp_atom.type_symbol 
_chem_comp_atom.pdbx_aromatic_flag 
_chem_comp_atom.pdbx_stereo_config 
_chem_comp_atom.pdbx_ordinal 
ALA N      N N N 1   
ALA CA     C N S 2   
ALA C      C N N 3   
ALA O      O N N 4   
ALA CB     C N N 5   
ALA OXT    O N N 6   
ALA H      H N N 7   
ALA H2     H N N 8   
ALA HA     H N N 9   
ALA HB1    H N N 10  
ALA HB2    H N N 11  
ALA HB3    H N N 12  
ALA HXT    H N N 13  
ARG N      N N N 14  
ARG CA     C N S 15  
ARG C      C N N 16  
ARG O      O N N 17  
ARG CB     C N N 18  
ARG CG     C N N 19  
ARG CD     C N N 20  
ARG NE     N N N 21  
ARG CZ     C N N 22  
ARG NH1    N N N 23  
ARG NH2    N N N 24  
ARG OXT    O N N 25  
ARG H      H N N 26  
ARG H2     H N N 27  
ARG HA     H N N 28  
ARG HB2    H N N 29  
ARG HB3    H N N 30  
ARG HG2    H N N 31  
ARG HG3    H N N 32  
ARG HD2    H N N 33  
ARG HD3    H N N 34  
ARG HE     H N N 35  
ARG HH11   H N N 36  
ARG HH12   H N N 37  
ARG HH21   H N N 38  
ARG HH22   H N N 39  
ARG HXT    H N N 40  
ASN N      N N N 41  
ASN CA     C N S 42  
ASN C      C N N 43  
ASN O      O N N 44  
ASN CB     C N N 45  
ASN CG     C N N 46  
ASN OD1    O N N 47  
ASN ND2    N N N 48  
ASN OXT    O N N 49  
ASN H      H N N 50  
ASN H2     H N N 51  
ASN HA     H N N 52  
ASN HB2    H N N 53  
ASN HB3    H N N 54  
ASN HD21   H N N 55  
ASN HD22   H N N 56  
ASN HXT    H N N 57  
ASP N      N N N 58  
ASP CA     C N S 59  
ASP C      C N N 60  
ASP O      O N N 61  
ASP CB     C N N 62  
ASP CG     C N N 63  
ASP OD1    O N N 64  
ASP OD2    O N N 65  
ASP OXT    O N N 66  
ASP H      H N N 67  
ASP H2     H N N 68  
ASP HA     H N N 69  
ASP HB2    H N N 70  
ASP HB3    H N N 71  
ASP HD2    H N N 72  
ASP HXT    H N N 73  
DA  OP3    O N N 74  
DA  P      P N N 75  
DA  OP1    O N N 76  
DA  OP2    O N N 77  
DA  "O5'"  O N N 78  
DA  "C5'"  C N N 79  
DA  "C4'"  C N R 80  
DA  "O4'"  O N N 81  
DA  "C3'"  C N S 82  
DA  "O3'"  O N N 83  
DA  "C2'"  C N N 84  
DA  "C1'"  C N R 85  
DA  N9     N Y N 86  
DA  C8     C Y N 87  
DA  N7     N Y N 88  
DA  C5     C Y N 89  
DA  C6     C Y N 90  
DA  N6     N N N 91  
DA  N1     N Y N 92  
DA  C2     C Y N 93  
DA  N3     N Y N 94  
DA  C4     C Y N 95  
DA  HOP3   H N N 96  
DA  HOP2   H N N 97  
DA  "H5'"  H N N 98  
DA  "H5''" H N N 99  
DA  "H4'"  H N N 100 
DA  "H3'"  H N N 101 
DA  "HO3'" H N N 102 
DA  "H2'"  H N N 103 
DA  "H2''" H N N 104 
DA  "H1'"  H N N 105 
DA  H8     H N N 106 
DA  H61    H N N 107 
DA  H62    H N N 108 
DA  H2     H N N 109 
DC  OP3    O N N 110 
DC  P      P N N 111 
DC  OP1    O N N 112 
DC  OP2    O N N 113 
DC  "O5'"  O N N 114 
DC  "C5'"  C N N 115 
DC  "C4'"  C N R 116 
DC  "O4'"  O N N 117 
DC  "C3'"  C N S 118 
DC  "O3'"  O N N 119 
DC  "C2'"  C N N 120 
DC  "C1'"  C N R 121 
DC  N1     N N N 122 
DC  C2     C N N 123 
DC  O2     O N N 124 
DC  N3     N N N 125 
DC  C4     C N N 126 
DC  N4     N N N 127 
DC  C5     C N N 128 
DC  C6     C N N 129 
DC  HOP3   H N N 130 
DC  HOP2   H N N 131 
DC  "H5'"  H N N 132 
DC  "H5''" H N N 133 
DC  "H4'"  H N N 134 
DC  "H3'"  H N N 135 
DC  "HO3'" H N N 136 
DC  "H2'"  H N N 137 
DC  "H2''" H N N 138 
DC  "H1'"  H N N 139 
DC  H41    H N N 140 
DC  H42    H N N 141 
DC  H5     H N N 142 
DC  H6     H N N 143 
DG  OP3    O N N 144 
DG  P      P N N 145 
DG  OP1    O N N 146 
DG  OP2    O N N 147 
DG  "O5'"  O N N 148 
DG  "C5'"  C N N 149 
DG  "C4'"  C N R 150 
DG  "O4'"  O N N 151 
DG  "C3'"  C N S 152 
DG  "O3'"  O N N 153 
DG  "C2'"  C N N 154 
DG  "C1'"  C N R 155 
DG  N9     N Y N 156 
DG  C8     C Y N 157 
DG  N7     N Y N 158 
DG  C5     C Y N 159 
DG  C6     C N N 160 
DG  O6     O N N 161 
DG  N1     N N N 162 
DG  C2     C N N 163 
DG  N2     N N N 164 
DG  N3     N N N 165 
DG  C4     C Y N 166 
DG  HOP3   H N N 167 
DG  HOP2   H N N 168 
DG  "H5'"  H N N 169 
DG  "H5''" H N N 170 
DG  "H4'"  H N N 171 
DG  "H3'"  H N N 172 
DG  "HO3'" H N N 173 
DG  "H2'"  H N N 174 
DG  "H2''" H N N 175 
DG  "H1'"  H N N 176 
DG  H8     H N N 177 
DG  H1     H N N 178 
DG  H21    H N N 179 
DG  H22    H N N 180 
DT  OP3    O N N 181 
DT  P      P N N 182 
DT  OP1    O N N 183 
DT  OP2    O N N 184 
DT  "O5'"  O N N 185 
DT  "C5'"  C N N 186 
DT  "C4'"  C N R 187 
DT  "O4'"  O N N 188 
DT  "C3'"  C N S 189 
DT  "O3'"  O N N 190 
DT  "C2'"  C N N 191 
DT  "C1'"  C N R 192 
DT  N1     N N N 193 
DT  C2     C N N 194 
DT  O2     O N N 195 
DT  N3     N N N 196 
DT  C4     C N N 197 
DT  O4     O N N 198 
DT  C5     C N N 199 
DT  C7     C N N 200 
DT  C6     C N N 201 
DT  HOP3   H N N 202 
DT  HOP2   H N N 203 
DT  "H5'"  H N N 204 
DT  "H5''" H N N 205 
DT  "H4'"  H N N 206 
DT  "H3'"  H N N 207 
DT  "HO3'" H N N 208 
DT  "H2'"  H N N 209 
DT  "H2''" H N N 210 
DT  "H1'"  H N N 211 
DT  H3     H N N 212 
DT  H71    H N N 213 
DT  H72    H N N 214 
DT  H73    H N N 215 
DT  H6     H N N 216 
GLN N      N N N 217 
GLN CA     C N S 218 
GLN C      C N N 219 
GLN O      O N N 220 
GLN CB     C N N 221 
GLN CG     C N N 222 
GLN CD     C N N 223 
GLN OE1    O N N 224 
GLN NE2    N N N 225 
GLN OXT    O N N 226 
GLN H      H N N 227 
GLN H2     H N N 228 
GLN HA     H N N 229 
GLN HB2    H N N 230 
GLN HB3    H N N 231 
GLN HG2    H N N 232 
GLN HG3    H N N 233 
GLN HE21   H N N 234 
GLN HE22   H N N 235 
GLN HXT    H N N 236 
GLU N      N N N 237 
GLU CA     C N S 238 
GLU C      C N N 239 
GLU O      O N N 240 
GLU CB     C N N 241 
GLU CG     C N N 242 
GLU CD     C N N 243 
GLU OE1    O N N 244 
GLU OE2    O N N 245 
GLU OXT    O N N 246 
GLU H      H N N 247 
GLU H2     H N N 248 
GLU HA     H N N 249 
GLU HB2    H N N 250 
GLU HB3    H N N 251 
GLU HG2    H N N 252 
GLU HG3    H N N 253 
GLU HE2    H N N 254 
GLU HXT    H N N 255 
GLY N      N N N 256 
GLY CA     C N N 257 
GLY C      C N N 258 
GLY O      O N N 259 
GLY OXT    O N N 260 
GLY H      H N N 261 
GLY H2     H N N 262 
GLY HA2    H N N 263 
GLY HA3    H N N 264 
GLY HXT    H N N 265 
GOL C1     C N N 266 
GOL O1     O N N 267 
GOL C2     C N N 268 
GOL O2     O N N 269 
GOL C3     C N N 270 
GOL O3     O N N 271 
GOL H11    H N N 272 
GOL H12    H N N 273 
GOL HO1    H N N 274 
GOL H2     H N N 275 
GOL HO2    H N N 276 
GOL H31    H N N 277 
GOL H32    H N N 278 
GOL HO3    H N N 279 
HIS N      N N N 280 
HIS CA     C N S 281 
HIS C      C N N 282 
HIS O      O N N 283 
HIS CB     C N N 284 
HIS CG     C Y N 285 
HIS ND1    N Y N 286 
HIS CD2    C Y N 287 
HIS CE1    C Y N 288 
HIS NE2    N Y N 289 
HIS OXT    O N N 290 
HIS H      H N N 291 
HIS H2     H N N 292 
HIS HA     H N N 293 
HIS HB2    H N N 294 
HIS HB3    H N N 295 
HIS HD1    H N N 296 
HIS HD2    H N N 297 
HIS HE1    H N N 298 
HIS HE2    H N N 299 
HIS HXT    H N N 300 
HOH O      O N N 301 
HOH H1     H N N 302 
HOH H2     H N N 303 
ILE N      N N N 304 
ILE CA     C N S 305 
ILE C      C N N 306 
ILE O      O N N 307 
ILE CB     C N S 308 
ILE CG1    C N N 309 
ILE CG2    C N N 310 
ILE CD1    C N N 311 
ILE OXT    O N N 312 
ILE H      H N N 313 
ILE H2     H N N 314 
ILE HA     H N N 315 
ILE HB     H N N 316 
ILE HG12   H N N 317 
ILE HG13   H N N 318 
ILE HG21   H N N 319 
ILE HG22   H N N 320 
ILE HG23   H N N 321 
ILE HD11   H N N 322 
ILE HD12   H N N 323 
ILE HD13   H N N 324 
ILE HXT    H N N 325 
LEU N      N N N 326 
LEU CA     C N S 327 
LEU C      C N N 328 
LEU O      O N N 329 
LEU CB     C N N 330 
LEU CG     C N N 331 
LEU CD1    C N N 332 
LEU CD2    C N N 333 
LEU OXT    O N N 334 
LEU H      H N N 335 
LEU H2     H N N 336 
LEU HA     H N N 337 
LEU HB2    H N N 338 
LEU HB3    H N N 339 
LEU HG     H N N 340 
LEU HD11   H N N 341 
LEU HD12   H N N 342 
LEU HD13   H N N 343 
LEU HD21   H N N 344 
LEU HD22   H N N 345 
LEU HD23   H N N 346 
LEU HXT    H N N 347 
LYS N      N N N 348 
LYS CA     C N S 349 
LYS C      C N N 350 
LYS O      O N N 351 
LYS CB     C N N 352 
LYS CG     C N N 353 
LYS CD     C N N 354 
LYS CE     C N N 355 
LYS NZ     N N N 356 
LYS OXT    O N N 357 
LYS H      H N N 358 
LYS H2     H N N 359 
LYS HA     H N N 360 
LYS HB2    H N N 361 
LYS HB3    H N N 362 
LYS HG2    H N N 363 
LYS HG3    H N N 364 
LYS HD2    H N N 365 
LYS HD3    H N N 366 
LYS HE2    H N N 367 
LYS HE3    H N N 368 
LYS HZ1    H N N 369 
LYS HZ2    H N N 370 
LYS HZ3    H N N 371 
LYS HXT    H N N 372 
MET N      N N N 373 
MET CA     C N S 374 
MET C      C N N 375 
MET O      O N N 376 
MET CB     C N N 377 
MET CG     C N N 378 
MET SD     S N N 379 
MET CE     C N N 380 
MET OXT    O N N 381 
MET H      H N N 382 
MET H2     H N N 383 
MET HA     H N N 384 
MET HB2    H N N 385 
MET HB3    H N N 386 
MET HG2    H N N 387 
MET HG3    H N N 388 
MET HE1    H N N 389 
MET HE2    H N N 390 
MET HE3    H N N 391 
MET HXT    H N N 392 
PHE N      N N N 393 
PHE CA     C N S 394 
PHE C      C N N 395 
PHE O      O N N 396 
PHE CB     C N N 397 
PHE CG     C Y N 398 
PHE CD1    C Y N 399 
PHE CD2    C Y N 400 
PHE CE1    C Y N 401 
PHE CE2    C Y N 402 
PHE CZ     C Y N 403 
PHE OXT    O N N 404 
PHE H      H N N 405 
PHE H2     H N N 406 
PHE HA     H N N 407 
PHE HB2    H N N 408 
PHE HB3    H N N 409 
PHE HD1    H N N 410 
PHE HD2    H N N 411 
PHE HE1    H N N 412 
PHE HE2    H N N 413 
PHE HZ     H N N 414 
PHE HXT    H N N 415 
PRO N      N N N 416 
PRO CA     C N S 417 
PRO C      C N N 418 
PRO O      O N N 419 
PRO CB     C N N 420 
PRO CG     C N N 421 
PRO CD     C N N 422 
PRO OXT    O N N 423 
PRO H      H N N 424 
PRO HA     H N N 425 
PRO HB2    H N N 426 
PRO HB3    H N N 427 
PRO HG2    H N N 428 
PRO HG3    H N N 429 
PRO HD2    H N N 430 
PRO HD3    H N N 431 
PRO HXT    H N N 432 
SER N      N N N 433 
SER CA     C N S 434 
SER C      C N N 435 
SER O      O N N 436 
SER CB     C N N 437 
SER OG     O N N 438 
SER OXT    O N N 439 
SER H      H N N 440 
SER H2     H N N 441 
SER HA     H N N 442 
SER HB2    H N N 443 
SER HB3    H N N 444 
SER HG     H N N 445 
SER HXT    H N N 446 
THR N      N N N 447 
THR CA     C N S 448 
THR C      C N N 449 
THR O      O N N 450 
THR CB     C N R 451 
THR OG1    O N N 452 
THR CG2    C N N 453 
THR OXT    O N N 454 
THR H      H N N 455 
THR H2     H N N 456 
THR HA     H N N 457 
THR HB     H N N 458 
THR HG1    H N N 459 
THR HG21   H N N 460 
THR HG22   H N N 461 
THR HG23   H N N 462 
THR HXT    H N N 463 
TRP N      N N N 464 
TRP CA     C N S 465 
TRP C      C N N 466 
TRP O      O N N 467 
TRP CB     C N N 468 
TRP CG     C Y N 469 
TRP CD1    C Y N 470 
TRP CD2    C Y N 471 
TRP NE1    N Y N 472 
TRP CE2    C Y N 473 
TRP CE3    C Y N 474 
TRP CZ2    C Y N 475 
TRP CZ3    C Y N 476 
TRP CH2    C Y N 477 
TRP OXT    O N N 478 
TRP H      H N N 479 
TRP H2     H N N 480 
TRP HA     H N N 481 
TRP HB2    H N N 482 
TRP HB3    H N N 483 
TRP HD1    H N N 484 
TRP HE1    H N N 485 
TRP HE3    H N N 486 
TRP HZ2    H N N 487 
TRP HZ3    H N N 488 
TRP HH2    H N N 489 
TRP HXT    H N N 490 
TYR N      N N N 491 
TYR CA     C N S 492 
TYR C      C N N 493 
TYR O      O N N 494 
TYR CB     C N N 495 
TYR CG     C Y N 496 
TYR CD1    C Y N 497 
TYR CD2    C Y N 498 
TYR CE1    C Y N 499 
TYR CE2    C Y N 500 
TYR CZ     C Y N 501 
TYR OH     O N N 502 
TYR OXT    O N N 503 
TYR H      H N N 504 
TYR H2     H N N 505 
TYR HA     H N N 506 
TYR HB2    H N N 507 
TYR HB3    H N N 508 
TYR HD1    H N N 509 
TYR HD2    H N N 510 
TYR HE1    H N N 511 
TYR HE2    H N N 512 
TYR HH     H N N 513 
TYR HXT    H N N 514 
VAL N      N N N 515 
VAL CA     C N S 516 
VAL C      C N N 517 
VAL O      O N N 518 
VAL CB     C N N 519 
VAL CG1    C N N 520 
VAL CG2    C N N 521 
VAL OXT    O N N 522 
VAL H      H N N 523 
VAL H2     H N N 524 
VAL HA     H N N 525 
VAL HB     H N N 526 
VAL HG11   H N N 527 
VAL HG12   H N N 528 
VAL HG13   H N N 529 
VAL HG21   H N N 530 
VAL HG22   H N N 531 
VAL HG23   H N N 532 
VAL HXT    H N N 533 
# 
loop_
_chem_comp_bond.comp_id 
_chem_comp_bond.atom_id_1 
_chem_comp_bond.atom_id_2 
_chem_comp_bond.value_order 
_chem_comp_bond.pdbx_aromatic_flag 
_chem_comp_bond.pdbx_stereo_config 
_chem_comp_bond.pdbx_ordinal 
ALA N     CA     sing N N 1   
ALA N     H      sing N N 2   
ALA N     H2     sing N N 3   
ALA CA    C      sing N N 4   
ALA CA    CB     sing N N 5   
ALA CA    HA     sing N N 6   
ALA C     O      doub N N 7   
ALA C     OXT    sing N N 8   
ALA CB    HB1    sing N N 9   
ALA CB    HB2    sing N N 10  
ALA CB    HB3    sing N N 11  
ALA OXT   HXT    sing N N 12  
ARG N     CA     sing N N 13  
ARG N     H      sing N N 14  
ARG N     H2     sing N N 15  
ARG CA    C      sing N N 16  
ARG CA    CB     sing N N 17  
ARG CA    HA     sing N N 18  
ARG C     O      doub N N 19  
ARG C     OXT    sing N N 20  
ARG CB    CG     sing N N 21  
ARG CB    HB2    sing N N 22  
ARG CB    HB3    sing N N 23  
ARG CG    CD     sing N N 24  
ARG CG    HG2    sing N N 25  
ARG CG    HG3    sing N N 26  
ARG CD    NE     sing N N 27  
ARG CD    HD2    sing N N 28  
ARG CD    HD3    sing N N 29  
ARG NE    CZ     sing N N 30  
ARG NE    HE     sing N N 31  
ARG CZ    NH1    sing N N 32  
ARG CZ    NH2    doub N N 33  
ARG NH1   HH11   sing N N 34  
ARG NH1   HH12   sing N N 35  
ARG NH2   HH21   sing N N 36  
ARG NH2   HH22   sing N N 37  
ARG OXT   HXT    sing N N 38  
ASN N     CA     sing N N 39  
ASN N     H      sing N N 40  
ASN N     H2     sing N N 41  
ASN CA    C      sing N N 42  
ASN CA    CB     sing N N 43  
ASN CA    HA     sing N N 44  
ASN C     O      doub N N 45  
ASN C     OXT    sing N N 46  
ASN CB    CG     sing N N 47  
ASN CB    HB2    sing N N 48  
ASN CB    HB3    sing N N 49  
ASN CG    OD1    doub N N 50  
ASN CG    ND2    sing N N 51  
ASN ND2   HD21   sing N N 52  
ASN ND2   HD22   sing N N 53  
ASN OXT   HXT    sing N N 54  
ASP N     CA     sing N N 55  
ASP N     H      sing N N 56  
ASP N     H2     sing N N 57  
ASP CA    C      sing N N 58  
ASP CA    CB     sing N N 59  
ASP CA    HA     sing N N 60  
ASP C     O      doub N N 61  
ASP C     OXT    sing N N 62  
ASP CB    CG     sing N N 63  
ASP CB    HB2    sing N N 64  
ASP CB    HB3    sing N N 65  
ASP CG    OD1    doub N N 66  
ASP CG    OD2    sing N N 67  
ASP OD2   HD2    sing N N 68  
ASP OXT   HXT    sing N N 69  
DA  OP3   P      sing N N 70  
DA  OP3   HOP3   sing N N 71  
DA  P     OP1    doub N N 72  
DA  P     OP2    sing N N 73  
DA  P     "O5'"  sing N N 74  
DA  OP2   HOP2   sing N N 75  
DA  "O5'" "C5'"  sing N N 76  
DA  "C5'" "C4'"  sing N N 77  
DA  "C5'" "H5'"  sing N N 78  
DA  "C5'" "H5''" sing N N 79  
DA  "C4'" "O4'"  sing N N 80  
DA  "C4'" "C3'"  sing N N 81  
DA  "C4'" "H4'"  sing N N 82  
DA  "O4'" "C1'"  sing N N 83  
DA  "C3'" "O3'"  sing N N 84  
DA  "C3'" "C2'"  sing N N 85  
DA  "C3'" "H3'"  sing N N 86  
DA  "O3'" "HO3'" sing N N 87  
DA  "C2'" "C1'"  sing N N 88  
DA  "C2'" "H2'"  sing N N 89  
DA  "C2'" "H2''" sing N N 90  
DA  "C1'" N9     sing N N 91  
DA  "C1'" "H1'"  sing N N 92  
DA  N9    C8     sing Y N 93  
DA  N9    C4     sing Y N 94  
DA  C8    N7     doub Y N 95  
DA  C8    H8     sing N N 96  
DA  N7    C5     sing Y N 97  
DA  C5    C6     sing Y N 98  
DA  C5    C4     doub Y N 99  
DA  C6    N6     sing N N 100 
DA  C6    N1     doub Y N 101 
DA  N6    H61    sing N N 102 
DA  N6    H62    sing N N 103 
DA  N1    C2     sing Y N 104 
DA  C2    N3     doub Y N 105 
DA  C2    H2     sing N N 106 
DA  N3    C4     sing Y N 107 
DC  OP3   P      sing N N 108 
DC  OP3   HOP3   sing N N 109 
DC  P     OP1    doub N N 110 
DC  P     OP2    sing N N 111 
DC  P     "O5'"  sing N N 112 
DC  OP2   HOP2   sing N N 113 
DC  "O5'" "C5'"  sing N N 114 
DC  "C5'" "C4'"  sing N N 115 
DC  "C5'" "H5'"  sing N N 116 
DC  "C5'" "H5''" sing N N 117 
DC  "C4'" "O4'"  sing N N 118 
DC  "C4'" "C3'"  sing N N 119 
DC  "C4'" "H4'"  sing N N 120 
DC  "O4'" "C1'"  sing N N 121 
DC  "C3'" "O3'"  sing N N 122 
DC  "C3'" "C2'"  sing N N 123 
DC  "C3'" "H3'"  sing N N 124 
DC  "O3'" "HO3'" sing N N 125 
DC  "C2'" "C1'"  sing N N 126 
DC  "C2'" "H2'"  sing N N 127 
DC  "C2'" "H2''" sing N N 128 
DC  "C1'" N1     sing N N 129 
DC  "C1'" "H1'"  sing N N 130 
DC  N1    C2     sing N N 131 
DC  N1    C6     sing N N 132 
DC  C2    O2     doub N N 133 
DC  C2    N3     sing N N 134 
DC  N3    C4     doub N N 135 
DC  C4    N4     sing N N 136 
DC  C4    C5     sing N N 137 
DC  N4    H41    sing N N 138 
DC  N4    H42    sing N N 139 
DC  C5    C6     doub N N 140 
DC  C5    H5     sing N N 141 
DC  C6    H6     sing N N 142 
DG  OP3   P      sing N N 143 
DG  OP3   HOP3   sing N N 144 
DG  P     OP1    doub N N 145 
DG  P     OP2    sing N N 146 
DG  P     "O5'"  sing N N 147 
DG  OP2   HOP2   sing N N 148 
DG  "O5'" "C5'"  sing N N 149 
DG  "C5'" "C4'"  sing N N 150 
DG  "C5'" "H5'"  sing N N 151 
DG  "C5'" "H5''" sing N N 152 
DG  "C4'" "O4'"  sing N N 153 
DG  "C4'" "C3'"  sing N N 154 
DG  "C4'" "H4'"  sing N N 155 
DG  "O4'" "C1'"  sing N N 156 
DG  "C3'" "O3'"  sing N N 157 
DG  "C3'" "C2'"  sing N N 158 
DG  "C3'" "H3'"  sing N N 159 
DG  "O3'" "HO3'" sing N N 160 
DG  "C2'" "C1'"  sing N N 161 
DG  "C2'" "H2'"  sing N N 162 
DG  "C2'" "H2''" sing N N 163 
DG  "C1'" N9     sing N N 164 
DG  "C1'" "H1'"  sing N N 165 
DG  N9    C8     sing Y N 166 
DG  N9    C4     sing Y N 167 
DG  C8    N7     doub Y N 168 
DG  C8    H8     sing N N 169 
DG  N7    C5     sing Y N 170 
DG  C5    C6     sing N N 171 
DG  C5    C4     doub Y N 172 
DG  C6    O6     doub N N 173 
DG  C6    N1     sing N N 174 
DG  N1    C2     sing N N 175 
DG  N1    H1     sing N N 176 
DG  C2    N2     sing N N 177 
DG  C2    N3     doub N N 178 
DG  N2    H21    sing N N 179 
DG  N2    H22    sing N N 180 
DG  N3    C4     sing N N 181 
DT  OP3   P      sing N N 182 
DT  OP3   HOP3   sing N N 183 
DT  P     OP1    doub N N 184 
DT  P     OP2    sing N N 185 
DT  P     "O5'"  sing N N 186 
DT  OP2   HOP2   sing N N 187 
DT  "O5'" "C5'"  sing N N 188 
DT  "C5'" "C4'"  sing N N 189 
DT  "C5'" "H5'"  sing N N 190 
DT  "C5'" "H5''" sing N N 191 
DT  "C4'" "O4'"  sing N N 192 
DT  "C4'" "C3'"  sing N N 193 
DT  "C4'" "H4'"  sing N N 194 
DT  "O4'" "C1'"  sing N N 195 
DT  "C3'" "O3'"  sing N N 196 
DT  "C3'" "C2'"  sing N N 197 
DT  "C3'" "H3'"  sing N N 198 
DT  "O3'" "HO3'" sing N N 199 
DT  "C2'" "C1'"  sing N N 200 
DT  "C2'" "H2'"  sing N N 201 
DT  "C2'" "H2''" sing N N 202 
DT  "C1'" N1     sing N N 203 
DT  "C1'" "H1'"  sing N N 204 
DT  N1    C2     sing N N 205 
DT  N1    C6     sing N N 206 
DT  C2    O2     doub N N 207 
DT  C2    N3     sing N N 208 
DT  N3    C4     sing N N 209 
DT  N3    H3     sing N N 210 
DT  C4    O4     doub N N 211 
DT  C4    C5     sing N N 212 
DT  C5    C7     sing N N 213 
DT  C5    C6     doub N N 214 
DT  C7    H71    sing N N 215 
DT  C7    H72    sing N N 216 
DT  C7    H73    sing N N 217 
DT  C6    H6     sing N N 218 
GLN N     CA     sing N N 219 
GLN N     H      sing N N 220 
GLN N     H2     sing N N 221 
GLN CA    C      sing N N 222 
GLN CA    CB     sing N N 223 
GLN CA    HA     sing N N 224 
GLN C     O      doub N N 225 
GLN C     OXT    sing N N 226 
GLN CB    CG     sing N N 227 
GLN CB    HB2    sing N N 228 
GLN CB    HB3    sing N N 229 
GLN CG    CD     sing N N 230 
GLN CG    HG2    sing N N 231 
GLN CG    HG3    sing N N 232 
GLN CD    OE1    doub N N 233 
GLN CD    NE2    sing N N 234 
GLN NE2   HE21   sing N N 235 
GLN NE2   HE22   sing N N 236 
GLN OXT   HXT    sing N N 237 
GLU N     CA     sing N N 238 
GLU N     H      sing N N 239 
GLU N     H2     sing N N 240 
GLU CA    C      sing N N 241 
GLU CA    CB     sing N N 242 
GLU CA    HA     sing N N 243 
GLU C     O      doub N N 244 
GLU C     OXT    sing N N 245 
GLU CB    CG     sing N N 246 
GLU CB    HB2    sing N N 247 
GLU CB    HB3    sing N N 248 
GLU CG    CD     sing N N 249 
GLU CG    HG2    sing N N 250 
GLU CG    HG3    sing N N 251 
GLU CD    OE1    doub N N 252 
GLU CD    OE2    sing N N 253 
GLU OE2   HE2    sing N N 254 
GLU OXT   HXT    sing N N 255 
GLY N     CA     sing N N 256 
GLY N     H      sing N N 257 
GLY N     H2     sing N N 258 
GLY CA    C      sing N N 259 
GLY CA    HA2    sing N N 260 
GLY CA    HA3    sing N N 261 
GLY C     O      doub N N 262 
GLY C     OXT    sing N N 263 
GLY OXT   HXT    sing N N 264 
GOL C1    O1     sing N N 265 
GOL C1    C2     sing N N 266 
GOL C1    H11    sing N N 267 
GOL C1    H12    sing N N 268 
GOL O1    HO1    sing N N 269 
GOL C2    O2     sing N N 270 
GOL C2    C3     sing N N 271 
GOL C2    H2     sing N N 272 
GOL O2    HO2    sing N N 273 
GOL C3    O3     sing N N 274 
GOL C3    H31    sing N N 275 
GOL C3    H32    sing N N 276 
GOL O3    HO3    sing N N 277 
HIS N     CA     sing N N 278 
HIS N     H      sing N N 279 
HIS N     H2     sing N N 280 
HIS CA    C      sing N N 281 
HIS CA    CB     sing N N 282 
HIS CA    HA     sing N N 283 
HIS C     O      doub N N 284 
HIS C     OXT    sing N N 285 
HIS CB    CG     sing N N 286 
HIS CB    HB2    sing N N 287 
HIS CB    HB3    sing N N 288 
HIS CG    ND1    sing Y N 289 
HIS CG    CD2    doub Y N 290 
HIS ND1   CE1    doub Y N 291 
HIS ND1   HD1    sing N N 292 
HIS CD2   NE2    sing Y N 293 
HIS CD2   HD2    sing N N 294 
HIS CE1   NE2    sing Y N 295 
HIS CE1   HE1    sing N N 296 
HIS NE2   HE2    sing N N 297 
HIS OXT   HXT    sing N N 298 
HOH O     H1     sing N N 299 
HOH O     H2     sing N N 300 
ILE N     CA     sing N N 301 
ILE N     H      sing N N 302 
ILE N     H2     sing N N 303 
ILE CA    C      sing N N 304 
ILE CA    CB     sing N N 305 
ILE CA    HA     sing N N 306 
ILE C     O      doub N N 307 
ILE C     OXT    sing N N 308 
ILE CB    CG1    sing N N 309 
ILE CB    CG2    sing N N 310 
ILE CB    HB     sing N N 311 
ILE CG1   CD1    sing N N 312 
ILE CG1   HG12   sing N N 313 
ILE CG1   HG13   sing N N 314 
ILE CG2   HG21   sing N N 315 
ILE CG2   HG22   sing N N 316 
ILE CG2   HG23   sing N N 317 
ILE CD1   HD11   sing N N 318 
ILE CD1   HD12   sing N N 319 
ILE CD1   HD13   sing N N 320 
ILE OXT   HXT    sing N N 321 
LEU N     CA     sing N N 322 
LEU N     H      sing N N 323 
LEU N     H2     sing N N 324 
LEU CA    C      sing N N 325 
LEU CA    CB     sing N N 326 
LEU CA    HA     sing N N 327 
LEU C     O      doub N N 328 
LEU C     OXT    sing N N 329 
LEU CB    CG     sing N N 330 
LEU CB    HB2    sing N N 331 
LEU CB    HB3    sing N N 332 
LEU CG    CD1    sing N N 333 
LEU CG    CD2    sing N N 334 
LEU CG    HG     sing N N 335 
LEU CD1   HD11   sing N N 336 
LEU CD1   HD12   sing N N 337 
LEU CD1   HD13   sing N N 338 
LEU CD2   HD21   sing N N 339 
LEU CD2   HD22   sing N N 340 
LEU CD2   HD23   sing N N 341 
LEU OXT   HXT    sing N N 342 
LYS N     CA     sing N N 343 
LYS N     H      sing N N 344 
LYS N     H2     sing N N 345 
LYS CA    C      sing N N 346 
LYS CA    CB     sing N N 347 
LYS CA    HA     sing N N 348 
LYS C     O      doub N N 349 
LYS C     OXT    sing N N 350 
LYS CB    CG     sing N N 351 
LYS CB    HB2    sing N N 352 
LYS CB    HB3    sing N N 353 
LYS CG    CD     sing N N 354 
LYS CG    HG2    sing N N 355 
LYS CG    HG3    sing N N 356 
LYS CD    CE     sing N N 357 
LYS CD    HD2    sing N N 358 
LYS CD    HD3    sing N N 359 
LYS CE    NZ     sing N N 360 
LYS CE    HE2    sing N N 361 
LYS CE    HE3    sing N N 362 
LYS NZ    HZ1    sing N N 363 
LYS NZ    HZ2    sing N N 364 
LYS NZ    HZ3    sing N N 365 
LYS OXT   HXT    sing N N 366 
MET N     CA     sing N N 367 
MET N     H      sing N N 368 
MET N     H2     sing N N 369 
MET CA    C      sing N N 370 
MET CA    CB     sing N N 371 
MET CA    HA     sing N N 372 
MET C     O      doub N N 373 
MET C     OXT    sing N N 374 
MET CB    CG     sing N N 375 
MET CB    HB2    sing N N 376 
MET CB    HB3    sing N N 377 
MET CG    SD     sing N N 378 
MET CG    HG2    sing N N 379 
MET CG    HG3    sing N N 380 
MET SD    CE     sing N N 381 
MET CE    HE1    sing N N 382 
MET CE    HE2    sing N N 383 
MET CE    HE3    sing N N 384 
MET OXT   HXT    sing N N 385 
PHE N     CA     sing N N 386 
PHE N     H      sing N N 387 
PHE N     H2     sing N N 388 
PHE CA    C      sing N N 389 
PHE CA    CB     sing N N 390 
PHE CA    HA     sing N N 391 
PHE C     O      doub N N 392 
PHE C     OXT    sing N N 393 
PHE CB    CG     sing N N 394 
PHE CB    HB2    sing N N 395 
PHE CB    HB3    sing N N 396 
PHE CG    CD1    doub Y N 397 
PHE CG    CD2    sing Y N 398 
PHE CD1   CE1    sing Y N 399 
PHE CD1   HD1    sing N N 400 
PHE CD2   CE2    doub Y N 401 
PHE CD2   HD2    sing N N 402 
PHE CE1   CZ     doub Y N 403 
PHE CE1   HE1    sing N N 404 
PHE CE2   CZ     sing Y N 405 
PHE CE2   HE2    sing N N 406 
PHE CZ    HZ     sing N N 407 
PHE OXT   HXT    sing N N 408 
PRO N     CA     sing N N 409 
PRO N     CD     sing N N 410 
PRO N     H      sing N N 411 
PRO CA    C      sing N N 412 
PRO CA    CB     sing N N 413 
PRO CA    HA     sing N N 414 
PRO C     O      doub N N 415 
PRO C     OXT    sing N N 416 
PRO CB    CG     sing N N 417 
PRO CB    HB2    sing N N 418 
PRO CB    HB3    sing N N 419 
PRO CG    CD     sing N N 420 
PRO CG    HG2    sing N N 421 
PRO CG    HG3    sing N N 422 
PRO CD    HD2    sing N N 423 
PRO CD    HD3    sing N N 424 
PRO OXT   HXT    sing N N 425 
SER N     CA     sing N N 426 
SER N     H      sing N N 427 
SER N     H2     sing N N 428 
SER CA    C      sing N N 429 
SER CA    CB     sing N N 430 
SER CA    HA     sing N N 431 
SER C     O      doub N N 432 
SER C     OXT    sing N N 433 
SER CB    OG     sing N N 434 
SER CB    HB2    sing N N 435 
SER CB    HB3    sing N N 436 
SER OG    HG     sing N N 437 
SER OXT   HXT    sing N N 438 
THR N     CA     sing N N 439 
THR N     H      sing N N 440 
THR N     H2     sing N N 441 
THR CA    C      sing N N 442 
THR CA    CB     sing N N 443 
THR CA    HA     sing N N 444 
THR C     O      doub N N 445 
THR C     OXT    sing N N 446 
THR CB    OG1    sing N N 447 
THR CB    CG2    sing N N 448 
THR CB    HB     sing N N 449 
THR OG1   HG1    sing N N 450 
THR CG2   HG21   sing N N 451 
THR CG2   HG22   sing N N 452 
THR CG2   HG23   sing N N 453 
THR OXT   HXT    sing N N 454 
TRP N     CA     sing N N 455 
TRP N     H      sing N N 456 
TRP N     H2     sing N N 457 
TRP CA    C      sing N N 458 
TRP CA    CB     sing N N 459 
TRP CA    HA     sing N N 460 
TRP C     O      doub N N 461 
TRP C     OXT    sing N N 462 
TRP CB    CG     sing N N 463 
TRP CB    HB2    sing N N 464 
TRP CB    HB3    sing N N 465 
TRP CG    CD1    doub Y N 466 
TRP CG    CD2    sing Y N 467 
TRP CD1   NE1    sing Y N 468 
TRP CD1   HD1    sing N N 469 
TRP CD2   CE2    doub Y N 470 
TRP CD2   CE3    sing Y N 471 
TRP NE1   CE2    sing Y N 472 
TRP NE1   HE1    sing N N 473 
TRP CE2   CZ2    sing Y N 474 
TRP CE3   CZ3    doub Y N 475 
TRP CE3   HE3    sing N N 476 
TRP CZ2   CH2    doub Y N 477 
TRP CZ2   HZ2    sing N N 478 
TRP CZ3   CH2    sing Y N 479 
TRP CZ3   HZ3    sing N N 480 
TRP CH2   HH2    sing N N 481 
TRP OXT   HXT    sing N N 482 
TYR N     CA     sing N N 483 
TYR N     H      sing N N 484 
TYR N     H2     sing N N 485 
TYR CA    C      sing N N 486 
TYR CA    CB     sing N N 487 
TYR CA    HA     sing N N 488 
TYR C     O      doub N N 489 
TYR C     OXT    sing N N 490 
TYR CB    CG     sing N N 491 
TYR CB    HB2    sing N N 492 
TYR CB    HB3    sing N N 493 
TYR CG    CD1    doub Y N 494 
TYR CG    CD2    sing Y N 495 
TYR CD1   CE1    sing Y N 496 
TYR CD1   HD1    sing N N 497 
TYR CD2   CE2    doub Y N 498 
TYR CD2   HD2    sing N N 499 
TYR CE1   CZ     doub Y N 500 
TYR CE1   HE1    sing N N 501 
TYR CE2   CZ     sing Y N 502 
TYR CE2   HE2    sing N N 503 
TYR CZ    OH     sing N N 504 
TYR OH    HH     sing N N 505 
TYR OXT   HXT    sing N N 506 
VAL N     CA     sing N N 507 
VAL N     H      sing N N 508 
VAL N     H2     sing N N 509 
VAL CA    C      sing N N 510 
VAL CA    CB     sing N N 511 
VAL CA    HA     sing N N 512 
VAL C     O      doub N N 513 
VAL C     OXT    sing N N 514 
VAL CB    CG1    sing N N 515 
VAL CB    CG2    sing N N 516 
VAL CB    HB     sing N N 517 
VAL CG1   HG11   sing N N 518 
VAL CG1   HG12   sing N N 519 
VAL CG1   HG13   sing N N 520 
VAL CG2   HG21   sing N N 521 
VAL CG2   HG22   sing N N 522 
VAL CG2   HG23   sing N N 523 
VAL OXT   HXT    sing N N 524 
# 
loop_
_ndb_struct_conf_na.entry_id 
_ndb_struct_conf_na.feature 
3HTS 'double helix'        
3HTS 'b-form double helix' 
# 
loop_
_ndb_struct_na_base_pair.model_number 
_ndb_struct_na_base_pair.i_label_asym_id 
_ndb_struct_na_base_pair.i_label_comp_id 
_ndb_struct_na_base_pair.i_label_seq_id 
_ndb_struct_na_base_pair.i_symmetry 
_ndb_struct_na_base_pair.j_label_asym_id 
_ndb_struct_na_base_pair.j_label_comp_id 
_ndb_struct_na_base_pair.j_label_seq_id 
_ndb_struct_na_base_pair.j_symmetry 
_ndb_struct_na_base_pair.shear 
_ndb_struct_na_base_pair.stretch 
_ndb_struct_na_base_pair.stagger 
_ndb_struct_na_base_pair.buckle 
_ndb_struct_na_base_pair.propeller 
_ndb_struct_na_base_pair.opening 
_ndb_struct_na_base_pair.pair_number 
_ndb_struct_na_base_pair.pair_name 
_ndb_struct_na_base_pair.i_auth_asym_id 
_ndb_struct_na_base_pair.i_auth_seq_id 
_ndb_struct_na_base_pair.i_PDB_ins_code 
_ndb_struct_na_base_pair.j_auth_asym_id 
_ndb_struct_na_base_pair.j_auth_seq_id 
_ndb_struct_na_base_pair.j_PDB_ins_code 
_ndb_struct_na_base_pair.hbond_type_28 
_ndb_struct_na_base_pair.hbond_type_12 
1 A DG 1  1_555 A DC 12 2_656 -0.339 -0.244 0.121  6.974   -3.000  3.712 1  A_DG1:DC12_A A 1  ? A 12 ? 19 1 
1 A DG 2  1_555 A DC 11 2_656 -0.226 -0.052 -0.157 -12.657 -21.423 5.378 2  A_DG2:DC11_A A 2  ? A 11 ? 19 1 
1 A DT 3  1_555 A DA 10 2_656 -0.023 -0.088 0.189  -14.803 -10.710 0.992 3  A_DT3:DA10_A A 3  ? A 10 ? 20 1 
1 A DT 4  1_555 A DA 9  2_656 0.054  -0.081 0.106  -4.393  -6.360  2.398 4  A_DT4:DA9_A  A 4  ? A 9  ? 20 1 
1 A DC 5  1_555 A DG 8  2_656 0.205  -0.112 -0.186 4.131   -14.761 2.293 5  A_DC5:DG8_A  A 5  ? A 8  ? 19 1 
1 A DT 6  1_555 A DA 7  2_656 -0.051 0.046  0.106  0.562   0.058   3.049 6  A_DT6:DA7_A  A 6  ? A 7  ? 20 1 
1 A DA 7  1_555 A DT 6  2_656 0.051  0.046  0.106  -0.562  0.058   3.049 7  A_DA7:DT6_A  A 7  ? A 6  ? 20 1 
1 A DG 8  1_555 A DC 5  2_656 -0.205 -0.112 -0.186 -4.131  -14.761 2.293 8  A_DG8:DC5_A  A 8  ? A 5  ? 19 1 
1 A DA 9  1_555 A DT 4  2_656 -0.054 -0.081 0.106  4.393   -6.360  2.398 9  A_DA9:DT4_A  A 9  ? A 4  ? 20 1 
1 A DA 10 1_555 A DT 3  2_656 0.023  -0.088 0.189  14.803  -10.710 0.992 10 A_DA10:DT3_A A 10 ? A 3  ? 20 1 
1 A DC 11 1_555 A DG 2  2_656 0.226  -0.052 -0.157 12.657  -21.423 5.378 11 A_DC11:DG2_A A 11 ? A 2  ? 19 1 
1 A DC 12 1_555 A DG 1  2_656 0.339  -0.244 0.121  -6.974  -3.000  3.712 12 A_DC12:DG1_A A 12 ? A 1  ? 19 1 
# 
loop_
_ndb_struct_na_base_pair_step.model_number 
_ndb_struct_na_base_pair_step.i_label_asym_id_1 
_ndb_struct_na_base_pair_step.i_label_comp_id_1 
_ndb_struct_na_base_pair_step.i_label_seq_id_1 
_ndb_struct_na_base_pair_step.i_symmetry_1 
_ndb_struct_na_base_pair_step.j_label_asym_id_1 
_ndb_struct_na_base_pair_step.j_label_comp_id_1 
_ndb_struct_na_base_pair_step.j_label_seq_id_1 
_ndb_struct_na_base_pair_step.j_symmetry_1 
_ndb_struct_na_base_pair_step.i_label_asym_id_2 
_ndb_struct_na_base_pair_step.i_label_comp_id_2 
_ndb_struct_na_base_pair_step.i_label_seq_id_2 
_ndb_struct_na_base_pair_step.i_symmetry_2 
_ndb_struct_na_base_pair_step.j_label_asym_id_2 
_ndb_struct_na_base_pair_step.j_label_comp_id_2 
_ndb_struct_na_base_pair_step.j_label_seq_id_2 
_ndb_struct_na_base_pair_step.j_symmetry_2 
_ndb_struct_na_base_pair_step.shift 
_ndb_struct_na_base_pair_step.slide 
_ndb_struct_na_base_pair_step.rise 
_ndb_struct_na_base_pair_step.tilt 
_ndb_struct_na_base_pair_step.roll 
_ndb_struct_na_base_pair_step.twist 
_ndb_struct_na_base_pair_step.x_displacement 
_ndb_struct_na_base_pair_step.y_displacement 
_ndb_struct_na_base_pair_step.helical_rise 
_ndb_struct_na_base_pair_step.inclination 
_ndb_struct_na_base_pair_step.tip 
_ndb_struct_na_base_pair_step.helical_twist 
_ndb_struct_na_base_pair_step.step_number 
_ndb_struct_na_base_pair_step.step_name 
_ndb_struct_na_base_pair_step.i_auth_asym_id_1 
_ndb_struct_na_base_pair_step.i_auth_seq_id_1 
_ndb_struct_na_base_pair_step.i_PDB_ins_code_1 
_ndb_struct_na_base_pair_step.j_auth_asym_id_1 
_ndb_struct_na_base_pair_step.j_auth_seq_id_1 
_ndb_struct_na_base_pair_step.j_PDB_ins_code_1 
_ndb_struct_na_base_pair_step.i_auth_asym_id_2 
_ndb_struct_na_base_pair_step.i_auth_seq_id_2 
_ndb_struct_na_base_pair_step.i_PDB_ins_code_2 
_ndb_struct_na_base_pair_step.j_auth_asym_id_2 
_ndb_struct_na_base_pair_step.j_auth_seq_id_2 
_ndb_struct_na_base_pair_step.j_PDB_ins_code_2 
1 A DG 1  1_555 A DC 12 2_656 A DG 2  1_555 A DC 11 2_656 -0.545 -0.900 3.819 2.880  2.627  42.367 -1.546 1.088  3.716 3.625  
-3.974 42.538 1  AA_DG1DG2:DC11DC12_AA A 1  ? A 12 ? A 2  ? A 11 ? 
1 A DG 2  1_555 A DC 11 2_656 A DT 3  1_555 A DA 10 2_656 -0.114 -0.141 3.402 -2.908 -5.815 34.437 0.680  -0.268 3.379 -9.714 
4.858  35.027 2  AA_DG2DT3:DA10DC11_AA A 2  ? A 11 ? A 3  ? A 10 ? 
1 A DT 3  1_555 A DA 10 2_656 A DT 4  1_555 A DA 9  2_656 0.016  -0.039 3.094 -0.896 2.527  29.625 -0.576 -0.209 3.078 4.929  
1.748  29.743 3  AA_DT3DT4:DA9DA10_AA  A 3  ? A 10 ? A 4  ? A 9  ? 
1 A DT 4  1_555 A DA 9  2_656 A DC 5  1_555 A DG 8  2_656 -0.748 0.122  3.132 -0.402 -4.916 37.146 0.807  1.115  3.099 -7.675 
0.628  37.460 4  AA_DT4DC5:DG8DA9_AA   A 4  ? A 9  ? A 5  ? A 8  ? 
1 A DC 5  1_555 A DG 8  2_656 A DT 6  1_555 A DA 7  2_656 0.714  -0.359 3.514 0.023  -3.235 36.625 -0.093 -1.128 3.533 -5.136 
-0.036 36.762 5  AA_DC5DT6:DA7DG8_AA   A 5  ? A 8  ? A 6  ? A 7  ? 
1 A DT 6  1_555 A DA 7  2_656 A DA 7  1_555 A DT 6  2_656 0.000  -0.641 3.317 0.000  0.042  34.455 -1.088 0.000  3.317 0.071  
0.000  34.455 6  AA_DT6DA7:DT6DA7_AA   A 6  ? A 7  ? A 7  ? A 6  ? 
1 A DA 7  1_555 A DT 6  2_656 A DG 8  1_555 A DC 5  2_656 -0.714 -0.359 3.514 -0.023 -3.235 36.625 -0.093 1.128  3.533 -5.136 
0.036  36.762 7  AA_DA7DG8:DC5DT6_AA   A 7  ? A 6  ? A 8  ? A 5  ? 
1 A DG 8  1_555 A DC 5  2_656 A DA 9  1_555 A DT 4  2_656 0.748  0.122  3.132 0.402  -4.916 37.146 0.807  -1.115 3.099 -7.675 
-0.628 37.460 8  AA_DG8DA9:DT4DC5_AA   A 8  ? A 5  ? A 9  ? A 4  ? 
1 A DA 9  1_555 A DT 4  2_656 A DA 10 1_555 A DT 3  2_656 -0.016 -0.039 3.094 0.896  2.527  29.625 -0.576 0.209  3.078 4.929  
-1.748 29.743 9  AA_DA9DA10:DT3DT4_AA  A 9  ? A 4  ? A 10 ? A 3  ? 
1 A DA 10 1_555 A DT 3  2_656 A DC 11 1_555 A DG 2  2_656 0.114  -0.141 3.402 2.908  -5.815 34.437 0.680  0.268  3.379 -9.714 
-4.858 35.027 10 AA_DA10DC11:DG2DT3_AA A 10 ? A 3  ? A 11 ? A 2  ? 
1 A DC 11 1_555 A DG 2  2_656 A DC 12 1_555 A DG 1  2_656 0.545  -0.900 3.819 -2.880 2.627  42.367 -1.546 -1.088 3.716 3.625  
3.974  42.538 11 AA_DC11DC12:DG1DG2_AA A 11 ? A 2  ? A 12 ? A 1  ? 
# 
loop_
_pdbx_entity_nonpoly.entity_id 
_pdbx_entity_nonpoly.name 
_pdbx_entity_nonpoly.comp_id 
3 GLYCEROL GOL 
4 water    HOH 
# 
_pdbx_initial_refinement_model.id               1 
_pdbx_initial_refinement_model.entity_id_list   ? 
_pdbx_initial_refinement_model.type             'experimental model' 
_pdbx_initial_refinement_model.source_name      PDB 
_pdbx_initial_refinement_model.accession_code   2HTS 
_pdbx_initial_refinement_model.details          ? 
# 
